data_8R4G
#
_entry.id   8R4G
#
_cell.length_a   218.233
_cell.length_b   125.913
_cell.length_c   117.075
_cell.angle_alpha   90.00
_cell.angle_beta   90.05
_cell.angle_gamma   90.00
#
_symmetry.space_group_name_H-M   'C 1 2 1'
#
loop_
_entity.id
_entity.type
_entity.pdbx_description
1 polymer 'Alpha-1,4 glucan phosphorylase L-1 isozyme, chloroplastic/amyloplastic'
2 non-polymer alpha-D-glucopyranose
3 non-polymer GLYCEROL
4 water water
#
_entity_poly.entity_id   1
_entity_poly.type   'polypeptide(L)'
_entity_poly.pdbx_seq_one_letter_code
;TLSEKIHHPITEQGGESDLSSFAPDAASITSSIKYHAEFTPVFSPERFELPKAFFATAQSVRDSLLINWNATYDIYEKLN
MKQAYYLSMEFLQGRALLNAIGNLELTGAFAEALKNLGHNLENVASQEPDAALGNGGLGRLASCFLDSLATLNYPAWGYG
LRYKYGLFKQRITKDGQEEVAEDWLEIGSPWEVVRNDVSYPIKFYGKVSTGSDGKRYWIGGEDIKAVAYDVPIPGYKTRT
TISLRLWSTQVPSADFDLSAFNAGEHTKACEAQANAEKICYILYPGDESEEGKILRLKQQYTLCSASLQDIISRFERRSG
DRIKWEEFPEKVAVQMNDTHPTLCIPELMRILIDLKGLNWNEAWNITQRTVAYTNHTVLPEALEKWSYELMQKLLPRHVE
IIEAIDEELVHEIVLKYGSMDLNKLEEKLTTMRILENFDLPSSVAELFIKPEISVDDDTETVEVHDKVEASDKVVTNDED
DTGKKTSVKIEAAAEKDIDKKTPVSPEPAVIPPKKVRMANLCVVGGHAVNGVAEIHSEIVKEEVFNDFYELWPEKFQNKT
NGVTPRRWIRFCNPPLSAIITKWTGTEDWVLKTEKLAELQKFADNEDLQNEWREAKRSNKIKVVSFLKEKTGYSVVPDAM
FDIQVKRIHEYKRQLLNIFGIVYRYKKMKEMTAAERKTNFVPRVCIFGGKAFATYVQAKRIVKFITDVGATINHDPEIGD
LLKVVFVPDYNVSVAELLIPASDLSEHISTAGMEASGTSNM(LLP)FAMNGCIQIGTLDGANVEIREEVGEENFFLFGAQ
AHEIAGLRKERADGKFVPDERFEEVKEFVRSGAFGSYNYDDLIGSLEGNEGFGRADYFLVGKDFPSYIECQEKVDEAYRD
QKRWTTMSILNTAGSYKFSSDRTIHEYAKDIWNIEAVEIA
;
_entity_poly.pdbx_strand_id   A,B,C
#
loop_
_chem_comp.id
_chem_comp.type
_chem_comp.name
_chem_comp.formula
GLC D-saccharide, alpha linking alpha-D-glucopyranose 'C6 H12 O6'
GOL non-polymer GLYCEROL 'C3 H8 O3'
#
# COMPACT_ATOMS: atom_id res chain seq x y z
N ALA A 23 16.30 -1.83 -38.83
CA ALA A 23 15.54 -2.98 -38.19
C ALA A 23 16.46 -3.79 -37.27
N PRO A 24 16.18 -3.86 -35.94
CA PRO A 24 17.09 -4.48 -34.97
C PRO A 24 16.91 -5.99 -34.76
N ASP A 25 17.78 -6.58 -33.93
CA ASP A 25 17.73 -7.98 -33.56
C ASP A 25 17.95 -8.10 -32.06
N ALA A 26 17.90 -9.33 -31.55
CA ALA A 26 18.02 -9.64 -30.13
C ALA A 26 19.28 -9.04 -29.53
N ALA A 27 20.40 -9.18 -30.27
CA ALA A 27 21.67 -8.61 -29.86
C ALA A 27 21.51 -7.12 -29.55
N SER A 28 20.90 -6.37 -30.49
CA SER A 28 20.76 -4.93 -30.39
C SER A 28 19.76 -4.54 -29.30
N ILE A 29 18.73 -5.36 -29.12
CA ILE A 29 17.65 -5.03 -28.20
C ILE A 29 18.11 -5.29 -26.77
N THR A 30 18.99 -6.28 -26.59
CA THR A 30 19.51 -6.53 -25.26
C THR A 30 20.17 -5.26 -24.75
N SER A 31 20.85 -4.57 -25.68
CA SER A 31 21.58 -3.34 -25.38
C SER A 31 20.60 -2.19 -25.18
N SER A 32 19.55 -2.16 -26.01
CA SER A 32 18.52 -1.14 -25.95
C SER A 32 17.86 -1.13 -24.56
N ILE A 33 17.62 -2.32 -24.01
CA ILE A 33 16.99 -2.48 -22.71
C ILE A 33 17.99 -2.17 -21.61
N LYS A 34 19.21 -2.69 -21.71
CA LYS A 34 20.20 -2.38 -20.69
C LYS A 34 20.34 -0.87 -20.58
N TYR A 35 20.34 -0.18 -21.72
CA TYR A 35 20.49 1.27 -21.80
C TYR A 35 19.39 1.96 -21.01
N HIS A 36 18.14 1.64 -21.34
CA HIS A 36 16.95 2.29 -20.79
C HIS A 36 16.83 2.03 -19.30
N ALA A 37 17.21 0.83 -18.88
CA ALA A 37 17.12 0.47 -17.48
C ALA A 37 18.04 1.36 -16.65
N GLU A 38 19.20 1.70 -17.23
CA GLU A 38 20.21 2.48 -16.55
C GLU A 38 19.98 3.98 -16.73
N PHE A 39 19.65 4.38 -17.96
CA PHE A 39 19.74 5.77 -18.40
C PHE A 39 18.39 6.48 -18.50
N THR A 40 17.31 5.74 -18.77
CA THR A 40 15.99 6.30 -18.65
C THR A 40 15.33 5.64 -17.44
N PRO A 41 15.93 5.69 -16.25
CA PRO A 41 15.47 4.88 -15.11
C PRO A 41 14.32 5.50 -14.33
N VAL A 42 13.50 4.63 -13.74
CA VAL A 42 12.44 5.03 -12.84
C VAL A 42 12.53 4.20 -11.56
N PHE A 43 13.58 3.37 -11.42
CA PHE A 43 13.88 2.63 -10.21
C PHE A 43 15.33 2.83 -9.82
N SER A 44 15.69 2.49 -8.58
CA SER A 44 17.07 2.54 -8.14
C SER A 44 17.90 1.46 -8.84
N PRO A 45 19.25 1.46 -8.74
CA PRO A 45 20.08 0.55 -9.53
C PRO A 45 20.17 -0.83 -8.89
N GLU A 46 19.67 -0.92 -7.64
CA GLU A 46 19.57 -2.15 -6.87
C GLU A 46 18.68 -3.16 -7.61
N ARG A 47 19.31 -4.16 -8.26
CA ARG A 47 18.65 -5.29 -8.89
C ARG A 47 17.83 -4.89 -10.13
N PHE A 48 17.62 -5.88 -11.01
CA PHE A 48 16.83 -5.80 -12.22
C PHE A 48 15.56 -6.65 -12.06
N GLU A 49 14.64 -6.19 -11.20
CA GLU A 49 13.40 -6.88 -10.91
C GLU A 49 12.45 -6.90 -12.11
N LEU A 50 11.19 -7.36 -11.89
CA LEU A 50 10.18 -7.52 -12.93
C LEU A 50 9.69 -6.17 -13.44
N PRO A 51 9.25 -5.25 -12.56
CA PRO A 51 8.72 -3.96 -13.01
C PRO A 51 9.78 -3.06 -13.66
N LYS A 52 11.02 -3.16 -13.16
CA LYS A 52 12.14 -2.52 -13.82
C LYS A 52 12.19 -3.04 -15.24
N ALA A 53 12.27 -4.37 -15.37
CA ALA A 53 12.46 -5.09 -16.62
C ALA A 53 11.37 -4.74 -17.62
N PHE A 54 10.13 -4.61 -17.12
CA PHE A 54 9.04 -4.24 -18.00
C PHE A 54 9.24 -2.81 -18.48
N PHE A 55 9.53 -1.92 -17.53
CA PHE A 55 9.64 -0.51 -17.84
C PHE A 55 10.65 -0.34 -18.97
N ALA A 56 11.89 -0.80 -18.73
CA ALA A 56 12.98 -0.71 -19.69
C ALA A 56 12.62 -1.38 -21.01
N THR A 57 11.91 -2.51 -20.98
CA THR A 57 11.55 -3.19 -22.21
C THR A 57 10.66 -2.28 -23.05
N ALA A 58 9.62 -1.73 -22.40
CA ALA A 58 8.65 -0.88 -23.06
C ALA A 58 9.31 0.38 -23.65
N GLN A 59 10.24 0.99 -22.91
CA GLN A 59 10.98 2.13 -23.40
C GLN A 59 11.70 1.76 -24.70
N SER A 60 12.32 0.57 -24.73
CA SER A 60 12.93 0.04 -25.93
C SER A 60 11.93 0.08 -27.09
N VAL A 61 10.76 -0.52 -26.86
CA VAL A 61 9.76 -0.64 -27.92
C VAL A 61 9.37 0.74 -28.42
N ARG A 62 9.19 1.70 -27.50
CA ARG A 62 8.80 3.05 -27.85
C ARG A 62 9.76 3.54 -28.93
N ASP A 63 11.04 3.57 -28.56
CA ASP A 63 12.10 4.01 -29.45
C ASP A 63 11.77 3.57 -30.86
N SER A 64 11.54 2.27 -31.04
CA SER A 64 11.17 1.74 -32.35
C SER A 64 9.92 2.46 -32.86
N LEU A 65 8.91 2.56 -32.00
CA LEU A 65 7.62 3.13 -32.38
C LEU A 65 7.78 4.59 -32.81
N LEU A 66 8.72 5.31 -32.18
CA LEU A 66 8.89 6.74 -32.43
C LEU A 66 9.62 6.99 -33.75
N ILE A 67 10.54 6.09 -34.14
CA ILE A 67 11.11 6.11 -35.47
C ILE A 67 9.95 6.21 -36.46
N ASN A 68 9.02 5.25 -36.36
CA ASN A 68 7.94 5.10 -37.33
C ASN A 68 6.88 6.17 -37.11
N TRP A 69 6.79 6.72 -35.89
CA TRP A 69 5.82 7.76 -35.61
C TRP A 69 6.22 9.05 -36.31
N ASN A 70 7.52 9.33 -36.28
CA ASN A 70 8.09 10.52 -36.88
C ASN A 70 8.10 10.37 -38.40
N ALA A 71 8.27 9.12 -38.88
CA ALA A 71 8.20 8.82 -40.29
C ALA A 71 6.81 9.17 -40.81
N THR A 72 5.79 8.62 -40.14
CA THR A 72 4.41 8.87 -40.49
C THR A 72 4.12 10.37 -40.43
N TYR A 73 4.63 11.09 -39.40
CA TYR A 73 4.40 12.51 -39.23
C TYR A 73 4.91 13.29 -40.44
N ASP A 74 6.15 12.98 -40.87
CA ASP A 74 6.82 13.61 -42.00
C ASP A 74 5.99 13.42 -43.27
N ILE A 75 5.69 12.15 -43.57
CA ILE A 75 4.97 11.82 -44.79
C ILE A 75 3.62 12.54 -44.80
N TYR A 76 2.98 12.62 -43.63
CA TYR A 76 1.66 13.23 -43.54
C TYR A 76 1.75 14.73 -43.77
N GLU A 77 2.83 15.33 -43.24
CA GLU A 77 3.07 16.77 -43.32
C GLU A 77 3.29 17.19 -44.77
N LYS A 78 4.24 16.50 -45.39
CA LYS A 78 4.60 16.80 -46.76
C LYS A 78 3.37 16.69 -47.65
N LEU A 79 2.63 15.57 -47.56
CA LEU A 79 1.56 15.24 -48.49
C LEU A 79 0.30 16.04 -48.15
N ASN A 80 0.14 16.44 -46.88
CA ASN A 80 -1.03 17.19 -46.45
C ASN A 80 -2.27 16.64 -47.16
N MET A 81 -2.51 15.33 -47.02
CA MET A 81 -3.68 14.64 -47.55
C MET A 81 -4.83 14.74 -46.57
N LYS A 82 -6.00 14.16 -46.91
CA LYS A 82 -7.10 14.21 -45.96
C LYS A 82 -6.72 13.34 -44.77
N GLN A 83 -6.86 13.89 -43.56
CA GLN A 83 -6.70 13.10 -42.34
C GLN A 83 -8.06 12.93 -41.67
N ALA A 84 -8.25 11.83 -40.93
CA ALA A 84 -9.50 11.52 -40.27
C ALA A 84 -9.30 11.50 -38.74
N TYR A 85 -10.40 11.68 -38.00
CA TYR A 85 -10.26 11.91 -36.57
C TYR A 85 -11.40 11.26 -35.77
N TYR A 86 -11.04 10.23 -35.01
CA TYR A 86 -11.98 9.45 -34.21
C TYR A 86 -11.93 9.96 -32.78
N LEU A 87 -13.02 10.63 -32.37
CA LEU A 87 -13.16 11.17 -31.04
C LEU A 87 -14.00 10.20 -30.22
N SER A 88 -13.50 9.82 -29.04
CA SER A 88 -14.24 8.90 -28.20
C SER A 88 -14.04 9.25 -26.73
N MET A 89 -15.15 9.23 -25.97
CA MET A 89 -15.09 9.47 -24.55
C MET A 89 -14.30 8.35 -23.88
N GLU A 90 -14.14 7.23 -24.59
CA GLU A 90 -13.37 6.11 -24.07
C GLU A 90 -12.60 5.33 -25.15
N PHE A 91 -11.37 4.95 -24.79
CA PHE A 91 -10.47 4.09 -25.53
C PHE A 91 -10.00 2.98 -24.61
N LEU A 92 -10.33 1.74 -24.97
CA LEU A 92 -9.98 0.61 -24.14
C LEU A 92 -8.75 -0.08 -24.72
N GLN A 93 -7.63 0.64 -24.61
CA GLN A 93 -6.39 0.29 -25.28
C GLN A 93 -5.88 -1.06 -24.79
N GLY A 94 -6.07 -1.30 -23.48
CA GLY A 94 -5.56 -2.50 -22.84
C GLY A 94 -4.05 -2.42 -22.63
N ARG A 95 -3.33 -3.52 -22.86
CA ARG A 95 -1.88 -3.53 -22.76
C ARG A 95 -1.31 -3.37 -24.16
N ALA A 96 -0.09 -2.81 -24.25
CA ALA A 96 0.47 -2.34 -25.50
C ALA A 96 1.58 -3.25 -26.02
N LEU A 97 2.36 -3.82 -25.11
CA LEU A 97 3.66 -4.43 -25.41
C LEU A 97 3.56 -5.52 -26.47
N LEU A 98 2.60 -6.44 -26.28
CA LEU A 98 2.58 -7.66 -27.06
C LEU A 98 2.12 -7.36 -28.49
N ASN A 99 1.18 -6.41 -28.64
CA ASN A 99 0.69 -6.02 -29.96
C ASN A 99 1.70 -5.10 -30.64
N ALA A 100 2.49 -4.42 -29.82
CA ALA A 100 3.52 -3.51 -30.29
C ALA A 100 4.63 -4.29 -30.96
N ILE A 101 5.23 -5.23 -30.23
CA ILE A 101 6.33 -6.00 -30.77
C ILE A 101 5.81 -7.04 -31.76
N GLY A 102 4.50 -7.28 -31.71
CA GLY A 102 3.84 -8.16 -32.68
C GLY A 102 3.72 -7.48 -34.03
N ASN A 103 3.24 -6.24 -34.04
CA ASN A 103 3.06 -5.46 -35.25
C ASN A 103 4.39 -5.02 -35.84
N LEU A 104 5.42 -4.90 -34.99
CA LEU A 104 6.74 -4.53 -35.45
C LEU A 104 7.47 -5.80 -35.87
N GLU A 105 6.87 -6.96 -35.59
CA GLU A 105 7.40 -8.27 -35.95
C GLU A 105 8.67 -8.61 -35.16
N LEU A 106 8.93 -7.92 -34.04
CA LEU A 106 10.13 -8.14 -33.27
C LEU A 106 9.86 -9.04 -32.09
N THR A 107 8.74 -9.75 -32.12
CA THR A 107 8.31 -10.61 -31.01
C THR A 107 9.47 -11.53 -30.62
N GLY A 108 10.03 -12.24 -31.61
CA GLY A 108 11.14 -13.16 -31.37
C GLY A 108 12.30 -12.49 -30.62
N ALA A 109 12.72 -11.33 -31.16
CA ALA A 109 13.93 -10.64 -30.74
C ALA A 109 13.84 -10.19 -29.28
N PHE A 110 12.65 -9.72 -28.87
CA PHE A 110 12.44 -9.21 -27.52
C PHE A 110 12.44 -10.37 -26.54
N ALA A 111 11.82 -11.48 -26.94
CA ALA A 111 11.81 -12.69 -26.14
C ALA A 111 13.26 -13.08 -25.81
N GLU A 112 14.08 -13.23 -26.86
CA GLU A 112 15.44 -13.70 -26.73
C GLU A 112 16.25 -12.70 -25.90
N ALA A 113 16.01 -11.40 -26.14
CA ALA A 113 16.69 -10.32 -25.44
C ALA A 113 16.52 -10.50 -23.94
N LEU A 114 15.26 -10.68 -23.54
CA LEU A 114 14.92 -10.81 -22.14
C LEU A 114 15.58 -12.05 -21.55
N LYS A 115 15.63 -13.13 -22.33
CA LYS A 115 16.32 -14.31 -21.84
C LYS A 115 17.65 -13.81 -21.29
N ASN A 116 18.43 -13.16 -22.15
CA ASN A 116 19.78 -12.77 -21.83
C ASN A 116 19.78 -11.96 -20.53
N LEU A 117 18.65 -11.37 -20.17
CA LEU A 117 18.65 -10.49 -19.01
C LEU A 117 17.90 -11.15 -17.85
N GLY A 118 17.68 -12.47 -17.95
CA GLY A 118 17.18 -13.24 -16.82
C GLY A 118 15.67 -13.09 -16.63
N HIS A 119 14.93 -12.90 -17.74
CA HIS A 119 13.50 -12.74 -17.72
C HIS A 119 12.91 -13.44 -18.94
N ASN A 120 11.59 -13.48 -19.00
CA ASN A 120 10.90 -14.04 -20.14
C ASN A 120 9.73 -13.12 -20.50
N LEU A 121 9.25 -13.20 -21.74
CA LEU A 121 8.32 -12.24 -22.27
C LEU A 121 7.01 -12.18 -21.48
N GLU A 122 6.40 -13.34 -21.20
CA GLU A 122 5.09 -13.34 -20.55
C GLU A 122 5.22 -12.73 -19.16
N ASN A 123 6.27 -13.09 -18.41
CA ASN A 123 6.53 -12.48 -17.13
C ASN A 123 6.42 -10.96 -17.23
N VAL A 124 7.15 -10.41 -18.20
CA VAL A 124 7.35 -8.98 -18.38
C VAL A 124 6.04 -8.34 -18.82
N ALA A 125 5.31 -8.99 -19.73
CA ALA A 125 4.03 -8.50 -20.21
C ALA A 125 3.02 -8.39 -19.07
N SER A 126 3.22 -9.17 -18.00
CA SER A 126 2.35 -9.26 -16.83
C SER A 126 2.41 -8.02 -15.96
N GLN A 127 3.56 -7.35 -15.97
CA GLN A 127 3.76 -6.18 -15.14
C GLN A 127 2.91 -4.99 -15.61
N GLU A 128 2.64 -4.94 -16.92
CA GLU A 128 1.98 -3.80 -17.53
C GLU A 128 0.51 -3.79 -17.15
N PRO A 129 0.00 -2.71 -16.51
CA PRO A 129 -1.44 -2.55 -16.29
C PRO A 129 -2.16 -2.22 -17.59
N ASP A 130 -3.42 -2.64 -17.74
CA ASP A 130 -4.21 -2.17 -18.86
C ASP A 130 -4.34 -0.66 -18.73
N ALA A 131 -4.28 0.04 -19.87
CA ALA A 131 -4.61 1.46 -19.91
C ALA A 131 -6.08 1.62 -19.55
N ALA A 132 -6.32 2.18 -18.37
CA ALA A 132 -7.66 2.47 -17.91
C ALA A 132 -8.09 3.78 -18.56
N LEU A 133 -8.32 3.72 -19.88
CA LEU A 133 -8.71 4.87 -20.67
C LEU A 133 -10.11 4.63 -21.24
N GLY A 134 -10.76 3.57 -20.75
CA GLY A 134 -12.05 3.20 -21.29
C GLY A 134 -12.78 2.19 -20.40
N ASN A 135 -13.95 1.73 -20.89
CA ASN A 135 -14.86 0.95 -20.09
C ASN A 135 -15.41 -0.22 -20.89
N GLY A 136 -16.15 0.07 -21.97
CA GLY A 136 -16.98 -0.93 -22.61
C GLY A 136 -16.63 -1.12 -24.08
N GLY A 137 -17.65 -1.53 -24.85
CA GLY A 137 -17.44 -1.92 -26.24
C GLY A 137 -17.13 -0.71 -27.11
N LEU A 138 -17.82 0.40 -26.82
CA LEU A 138 -17.65 1.64 -27.55
C LEU A 138 -16.22 2.11 -27.38
N GLY A 139 -15.64 1.82 -26.21
CA GLY A 139 -14.25 2.08 -25.95
C GLY A 139 -13.38 1.11 -26.74
N ARG A 140 -13.70 -0.18 -26.64
CA ARG A 140 -12.91 -1.18 -27.33
C ARG A 140 -12.98 -0.96 -28.83
N LEU A 141 -14.17 -0.60 -29.33
CA LEU A 141 -14.36 -0.44 -30.75
C LEU A 141 -13.39 0.62 -31.24
N ALA A 142 -13.22 1.66 -30.43
CA ALA A 142 -12.29 2.72 -30.77
C ALA A 142 -10.88 2.16 -30.91
N SER A 143 -10.44 1.40 -29.89
CA SER A 143 -9.09 0.85 -29.85
C SER A 143 -8.89 -0.10 -31.02
N CYS A 144 -9.87 -0.96 -31.27
CA CYS A 144 -9.87 -1.90 -32.38
C CYS A 144 -9.77 -1.13 -33.70
N PHE A 145 -10.47 0.00 -33.81
CA PHE A 145 -10.44 0.79 -35.02
C PHE A 145 -9.04 1.32 -35.28
N LEU A 146 -8.35 1.80 -34.23
CA LEU A 146 -7.02 2.38 -34.37
C LEU A 146 -6.06 1.36 -34.96
N ASP A 147 -6.06 0.13 -34.42
CA ASP A 147 -5.25 -0.94 -34.94
C ASP A 147 -5.47 -1.04 -36.45
N SER A 148 -6.75 -1.04 -36.86
CA SER A 148 -7.12 -1.19 -38.26
C SER A 148 -6.57 -0.03 -39.08
N LEU A 149 -6.68 1.19 -38.56
CA LEU A 149 -6.30 2.37 -39.32
C LEU A 149 -4.80 2.41 -39.57
N ALA A 150 -4.00 2.20 -38.52
CA ALA A 150 -2.55 2.14 -38.66
C ALA A 150 -2.16 1.04 -39.64
N THR A 151 -2.73 -0.16 -39.47
CA THR A 151 -2.43 -1.34 -40.25
C THR A 151 -2.75 -1.13 -41.73
N LEU A 152 -3.86 -0.44 -42.00
CA LEU A 152 -4.34 -0.27 -43.36
C LEU A 152 -3.80 1.02 -43.97
N ASN A 153 -2.97 1.74 -43.19
CA ASN A 153 -2.21 2.88 -43.67
C ASN A 153 -3.09 4.11 -43.88
N TYR A 154 -4.28 4.14 -43.26
CA TYR A 154 -5.17 5.28 -43.40
C TYR A 154 -4.69 6.44 -42.53
N PRO A 155 -4.59 7.68 -43.08
CA PRO A 155 -4.25 8.85 -42.27
C PRO A 155 -5.44 9.12 -41.36
N ALA A 156 -5.31 8.73 -40.09
CA ALA A 156 -6.32 8.97 -39.08
C ALA A 156 -5.68 8.96 -37.69
N TRP A 157 -6.25 9.73 -36.76
CA TRP A 157 -5.79 9.76 -35.38
C TRP A 157 -6.96 9.53 -34.45
N GLY A 158 -6.65 9.23 -33.19
CA GLY A 158 -7.66 9.14 -32.17
C GLY A 158 -7.47 10.24 -31.14
N TYR A 159 -8.58 10.85 -30.73
CA TYR A 159 -8.57 11.86 -29.68
C TYR A 159 -9.42 11.39 -28.51
N GLY A 160 -8.82 11.43 -27.32
CA GLY A 160 -9.50 11.03 -26.09
C GLY A 160 -8.95 11.79 -24.90
N LEU A 161 -9.57 11.59 -23.73
CA LEU A 161 -9.07 12.17 -22.49
C LEU A 161 -8.12 11.17 -21.82
N ARG A 162 -7.17 11.69 -21.06
CA ARG A 162 -6.22 10.89 -20.30
C ARG A 162 -6.70 10.74 -18.87
N TYR A 163 -7.58 9.75 -18.64
CA TYR A 163 -8.19 9.51 -17.34
C TYR A 163 -7.18 8.89 -16.38
N LYS A 164 -6.91 9.59 -15.28
CA LYS A 164 -5.84 9.21 -14.38
C LYS A 164 -6.20 7.91 -13.65
N TYR A 165 -7.47 7.78 -13.22
CA TYR A 165 -7.87 6.69 -12.34
C TYR A 165 -8.92 5.79 -12.98
N GLY A 166 -9.17 5.97 -14.28
CA GLY A 166 -10.03 5.09 -15.07
C GLY A 166 -11.48 5.14 -14.62
N LEU A 167 -12.10 3.96 -14.48
CA LEU A 167 -13.37 3.78 -13.80
C LEU A 167 -13.06 3.31 -12.39
N PHE A 168 -12.94 2.01 -12.18
CA PHE A 168 -12.41 1.56 -10.91
C PHE A 168 -11.71 0.22 -11.07
N LYS A 169 -10.84 -0.07 -10.11
CA LYS A 169 -10.30 -1.41 -9.95
C LYS A 169 -11.35 -2.22 -9.18
N GLN A 170 -11.84 -3.31 -9.78
CA GLN A 170 -12.87 -4.13 -9.17
C GLN A 170 -12.23 -5.14 -8.23
N ARG A 171 -12.64 -5.11 -6.96
CA ARG A 171 -12.26 -6.13 -6.00
C ARG A 171 -13.49 -6.98 -5.73
N ILE A 172 -13.34 -8.30 -5.74
CA ILE A 172 -14.46 -9.19 -5.46
C ILE A 172 -14.23 -9.77 -4.08
N THR A 173 -14.60 -9.00 -3.05
CA THR A 173 -14.51 -9.44 -1.67
C THR A 173 -15.59 -10.47 -1.38
N LYS A 174 -15.44 -11.13 -0.21
CA LYS A 174 -16.47 -11.95 0.41
C LYS A 174 -17.83 -11.25 0.31
N ASP A 175 -17.86 -9.91 0.43
CA ASP A 175 -19.11 -9.17 0.51
C ASP A 175 -19.62 -8.72 -0.86
N GLY A 176 -19.05 -9.27 -1.95
CA GLY A 176 -19.43 -8.92 -3.33
C GLY A 176 -18.39 -8.02 -4.00
N GLN A 177 -18.85 -7.13 -4.88
CA GLN A 177 -17.97 -6.17 -5.54
C GLN A 177 -17.73 -4.95 -4.65
N GLU A 178 -16.54 -4.37 -4.80
CA GLU A 178 -16.13 -3.16 -4.11
C GLU A 178 -15.18 -2.41 -5.06
N GLU A 179 -15.14 -1.08 -4.95
CA GLU A 179 -14.41 -0.24 -5.90
C GLU A 179 -13.13 0.30 -5.27
N VAL A 180 -12.11 0.53 -6.10
CA VAL A 180 -10.87 1.19 -5.73
C VAL A 180 -10.42 1.98 -6.96
N ALA A 181 -9.71 3.08 -6.74
CA ALA A 181 -9.26 3.91 -7.84
C ALA A 181 -8.13 3.20 -8.60
N GLU A 182 -8.26 3.10 -9.92
CA GLU A 182 -7.27 2.43 -10.76
C GLU A 182 -5.95 3.18 -10.66
N ASP A 183 -4.85 2.43 -10.59
CA ASP A 183 -3.54 2.92 -10.17
C ASP A 183 -2.54 2.77 -11.31
N TRP A 184 -3.03 2.78 -12.55
CA TRP A 184 -2.19 2.44 -13.68
C TRP A 184 -1.14 3.52 -13.95
N LEU A 185 -1.28 4.68 -13.28
CA LEU A 185 -0.36 5.78 -13.48
C LEU A 185 0.42 6.09 -12.22
N GLU A 186 0.52 5.12 -11.31
CA GLU A 186 1.32 5.29 -10.12
C GLU A 186 2.78 5.50 -10.50
N ILE A 187 3.27 4.67 -11.40
CA ILE A 187 4.64 4.81 -11.86
C ILE A 187 4.60 5.62 -13.15
N GLY A 188 3.44 5.67 -13.81
CA GLY A 188 3.35 6.36 -15.08
C GLY A 188 3.45 5.38 -16.25
N SER A 189 2.96 5.80 -17.42
CA SER A 189 2.91 4.90 -18.57
C SER A 189 4.13 5.13 -19.44
N PRO A 190 4.89 4.06 -19.76
CA PRO A 190 6.11 4.21 -20.55
C PRO A 190 5.83 4.48 -22.02
N TRP A 191 4.60 4.19 -22.46
CA TRP A 191 4.22 4.25 -23.86
C TRP A 191 3.82 5.65 -24.26
N GLU A 192 3.66 6.56 -23.30
CA GLU A 192 3.13 7.88 -23.64
C GLU A 192 4.28 8.88 -23.85
N VAL A 193 3.98 9.93 -24.62
CA VAL A 193 4.89 11.02 -24.94
C VAL A 193 4.19 12.34 -24.66
N VAL A 194 4.62 13.04 -23.62
CA VAL A 194 4.02 14.32 -23.31
C VAL A 194 4.52 15.26 -24.37
N ARG A 195 3.67 16.19 -24.81
CA ARG A 195 4.03 17.20 -25.80
C ARG A 195 3.80 18.59 -25.22
N ASN A 196 4.78 19.09 -24.47
CA ASN A 196 4.62 20.30 -23.66
C ASN A 196 4.38 21.52 -24.52
N ASP A 197 4.63 21.39 -25.83
CA ASP A 197 4.36 22.47 -26.75
C ASP A 197 2.97 22.30 -27.35
N VAL A 198 2.34 21.14 -27.16
CA VAL A 198 0.96 20.98 -27.59
C VAL A 198 0.04 21.14 -26.38
N SER A 199 -0.52 22.34 -26.19
CA SER A 199 -1.52 22.57 -25.16
C SER A 199 -2.46 23.68 -25.62
N TYR A 200 -3.75 23.50 -25.34
CA TYR A 200 -4.71 24.46 -25.83
C TYR A 200 -5.48 25.09 -24.66
N PRO A 201 -6.07 26.29 -24.84
CA PRO A 201 -6.91 26.88 -23.80
C PRO A 201 -8.36 26.42 -23.88
N ILE A 202 -8.92 26.03 -22.73
CA ILE A 202 -10.32 25.66 -22.60
C ILE A 202 -10.98 26.60 -21.58
N LYS A 203 -12.15 27.12 -21.96
CA LYS A 203 -12.88 28.08 -21.14
C LYS A 203 -14.23 27.50 -20.75
N PHE A 204 -14.67 27.80 -19.52
CA PHE A 204 -16.01 27.48 -19.04
C PHE A 204 -16.64 28.69 -18.38
N TYR A 205 -17.98 28.68 -18.29
CA TYR A 205 -18.78 29.76 -17.74
C TYR A 205 -18.54 31.03 -18.56
N GLY A 206 -18.53 32.18 -17.89
CA GLY A 206 -18.23 33.47 -18.50
C GLY A 206 -19.42 34.09 -19.23
N LYS A 207 -19.16 35.15 -19.99
CA LYS A 207 -20.17 35.95 -20.67
C LYS A 207 -19.71 36.14 -22.11
N VAL A 208 -20.66 36.50 -23.00
CA VAL A 208 -20.36 36.75 -24.41
C VAL A 208 -20.77 38.18 -24.76
N SER A 209 -19.86 38.87 -25.45
CA SER A 209 -20.15 40.23 -25.89
C SER A 209 -19.64 40.43 -27.31
N THR A 210 -20.43 41.14 -28.13
CA THR A 210 -20.05 41.44 -29.50
C THR A 210 -19.12 42.63 -29.51
N GLY A 211 -18.02 42.49 -30.24
CA GLY A 211 -17.04 43.55 -30.41
C GLY A 211 -17.27 44.29 -31.72
N SER A 212 -16.48 45.36 -31.93
CA SER A 212 -16.71 46.35 -32.96
C SER A 212 -16.40 45.79 -34.34
N ASP A 213 -16.03 44.51 -34.40
CA ASP A 213 -15.80 43.84 -35.67
C ASP A 213 -17.05 43.07 -36.07
N GLY A 214 -17.99 42.93 -35.13
CA GLY A 214 -19.28 42.34 -35.43
C GLY A 214 -19.33 40.87 -35.03
N LYS A 215 -18.22 40.40 -34.46
CA LYS A 215 -18.09 39.01 -34.06
C LYS A 215 -18.28 38.94 -32.56
N ARG A 216 -18.61 37.73 -32.06
CA ARG A 216 -18.82 37.46 -30.64
C ARG A 216 -17.48 37.23 -29.95
N TYR A 217 -17.41 37.66 -28.67
CA TYR A 217 -16.25 37.46 -27.83
C TYR A 217 -16.68 36.83 -26.51
N TRP A 218 -16.14 35.63 -26.25
CA TRP A 218 -16.51 34.84 -25.09
C TRP A 218 -15.46 35.06 -23.99
N ILE A 219 -15.73 36.02 -23.11
CA ILE A 219 -14.78 36.47 -22.11
C ILE A 219 -15.11 35.84 -20.76
N GLY A 220 -14.13 35.86 -19.85
CA GLY A 220 -14.35 35.51 -18.46
C GLY A 220 -14.58 34.01 -18.24
N GLY A 221 -15.14 33.69 -17.07
CA GLY A 221 -15.34 32.32 -16.63
C GLY A 221 -14.04 31.66 -16.16
N GLU A 222 -13.94 30.35 -16.38
CA GLU A 222 -12.79 29.57 -15.96
C GLU A 222 -11.89 29.34 -17.17
N ASP A 223 -10.57 29.29 -16.91
CA ASP A 223 -9.55 29.03 -17.91
C ASP A 223 -8.67 27.86 -17.46
N ILE A 224 -8.57 26.83 -18.30
CA ILE A 224 -7.69 25.71 -18.01
C ILE A 224 -6.92 25.33 -19.29
N LYS A 225 -5.77 24.67 -19.13
CA LYS A 225 -5.01 24.16 -20.26
C LYS A 225 -5.35 22.70 -20.51
N ALA A 226 -5.19 22.25 -21.76
CA ALA A 226 -5.31 20.85 -22.14
C ALA A 226 -4.02 20.44 -22.83
N VAL A 227 -3.20 19.64 -22.15
CA VAL A 227 -1.87 19.28 -22.61
C VAL A 227 -1.91 17.88 -23.22
N ALA A 228 -1.26 17.72 -24.38
CA ALA A 228 -1.36 16.52 -25.17
C ALA A 228 -0.36 15.47 -24.69
N TYR A 229 -0.84 14.23 -24.64
CA TYR A 229 -0.05 13.03 -24.44
C TYR A 229 -0.31 12.08 -25.61
N ASP A 230 0.74 11.78 -26.37
CA ASP A 230 0.65 10.96 -27.57
C ASP A 230 0.94 9.51 -27.19
N VAL A 231 0.09 8.61 -27.66
CA VAL A 231 0.35 7.18 -27.53
C VAL A 231 0.45 6.62 -28.94
N PRO A 232 1.62 6.06 -29.32
CA PRO A 232 1.81 5.56 -30.68
C PRO A 232 1.04 4.28 -30.95
N ILE A 233 0.18 4.28 -31.97
CA ILE A 233 -0.46 3.05 -32.39
C ILE A 233 0.28 2.56 -33.63
N PRO A 234 1.01 1.43 -33.56
CA PRO A 234 1.66 0.87 -34.74
C PRO A 234 0.75 -0.07 -35.52
N GLY A 235 0.85 -0.03 -36.85
CA GLY A 235 0.14 -0.98 -37.68
C GLY A 235 0.92 -2.28 -37.83
N TYR A 236 0.19 -3.37 -38.11
CA TYR A 236 0.80 -4.68 -38.30
C TYR A 236 1.50 -4.70 -39.65
N LYS A 237 2.80 -5.06 -39.65
CA LYS A 237 3.61 -5.25 -40.85
C LYS A 237 3.56 -4.01 -41.75
N THR A 238 3.63 -2.82 -41.14
CA THR A 238 3.75 -1.57 -41.86
C THR A 238 4.57 -0.63 -40.98
N ARG A 239 4.87 0.57 -41.48
CA ARG A 239 5.52 1.54 -40.62
C ARG A 239 4.46 2.46 -40.05
N THR A 240 3.34 2.60 -40.78
CA THR A 240 2.35 3.58 -40.41
C THR A 240 2.14 3.48 -38.91
N THR A 241 2.52 4.54 -38.20
CA THR A 241 2.38 4.62 -36.75
C THR A 241 1.59 5.88 -36.41
N ILE A 242 0.30 5.70 -36.12
CA ILE A 242 -0.63 6.80 -35.87
C ILE A 242 -0.60 7.13 -34.39
N SER A 243 -1.53 8.01 -33.97
CA SER A 243 -1.49 8.55 -32.64
C SER A 243 -2.85 8.39 -31.96
N LEU A 244 -2.82 8.02 -30.68
CA LEU A 244 -3.91 8.38 -29.79
C LEU A 244 -3.45 9.56 -28.94
N ARG A 245 -3.87 10.76 -29.34
CA ARG A 245 -3.57 11.96 -28.58
C ARG A 245 -4.55 12.04 -27.42
N LEU A 246 -4.02 12.03 -26.20
CA LEU A 246 -4.85 12.10 -25.03
C LEU A 246 -4.67 13.47 -24.38
N TRP A 247 -5.78 14.15 -24.12
CA TRP A 247 -5.72 15.45 -23.47
C TRP A 247 -5.65 15.24 -21.98
N SER A 248 -4.87 16.12 -21.33
CA SER A 248 -4.79 16.11 -19.88
C SER A 248 -4.83 17.54 -19.37
N THR A 249 -5.74 17.80 -18.42
CA THR A 249 -6.09 19.15 -18.05
C THR A 249 -5.31 19.58 -16.82
N GLN A 250 -5.00 20.88 -16.74
CA GLN A 250 -4.34 21.49 -15.61
C GLN A 250 -4.48 23.01 -15.72
N VAL A 251 -3.82 23.75 -14.82
CA VAL A 251 -3.83 25.19 -14.86
C VAL A 251 -2.39 25.69 -14.73
N PRO A 252 -1.94 26.75 -15.47
CA PRO A 252 -0.53 27.16 -15.46
C PRO A 252 -0.08 27.68 -14.08
N SER A 253 1.06 27.15 -13.58
CA SER A 253 1.51 27.29 -12.20
C SER A 253 1.37 28.71 -11.64
N ALA A 254 1.40 29.70 -12.55
CA ALA A 254 0.95 31.06 -12.26
C ALA A 254 -0.24 31.06 -11.31
N ASP A 255 -1.24 30.23 -11.62
CA ASP A 255 -2.56 30.28 -10.99
C ASP A 255 -2.55 29.80 -9.54
N PHE A 256 -1.43 29.24 -9.06
CA PHE A 256 -1.38 28.79 -7.69
C PHE A 256 -1.39 30.00 -6.76
N ASP A 257 -2.40 30.08 -5.89
CA ASP A 257 -2.65 31.28 -5.08
C ASP A 257 -1.71 31.33 -3.87
N LEU A 258 -0.61 32.06 -4.00
CA LEU A 258 0.39 32.17 -2.95
C LEU A 258 -0.20 32.92 -1.74
N SER A 259 -0.83 34.06 -2.00
CA SER A 259 -1.29 34.89 -0.91
C SER A 259 -2.14 34.05 0.03
N ALA A 260 -3.03 33.23 -0.57
CA ALA A 260 -3.95 32.38 0.17
C ALA A 260 -3.22 31.22 0.87
N PHE A 261 -2.28 30.59 0.17
CA PHE A 261 -1.57 29.46 0.74
C PHE A 261 -0.83 29.92 2.00
N ASN A 262 -0.03 30.97 1.87
CA ASN A 262 0.76 31.44 2.98
C ASN A 262 -0.16 31.89 4.12
N ALA A 263 -1.34 32.38 3.74
CA ALA A 263 -2.36 32.81 4.70
C ALA A 263 -2.71 31.68 5.65
N GLY A 264 -3.08 30.52 5.09
CA GLY A 264 -3.50 29.37 5.86
C GLY A 264 -4.54 28.56 5.10
N GLU A 265 -5.14 29.18 4.08
CA GLU A 265 -6.17 28.54 3.29
C GLU A 265 -5.49 27.74 2.17
N HIS A 266 -4.92 26.59 2.54
CA HIS A 266 -4.23 25.71 1.62
C HIS A 266 -5.22 25.13 0.60
N THR A 267 -6.37 24.63 1.09
CA THR A 267 -7.35 23.95 0.26
C THR A 267 -7.94 24.95 -0.71
N LYS A 268 -8.05 26.21 -0.26
CA LYS A 268 -8.49 27.30 -1.11
C LYS A 268 -7.45 27.54 -2.19
N ALA A 269 -6.19 27.71 -1.79
CA ALA A 269 -5.12 28.01 -2.71
C ALA A 269 -5.06 27.03 -3.89
N CYS A 270 -5.48 25.77 -3.67
CA CYS A 270 -5.44 24.69 -4.66
C CYS A 270 -6.58 24.82 -5.67
N GLU A 271 -7.73 25.37 -5.24
CA GLU A 271 -9.01 25.31 -5.92
C GLU A 271 -8.93 25.20 -7.44
N ALA A 272 -8.19 26.10 -8.08
CA ALA A 272 -8.18 26.11 -9.53
C ALA A 272 -7.63 24.80 -10.08
N GLN A 273 -6.51 24.33 -9.51
CA GLN A 273 -5.85 23.11 -9.95
C GLN A 273 -6.73 21.90 -9.61
N ALA A 274 -7.39 21.93 -8.45
CA ALA A 274 -8.25 20.82 -8.07
C ALA A 274 -9.37 20.66 -9.10
N ASN A 275 -9.98 21.77 -9.50
CA ASN A 275 -11.20 21.70 -10.29
C ASN A 275 -10.85 21.73 -11.78
N ALA A 276 -9.56 21.69 -12.07
CA ALA A 276 -9.04 21.59 -13.44
C ALA A 276 -8.62 20.15 -13.73
N GLU A 277 -7.92 19.55 -12.75
CA GLU A 277 -7.42 18.19 -12.86
C GLU A 277 -8.59 17.21 -12.78
N LYS A 278 -9.63 17.56 -12.03
CA LYS A 278 -10.78 16.68 -11.76
C LYS A 278 -11.45 16.23 -13.05
N ILE A 279 -11.26 17.00 -14.13
CA ILE A 279 -11.87 16.67 -15.41
C ILE A 279 -11.35 15.31 -15.87
N CYS A 280 -10.07 15.05 -15.57
CA CYS A 280 -9.37 13.90 -16.09
C CYS A 280 -9.15 12.86 -14.98
N TYR A 281 -9.85 13.01 -13.85
CA TYR A 281 -9.69 12.07 -12.76
C TYR A 281 -10.34 10.75 -13.13
N ILE A 282 -11.66 10.73 -13.32
CA ILE A 282 -12.29 9.46 -13.60
C ILE A 282 -13.22 9.56 -14.80
N LEU A 283 -13.56 8.38 -15.34
CA LEU A 283 -14.37 8.17 -16.52
C LEU A 283 -15.80 7.95 -16.06
N TYR A 284 -16.75 8.62 -16.69
CA TYR A 284 -18.17 8.51 -16.34
C TYR A 284 -18.40 8.81 -14.86
N PRO A 285 -17.93 9.96 -14.33
CA PRO A 285 -18.15 10.29 -12.92
C PRO A 285 -19.65 10.43 -12.63
N GLY A 286 -20.11 9.84 -11.53
CA GLY A 286 -21.53 9.77 -11.16
C GLY A 286 -22.25 11.11 -11.25
N ASP A 287 -23.34 11.12 -12.04
CA ASP A 287 -24.03 12.35 -12.41
C ASP A 287 -25.38 12.46 -11.69
N GLU A 288 -25.45 11.96 -10.46
CA GLU A 288 -26.62 12.16 -9.62
C GLU A 288 -26.65 13.62 -9.14
N SER A 289 -25.49 14.15 -8.75
CA SER A 289 -25.34 15.52 -8.29
C SER A 289 -25.41 16.46 -9.48
N GLU A 290 -25.66 17.74 -9.21
CA GLU A 290 -25.51 18.74 -10.26
C GLU A 290 -24.04 18.83 -10.59
N GLU A 291 -23.24 18.91 -9.53
CA GLU A 291 -21.80 18.97 -9.61
C GLU A 291 -21.26 17.97 -10.62
N GLY A 292 -21.79 16.73 -10.57
CA GLY A 292 -21.40 15.65 -11.44
C GLY A 292 -21.80 15.89 -12.90
N LYS A 293 -22.99 16.46 -13.10
CA LYS A 293 -23.45 16.76 -14.44
C LYS A 293 -22.56 17.83 -15.04
N ILE A 294 -22.18 18.84 -14.23
CA ILE A 294 -21.29 19.90 -14.65
C ILE A 294 -19.99 19.28 -15.14
N LEU A 295 -19.40 18.40 -14.32
CA LEU A 295 -18.11 17.80 -14.59
C LEU A 295 -18.19 16.95 -15.85
N ARG A 296 -19.31 16.26 -16.02
CA ARG A 296 -19.50 15.42 -17.19
C ARG A 296 -19.38 16.29 -18.43
N LEU A 297 -20.12 17.40 -18.42
CA LEU A 297 -20.20 18.30 -19.57
C LEU A 297 -18.83 18.89 -19.84
N LYS A 298 -18.17 19.34 -18.77
CA LYS A 298 -16.79 19.82 -18.84
C LYS A 298 -15.95 18.86 -19.67
N GLN A 299 -16.03 17.56 -19.34
CA GLN A 299 -15.27 16.47 -19.96
C GLN A 299 -15.56 16.38 -21.46
N GLN A 300 -16.84 16.41 -21.85
CA GLN A 300 -17.23 16.35 -23.25
C GLN A 300 -16.64 17.55 -24.00
N TYR A 301 -16.84 18.76 -23.44
CA TYR A 301 -16.41 19.96 -24.13
C TYR A 301 -14.90 19.95 -24.27
N THR A 302 -14.20 19.83 -23.13
CA THR A 302 -12.75 19.71 -23.12
C THR A 302 -12.28 18.90 -24.33
N LEU A 303 -12.83 17.69 -24.50
CA LEU A 303 -12.43 16.82 -25.59
C LEU A 303 -12.72 17.46 -26.93
N CYS A 304 -13.96 17.94 -27.13
CA CYS A 304 -14.39 18.49 -28.41
C CYS A 304 -13.52 19.69 -28.78
N SER A 305 -13.35 20.60 -27.82
CA SER A 305 -12.57 21.81 -27.98
C SER A 305 -11.11 21.49 -28.26
N ALA A 306 -10.39 20.97 -27.27
CA ALA A 306 -8.95 20.81 -27.32
C ALA A 306 -8.55 20.03 -28.57
N SER A 307 -9.42 19.10 -28.98
CA SER A 307 -9.23 18.27 -30.15
C SER A 307 -9.35 19.08 -31.44
N LEU A 308 -10.49 19.77 -31.63
CA LEU A 308 -10.74 20.59 -32.81
C LEU A 308 -9.66 21.65 -33.01
N GLN A 309 -9.17 22.24 -31.90
CA GLN A 309 -8.12 23.26 -31.90
C GLN A 309 -6.81 22.66 -32.40
N ASP A 310 -6.54 21.41 -32.04
CA ASP A 310 -5.34 20.70 -32.46
C ASP A 310 -5.44 20.41 -33.94
N ILE A 311 -6.59 19.89 -34.36
CA ILE A 311 -6.91 19.58 -35.75
C ILE A 311 -6.78 20.82 -36.60
N ILE A 312 -7.45 21.91 -36.18
CA ILE A 312 -7.44 23.17 -36.92
C ILE A 312 -6.01 23.65 -37.06
N SER A 313 -5.29 23.67 -35.93
CA SER A 313 -3.89 24.03 -35.90
C SER A 313 -3.14 23.28 -37.00
N ARG A 314 -3.30 21.96 -37.02
CA ARG A 314 -2.59 21.11 -37.95
C ARG A 314 -3.00 21.45 -39.37
N PHE A 315 -4.29 21.73 -39.56
CA PHE A 315 -4.78 22.05 -40.90
C PHE A 315 -4.07 23.30 -41.42
N GLU A 316 -3.99 24.31 -40.56
CA GLU A 316 -3.33 25.55 -40.90
C GLU A 316 -1.88 25.29 -41.25
N ARG A 317 -1.13 24.69 -40.31
CA ARG A 317 0.27 24.40 -40.51
C ARG A 317 0.52 23.85 -41.91
N ARG A 318 -0.21 22.77 -42.24
CA ARG A 318 -0.06 22.01 -43.49
C ARG A 318 -0.48 22.84 -44.70
N SER A 319 -1.37 23.82 -44.50
CA SER A 319 -1.87 24.68 -45.56
C SER A 319 -0.77 25.66 -46.01
N GLY A 320 -0.06 26.26 -45.03
CA GLY A 320 0.87 27.36 -45.26
C GLY A 320 0.17 28.66 -45.66
N ASP A 321 0.94 29.58 -46.26
CA ASP A 321 0.43 30.87 -46.74
C ASP A 321 -0.85 30.68 -47.56
N ARG A 322 -0.86 29.68 -48.47
CA ARG A 322 -2.02 29.32 -49.27
C ARG A 322 -3.02 28.52 -48.42
N ILE A 323 -3.99 29.23 -47.79
CA ILE A 323 -4.95 28.63 -46.87
C ILE A 323 -6.38 28.90 -47.31
N LYS A 324 -7.15 27.83 -47.50
CA LYS A 324 -8.53 28.01 -47.93
C LYS A 324 -9.46 27.10 -47.09
N TRP A 325 -10.44 27.72 -46.42
CA TRP A 325 -11.32 27.00 -45.49
C TRP A 325 -12.35 26.15 -46.24
N GLU A 326 -12.45 26.32 -47.55
CA GLU A 326 -13.27 25.42 -48.35
C GLU A 326 -12.61 24.04 -48.40
N GLU A 327 -11.28 24.04 -48.30
CA GLU A 327 -10.44 22.86 -48.34
C GLU A 327 -10.53 22.07 -47.02
N PHE A 328 -10.98 22.71 -45.93
CA PHE A 328 -10.93 22.10 -44.61
C PHE A 328 -11.63 20.74 -44.63
N PRO A 329 -12.91 20.60 -45.06
CA PRO A 329 -13.59 19.31 -45.06
C PRO A 329 -13.03 18.31 -46.08
N GLU A 330 -12.17 18.79 -46.98
CA GLU A 330 -11.50 17.95 -47.96
C GLU A 330 -10.12 17.59 -47.44
N LYS A 331 -9.78 18.11 -46.25
CA LYS A 331 -8.51 17.81 -45.58
C LYS A 331 -8.75 17.19 -44.20
N VAL A 332 -10.01 17.13 -43.75
CA VAL A 332 -10.36 16.70 -42.41
C VAL A 332 -11.75 16.05 -42.38
N ALA A 333 -11.89 15.01 -41.54
CA ALA A 333 -13.19 14.45 -41.16
C ALA A 333 -13.16 14.11 -39.69
N VAL A 334 -14.27 14.37 -39.03
CA VAL A 334 -14.35 14.15 -37.59
C VAL A 334 -15.51 13.19 -37.34
N GLN A 335 -15.19 12.04 -36.73
CA GLN A 335 -16.23 11.07 -36.38
C GLN A 335 -16.52 11.18 -34.89
N MET A 336 -17.80 11.45 -34.61
CA MET A 336 -18.30 11.57 -33.25
C MET A 336 -18.77 10.21 -32.78
N ASN A 337 -17.99 9.62 -31.87
CA ASN A 337 -18.28 8.31 -31.33
C ASN A 337 -19.35 8.46 -30.24
N ASP A 338 -20.62 8.35 -30.67
CA ASP A 338 -21.81 8.51 -29.83
C ASP A 338 -22.11 10.00 -29.67
N THR A 339 -22.93 10.34 -28.66
CA THR A 339 -23.42 11.68 -28.45
C THR A 339 -22.51 12.46 -27.50
N HIS A 340 -21.43 11.83 -27.03
CA HIS A 340 -20.54 12.53 -26.11
C HIS A 340 -19.77 13.64 -26.84
N PRO A 341 -19.25 13.40 -28.06
CA PRO A 341 -18.56 14.44 -28.84
C PRO A 341 -19.44 15.45 -29.57
N THR A 342 -20.74 15.48 -29.25
CA THR A 342 -21.73 16.28 -29.96
C THR A 342 -21.26 17.73 -30.08
N LEU A 343 -20.55 18.21 -29.05
CA LEU A 343 -20.22 19.62 -28.95
C LEU A 343 -19.24 20.03 -30.05
N CYS A 344 -18.79 19.06 -30.84
CA CYS A 344 -17.87 19.31 -31.93
C CYS A 344 -18.53 20.21 -32.95
N ILE A 345 -19.85 20.05 -33.13
CA ILE A 345 -20.63 20.80 -34.09
C ILE A 345 -20.61 22.28 -33.71
N PRO A 346 -21.19 22.70 -32.58
CA PRO A 346 -21.16 24.10 -32.18
C PRO A 346 -19.76 24.66 -31.96
N GLU A 347 -18.85 23.82 -31.44
CA GLU A 347 -17.50 24.25 -31.15
C GLU A 347 -16.74 24.54 -32.44
N LEU A 348 -16.95 23.74 -33.48
CA LEU A 348 -16.31 24.04 -34.75
C LEU A 348 -16.93 25.33 -35.29
N MET A 349 -18.27 25.41 -35.24
CA MET A 349 -18.96 26.61 -35.66
C MET A 349 -18.31 27.81 -34.99
N ARG A 350 -18.20 27.76 -33.66
CA ARG A 350 -17.61 28.81 -32.83
C ARG A 350 -16.24 29.21 -33.36
N ILE A 351 -15.37 28.22 -33.63
CA ILE A 351 -13.99 28.51 -34.02
C ILE A 351 -13.96 29.14 -35.40
N LEU A 352 -14.83 28.67 -36.31
CA LEU A 352 -14.89 29.11 -37.68
C LEU A 352 -15.42 30.54 -37.79
N ILE A 353 -16.32 30.92 -36.87
CA ILE A 353 -17.02 32.20 -36.95
C ILE A 353 -16.36 33.22 -36.04
N ASP A 354 -16.40 32.97 -34.72
CA ASP A 354 -15.95 33.94 -33.74
C ASP A 354 -14.46 34.19 -33.86
N LEU A 355 -13.69 33.15 -34.20
CA LEU A 355 -12.24 33.24 -34.15
C LEU A 355 -11.65 33.41 -35.54
N LYS A 356 -12.10 32.61 -36.50
CA LYS A 356 -11.49 32.62 -37.83
C LYS A 356 -12.16 33.63 -38.75
N GLY A 357 -13.43 33.96 -38.48
CA GLY A 357 -14.03 35.13 -39.10
C GLY A 357 -15.11 34.80 -40.13
N LEU A 358 -15.21 33.53 -40.54
CA LEU A 358 -16.19 33.12 -41.55
C LEU A 358 -17.62 33.36 -41.09
N ASN A 359 -18.54 33.37 -42.05
CA ASN A 359 -19.93 33.70 -41.78
C ASN A 359 -20.72 32.40 -41.69
N TRP A 360 -21.99 32.51 -41.29
CA TRP A 360 -22.81 31.37 -40.90
C TRP A 360 -22.76 30.26 -41.94
N ASN A 361 -23.06 30.61 -43.19
CA ASN A 361 -23.21 29.62 -44.24
C ASN A 361 -21.90 28.88 -44.48
N GLU A 362 -20.80 29.63 -44.57
CA GLU A 362 -19.54 29.01 -44.89
C GLU A 362 -19.21 28.01 -43.78
N ALA A 363 -19.30 28.49 -42.53
CA ALA A 363 -18.95 27.71 -41.35
C ALA A 363 -19.81 26.46 -41.23
N TRP A 364 -21.12 26.59 -41.48
CA TRP A 364 -22.06 25.49 -41.33
C TRP A 364 -21.83 24.44 -42.42
N ASN A 365 -21.64 24.91 -43.65
CA ASN A 365 -21.42 24.00 -44.76
C ASN A 365 -20.19 23.15 -44.48
N ILE A 366 -19.12 23.80 -43.98
CA ILE A 366 -17.88 23.12 -43.68
C ILE A 366 -18.13 22.14 -42.56
N THR A 367 -18.84 22.58 -41.52
CA THR A 367 -19.12 21.74 -40.36
C THR A 367 -19.76 20.43 -40.79
N GLN A 368 -20.85 20.50 -41.57
CA GLN A 368 -21.56 19.30 -42.00
C GLN A 368 -20.65 18.41 -42.86
N ARG A 369 -19.87 19.03 -43.73
CA ARG A 369 -18.99 18.28 -44.59
C ARG A 369 -17.96 17.54 -43.75
N THR A 370 -17.61 18.08 -42.58
CA THR A 370 -16.53 17.52 -41.78
C THR A 370 -17.02 16.42 -40.83
N VAL A 371 -18.09 16.70 -40.08
CA VAL A 371 -18.45 15.94 -38.91
C VAL A 371 -19.45 14.85 -39.28
N ALA A 372 -19.36 13.70 -38.58
CA ALA A 372 -20.31 12.61 -38.74
C ALA A 372 -20.58 11.94 -37.39
N TYR A 373 -21.80 11.39 -37.25
CA TYR A 373 -22.33 10.74 -36.05
C TYR A 373 -22.36 9.23 -36.26
N THR A 374 -21.82 8.50 -35.29
CA THR A 374 -22.03 7.07 -35.15
C THR A 374 -22.90 6.85 -33.92
N ASN A 375 -24.06 6.19 -34.11
CA ASN A 375 -25.01 5.93 -33.04
C ASN A 375 -24.65 4.58 -32.44
N HIS A 376 -24.60 4.51 -31.10
CA HIS A 376 -24.26 3.27 -30.42
C HIS A 376 -25.42 2.82 -29.52
N THR A 377 -26.58 3.42 -29.75
CA THR A 377 -27.68 3.31 -28.80
C THR A 377 -29.00 2.99 -29.51
N VAL A 378 -29.76 2.03 -28.95
CA VAL A 378 -31.04 1.65 -29.52
C VAL A 378 -32.11 2.64 -29.07
N LEU A 379 -32.43 2.64 -27.76
CA LEU A 379 -33.68 3.20 -27.26
C LEU A 379 -33.63 4.74 -27.21
N PRO A 380 -34.78 5.42 -27.46
CA PRO A 380 -34.81 6.89 -27.53
C PRO A 380 -34.50 7.62 -26.21
N GLU A 381 -34.79 6.97 -25.08
CA GLU A 381 -34.58 7.57 -23.76
C GLU A 381 -33.18 7.24 -23.23
N ALA A 382 -32.42 6.38 -23.95
CA ALA A 382 -31.00 6.12 -23.71
C ALA A 382 -30.11 7.21 -24.31
N LEU A 383 -30.71 8.16 -25.06
CA LEU A 383 -30.01 9.19 -25.81
C LEU A 383 -29.76 10.41 -24.95
N GLU A 384 -28.60 11.05 -25.14
CA GLU A 384 -28.12 12.04 -24.20
C GLU A 384 -28.83 13.38 -24.42
N LYS A 385 -29.38 13.91 -23.32
CA LYS A 385 -30.04 15.21 -23.30
C LYS A 385 -29.37 16.02 -22.19
N TRP A 386 -29.55 17.34 -22.21
CA TRP A 386 -28.91 18.21 -21.23
C TRP A 386 -29.89 19.28 -20.77
N SER A 387 -29.67 19.83 -19.56
CA SER A 387 -30.42 20.96 -19.09
C SER A 387 -30.02 22.23 -19.83
N TYR A 388 -31.00 22.90 -20.44
CA TYR A 388 -30.74 24.14 -21.15
C TYR A 388 -30.08 25.15 -20.22
N GLU A 389 -30.59 25.26 -19.00
CA GLU A 389 -30.11 26.24 -18.04
C GLU A 389 -28.65 25.92 -17.68
N LEU A 390 -28.39 24.61 -17.52
CA LEU A 390 -27.06 24.14 -17.14
C LEU A 390 -26.08 24.51 -18.24
N MET A 391 -26.39 24.07 -19.46
CA MET A 391 -25.49 24.23 -20.59
C MET A 391 -25.24 25.70 -20.87
N GLN A 392 -26.29 26.51 -20.68
CA GLN A 392 -26.24 27.97 -20.83
C GLN A 392 -25.98 28.57 -19.45
N LYS A 393 -24.96 28.05 -18.79
CA LYS A 393 -24.27 28.70 -17.68
C LYS A 393 -22.81 28.39 -17.92
N LEU A 394 -22.58 27.22 -18.53
CA LEU A 394 -21.24 26.68 -18.70
C LEU A 394 -20.73 27.07 -20.08
N LEU A 395 -21.58 26.92 -21.09
CA LEU A 395 -21.12 27.15 -22.45
C LEU A 395 -22.05 28.14 -23.15
N PRO A 396 -22.00 29.43 -22.76
CA PRO A 396 -22.96 30.42 -23.26
C PRO A 396 -22.93 30.43 -24.77
N ARG A 397 -21.74 30.63 -25.32
CA ARG A 397 -21.56 30.83 -26.74
C ARG A 397 -22.16 29.65 -27.49
N HIS A 398 -22.01 28.45 -26.90
CA HIS A 398 -22.40 27.23 -27.57
C HIS A 398 -23.91 27.07 -27.60
N VAL A 399 -24.60 27.57 -26.57
CA VAL A 399 -26.05 27.47 -26.59
C VAL A 399 -26.58 28.47 -27.62
N GLU A 400 -25.90 29.61 -27.75
CA GLU A 400 -26.27 30.57 -28.77
C GLU A 400 -26.30 29.87 -30.12
N ILE A 401 -25.17 29.25 -30.49
CA ILE A 401 -25.05 28.64 -31.79
C ILE A 401 -26.07 27.52 -31.96
N ILE A 402 -26.18 26.65 -30.95
CA ILE A 402 -27.16 25.58 -30.95
C ILE A 402 -28.52 26.16 -31.33
N GLU A 403 -28.92 27.24 -30.66
CA GLU A 403 -30.20 27.88 -30.91
C GLU A 403 -30.32 28.26 -32.39
N ALA A 404 -29.31 28.96 -32.91
CA ALA A 404 -29.30 29.40 -34.29
C ALA A 404 -29.55 28.22 -35.21
N ILE A 405 -28.95 27.07 -34.87
CA ILE A 405 -29.08 25.87 -35.70
C ILE A 405 -30.52 25.38 -35.60
N ASP A 406 -31.10 25.45 -34.40
CA ASP A 406 -32.44 24.91 -34.19
C ASP A 406 -33.42 25.73 -35.01
N GLU A 407 -33.20 27.05 -35.01
CA GLU A 407 -34.03 27.98 -35.76
C GLU A 407 -33.90 27.69 -37.25
N GLU A 408 -32.64 27.63 -37.72
CA GLU A 408 -32.35 27.19 -39.06
C GLU A 408 -33.22 25.97 -39.38
N LEU A 409 -33.37 25.08 -38.39
CA LEU A 409 -34.02 23.79 -38.56
C LEU A 409 -35.54 23.93 -38.65
N VAL A 410 -36.14 24.63 -37.68
CA VAL A 410 -37.57 24.88 -37.74
C VAL A 410 -37.91 25.36 -39.14
N HIS A 411 -37.06 26.24 -39.71
CA HIS A 411 -37.31 26.83 -41.01
C HIS A 411 -37.22 25.77 -42.11
N GLU A 412 -36.25 24.86 -41.99
CA GLU A 412 -36.12 23.73 -42.91
C GLU A 412 -37.40 22.89 -42.85
N ILE A 413 -37.77 22.48 -41.63
CA ILE A 413 -38.91 21.60 -41.38
C ILE A 413 -40.17 22.21 -41.98
N VAL A 414 -40.30 23.54 -41.92
CA VAL A 414 -41.48 24.24 -42.40
C VAL A 414 -41.49 24.34 -43.94
N LEU A 415 -40.33 24.69 -44.55
CA LEU A 415 -40.26 24.89 -45.99
C LEU A 415 -40.63 23.59 -46.70
N LYS A 416 -39.90 22.50 -46.41
CA LYS A 416 -40.35 21.17 -46.75
C LYS A 416 -41.54 20.82 -45.84
N TYR A 417 -42.72 20.53 -46.41
CA TYR A 417 -43.98 20.37 -45.67
C TYR A 417 -44.67 21.71 -45.45
N GLY A 418 -45.63 22.05 -46.32
CA GLY A 418 -46.40 23.27 -46.18
C GLY A 418 -47.27 23.22 -44.93
N SER A 419 -47.82 24.40 -44.53
CA SER A 419 -48.70 24.56 -43.37
C SER A 419 -50.06 23.92 -43.62
N MET A 420 -50.03 22.71 -44.21
CA MET A 420 -51.21 21.97 -44.64
C MET A 420 -51.85 21.30 -43.42
N ASP A 421 -51.08 20.42 -42.75
CA ASP A 421 -51.70 19.43 -41.90
C ASP A 421 -51.35 19.74 -40.44
N LEU A 422 -51.04 21.01 -40.15
CA LEU A 422 -50.78 21.55 -38.82
C LEU A 422 -50.34 20.49 -37.81
N ASN A 423 -51.20 19.50 -37.49
CA ASN A 423 -50.87 18.35 -36.66
C ASN A 423 -49.57 17.67 -37.12
N LYS A 424 -49.50 17.32 -38.43
CA LYS A 424 -48.29 16.79 -39.06
C LYS A 424 -47.11 17.69 -38.70
N LEU A 425 -47.23 18.99 -39.05
CA LEU A 425 -46.15 19.97 -38.90
C LEU A 425 -45.71 20.10 -37.45
N GLU A 426 -46.70 20.28 -36.57
CA GLU A 426 -46.50 20.49 -35.15
C GLU A 426 -45.82 19.28 -34.51
N GLU A 427 -46.38 18.07 -34.77
CA GLU A 427 -45.75 16.82 -34.38
C GLU A 427 -44.26 16.88 -34.75
N LYS A 428 -43.98 17.00 -36.06
CA LYS A 428 -42.64 16.92 -36.58
C LYS A 428 -41.72 17.88 -35.81
N LEU A 429 -42.16 19.13 -35.63
CA LEU A 429 -41.43 20.15 -34.89
C LEU A 429 -40.95 19.60 -33.55
N THR A 430 -41.85 19.01 -32.77
CA THR A 430 -41.48 18.59 -31.42
C THR A 430 -40.53 17.39 -31.48
N THR A 431 -40.66 16.53 -32.50
CA THR A 431 -39.81 15.33 -32.56
C THR A 431 -38.37 15.69 -32.92
N MET A 432 -38.20 16.58 -33.89
CA MET A 432 -36.90 16.80 -34.52
C MET A 432 -36.14 17.93 -33.85
N ARG A 433 -36.85 18.92 -33.28
CA ARG A 433 -36.18 20.05 -32.67
C ARG A 433 -35.09 19.60 -31.68
N ILE A 434 -34.03 20.41 -31.60
CA ILE A 434 -32.94 20.16 -30.68
C ILE A 434 -33.35 20.60 -29.29
N LEU A 435 -34.18 21.64 -29.22
CA LEU A 435 -34.57 22.23 -27.94
C LEU A 435 -35.93 21.72 -27.49
N GLU A 436 -35.90 20.82 -26.51
CA GLU A 436 -37.10 20.30 -25.88
C GLU A 436 -37.70 21.37 -24.98
N ASN A 437 -39.02 21.62 -25.14
CA ASN A 437 -39.80 22.50 -24.28
C ASN A 437 -39.40 23.96 -24.51
N PHE A 438 -39.46 24.40 -25.78
CA PHE A 438 -39.06 25.73 -26.20
C PHE A 438 -40.13 26.38 -27.07
N ASP A 439 -39.91 27.65 -27.45
CA ASP A 439 -40.85 28.36 -28.29
C ASP A 439 -40.34 28.39 -29.72
N LEU A 440 -41.17 28.85 -30.65
CA LEU A 440 -40.80 29.02 -32.04
C LEU A 440 -40.74 30.51 -32.35
N PRO A 441 -39.73 31.01 -33.11
CA PRO A 441 -39.50 32.46 -33.29
C PRO A 441 -40.68 33.28 -33.86
N SER A 442 -41.50 32.61 -34.69
CA SER A 442 -42.88 32.94 -35.04
C SER A 442 -43.62 31.63 -35.35
N SER A 443 -44.95 31.62 -35.12
CA SER A 443 -45.78 30.45 -35.37
C SER A 443 -47.28 30.79 -35.57
N VAL A 444 -47.98 29.84 -36.22
CA VAL A 444 -49.38 29.97 -36.58
C VAL A 444 -50.14 28.80 -35.94
N ALA A 445 -51.46 28.74 -36.21
CA ALA A 445 -52.35 27.73 -35.68
C ALA A 445 -53.82 28.13 -35.89
N GLU A 446 -54.04 29.25 -36.59
CA GLU A 446 -55.39 29.75 -36.88
C GLU A 446 -55.60 29.77 -38.41
N ILE A 511 -44.03 22.98 -14.48
CA ILE A 511 -43.69 23.59 -15.81
C ILE A 511 -42.67 22.68 -16.54
N PRO A 512 -42.78 22.53 -17.90
CA PRO A 512 -41.86 21.64 -18.63
C PRO A 512 -40.42 22.15 -18.59
N PRO A 513 -39.45 21.30 -18.12
CA PRO A 513 -38.04 21.70 -18.05
C PRO A 513 -37.37 21.81 -19.41
N LYS A 514 -36.63 22.92 -19.64
CA LYS A 514 -35.98 23.21 -20.91
C LYS A 514 -34.75 22.32 -21.13
N LYS A 515 -34.72 21.60 -22.28
CA LYS A 515 -33.69 20.57 -22.53
C LYS A 515 -33.05 20.71 -23.91
N VAL A 516 -31.86 20.11 -24.06
CA VAL A 516 -31.08 20.18 -25.27
C VAL A 516 -30.74 18.76 -25.69
N ARG A 517 -31.10 18.39 -26.93
CA ARG A 517 -31.01 17.02 -27.40
C ARG A 517 -29.79 16.82 -28.28
N MET A 518 -28.75 16.24 -27.67
CA MET A 518 -27.44 16.15 -28.29
C MET A 518 -27.48 15.22 -29.50
N ALA A 519 -28.37 14.22 -29.42
CA ALA A 519 -28.52 13.24 -30.46
C ALA A 519 -29.16 13.87 -31.69
N ASN A 520 -30.07 14.82 -31.48
CA ASN A 520 -30.65 15.56 -32.58
C ASN A 520 -29.61 16.46 -33.21
N LEU A 521 -28.85 17.16 -32.35
CA LEU A 521 -27.83 18.08 -32.83
C LEU A 521 -26.88 17.32 -33.76
N CYS A 522 -26.52 16.09 -33.36
CA CYS A 522 -25.61 15.25 -34.12
C CYS A 522 -26.19 14.90 -35.49
N VAL A 523 -27.50 14.62 -35.55
CA VAL A 523 -28.14 14.11 -36.75
C VAL A 523 -28.42 15.25 -37.73
N VAL A 524 -28.25 16.48 -37.26
CA VAL A 524 -28.41 17.66 -38.10
C VAL A 524 -27.01 18.18 -38.47
N GLY A 525 -26.07 18.08 -37.53
CA GLY A 525 -24.77 18.69 -37.73
C GLY A 525 -23.90 17.88 -38.70
N GLY A 526 -24.12 16.57 -38.72
CA GLY A 526 -23.22 15.70 -39.45
C GLY A 526 -23.72 15.46 -40.87
N HIS A 527 -22.83 14.97 -41.73
CA HIS A 527 -23.21 14.61 -43.08
C HIS A 527 -23.58 13.14 -43.14
N ALA A 528 -23.24 12.40 -42.06
CA ALA A 528 -23.40 10.95 -42.02
C ALA A 528 -23.88 10.47 -40.65
N VAL A 529 -24.96 9.69 -40.63
CA VAL A 529 -25.33 8.95 -39.42
C VAL A 529 -25.25 7.46 -39.73
N ASN A 530 -24.64 6.67 -38.84
CA ASN A 530 -24.53 5.24 -39.07
C ASN A 530 -24.75 4.50 -37.76
N GLY A 531 -25.41 3.34 -37.87
CA GLY A 531 -25.55 2.39 -36.77
C GLY A 531 -24.48 1.32 -36.87
N VAL A 532 -24.43 0.43 -35.88
CA VAL A 532 -23.26 -0.40 -35.65
C VAL A 532 -23.51 -1.87 -36.01
N ALA A 533 -24.64 -2.16 -36.67
CA ALA A 533 -25.06 -3.46 -37.18
C ALA A 533 -26.33 -3.26 -38.01
N GLU A 534 -26.62 -4.18 -38.94
CA GLU A 534 -27.76 -4.06 -39.85
C GLU A 534 -29.01 -3.62 -39.09
N ILE A 535 -29.40 -4.43 -38.11
CA ILE A 535 -30.65 -4.30 -37.40
C ILE A 535 -30.65 -3.04 -36.53
N HIS A 536 -29.46 -2.64 -36.01
CA HIS A 536 -29.33 -1.40 -35.25
C HIS A 536 -29.59 -0.19 -36.15
N SER A 537 -28.91 -0.17 -37.31
CA SER A 537 -28.99 0.92 -38.28
C SER A 537 -30.40 1.00 -38.86
N GLU A 538 -31.14 -0.11 -38.78
CA GLU A 538 -32.51 -0.17 -39.26
C GLU A 538 -33.45 0.59 -38.34
N ILE A 539 -33.28 0.35 -37.03
CA ILE A 539 -34.04 1.08 -36.00
C ILE A 539 -33.81 2.59 -36.19
N VAL A 540 -32.55 3.02 -36.25
CA VAL A 540 -32.25 4.44 -36.33
C VAL A 540 -32.97 5.06 -37.53
N LYS A 541 -33.02 4.31 -38.65
CA LYS A 541 -33.64 4.75 -39.91
C LYS A 541 -35.16 4.88 -39.75
N GLU A 542 -35.75 3.92 -39.03
CA GLU A 542 -37.17 3.67 -39.17
C GLU A 542 -37.91 3.91 -37.87
N GLU A 543 -37.20 4.44 -36.87
CA GLU A 543 -37.81 4.70 -35.57
C GLU A 543 -37.17 5.95 -34.98
N VAL A 544 -35.96 5.77 -34.46
CA VAL A 544 -35.34 6.71 -33.55
C VAL A 544 -35.23 8.08 -34.23
N PHE A 545 -34.82 8.09 -35.51
CA PHE A 545 -34.64 9.32 -36.27
C PHE A 545 -35.49 9.29 -37.55
N ASN A 546 -36.70 8.73 -37.39
CA ASN A 546 -37.56 8.36 -38.49
C ASN A 546 -37.78 9.59 -39.39
N ASP A 547 -38.04 10.71 -38.71
CA ASP A 547 -38.46 11.93 -39.38
C ASP A 547 -37.29 12.54 -40.13
N PHE A 548 -36.07 12.36 -39.57
CA PHE A 548 -34.83 12.85 -40.14
C PHE A 548 -34.41 12.00 -41.35
N TYR A 549 -34.88 10.74 -41.38
CA TYR A 549 -34.68 9.86 -42.51
C TYR A 549 -35.47 10.37 -43.72
N GLU A 550 -36.73 10.78 -43.45
CA GLU A 550 -37.63 11.38 -44.42
C GLU A 550 -36.99 12.62 -45.05
N LEU A 551 -36.44 13.49 -44.19
CA LEU A 551 -35.90 14.76 -44.62
C LEU A 551 -34.55 14.59 -45.34
N TRP A 552 -33.66 13.74 -44.83
CA TRP A 552 -32.29 13.65 -45.37
C TRP A 552 -31.85 12.21 -45.56
N PRO A 553 -32.52 11.39 -46.39
CA PRO A 553 -32.31 9.94 -46.37
C PRO A 553 -30.83 9.60 -46.54
N GLU A 554 -30.16 10.31 -47.45
CA GLU A 554 -28.77 10.09 -47.84
C GLU A 554 -27.86 9.91 -46.63
N LYS A 555 -28.15 10.60 -45.52
CA LYS A 555 -27.29 10.68 -44.35
C LYS A 555 -27.14 9.32 -43.66
N PHE A 556 -28.20 8.52 -43.72
CA PHE A 556 -28.25 7.25 -43.00
C PHE A 556 -27.53 6.15 -43.77
N GLN A 557 -26.59 5.51 -43.07
CA GLN A 557 -26.01 4.26 -43.52
C GLN A 557 -25.70 3.39 -42.30
N ASN A 558 -24.98 2.29 -42.55
CA ASN A 558 -24.61 1.35 -41.52
C ASN A 558 -23.12 1.03 -41.61
N LYS A 559 -22.50 0.86 -40.46
CA LYS A 559 -21.14 0.37 -40.41
C LYS A 559 -21.05 -0.68 -39.31
N THR A 560 -21.43 -1.91 -39.68
CA THR A 560 -21.40 -3.06 -38.80
C THR A 560 -20.02 -3.14 -38.15
N ASN A 561 -20.02 -3.42 -36.85
CA ASN A 561 -18.82 -3.36 -36.03
C ASN A 561 -17.87 -4.47 -36.45
N GLY A 562 -16.64 -4.36 -35.94
CA GLY A 562 -15.61 -5.37 -36.10
C GLY A 562 -14.67 -5.34 -34.90
N VAL A 563 -13.73 -6.29 -34.90
CA VAL A 563 -12.66 -6.32 -33.91
C VAL A 563 -11.38 -6.75 -34.61
N THR A 564 -10.25 -6.39 -34.03
CA THR A 564 -8.99 -6.50 -34.75
C THR A 564 -8.50 -7.94 -34.73
N PRO A 565 -8.16 -8.54 -35.90
CA PRO A 565 -7.55 -9.87 -35.93
C PRO A 565 -6.21 -9.98 -35.19
N ARG A 566 -5.46 -8.87 -35.11
CA ARG A 566 -4.15 -8.90 -34.49
C ARG A 566 -4.28 -9.24 -33.00
N ARG A 567 -4.93 -8.35 -32.25
CA ARG A 567 -5.01 -8.52 -30.81
C ARG A 567 -5.90 -9.72 -30.46
N TRP A 568 -6.89 -10.01 -31.31
CA TRP A 568 -7.93 -10.96 -30.96
C TRP A 568 -7.80 -12.30 -31.67
N ILE A 569 -6.74 -12.52 -32.46
CA ILE A 569 -6.40 -13.86 -32.90
C ILE A 569 -4.89 -14.07 -32.79
N ARG A 570 -4.13 -13.26 -33.53
CA ARG A 570 -2.72 -13.52 -33.78
C ARG A 570 -1.91 -13.47 -32.47
N PHE A 571 -2.30 -12.61 -31.52
CA PHE A 571 -1.47 -12.35 -30.35
C PHE A 571 -2.08 -12.90 -29.06
N CYS A 572 -3.41 -12.87 -28.96
CA CYS A 572 -4.07 -13.37 -27.77
C CYS A 572 -4.06 -14.89 -27.78
N ASN A 573 -3.97 -15.49 -28.98
CA ASN A 573 -4.15 -16.92 -29.18
C ASN A 573 -3.17 -17.47 -30.21
N PRO A 574 -1.84 -17.56 -29.90
CA PRO A 574 -0.85 -18.12 -30.83
C PRO A 574 -1.07 -19.55 -31.34
N PRO A 575 -1.49 -20.52 -30.49
CA PRO A 575 -1.80 -21.88 -30.94
C PRO A 575 -2.78 -21.86 -32.11
N LEU A 576 -3.91 -21.17 -31.92
CA LEU A 576 -4.91 -21.02 -32.95
C LEU A 576 -4.21 -20.56 -34.22
N SER A 577 -3.34 -19.55 -34.07
CA SER A 577 -2.67 -18.92 -35.20
C SER A 577 -1.86 -19.92 -36.01
N ALA A 578 -1.05 -20.74 -35.32
CA ALA A 578 -0.20 -21.75 -35.95
C ALA A 578 -1.05 -22.64 -36.86
N ILE A 579 -2.20 -23.08 -36.33
CA ILE A 579 -3.09 -23.97 -37.05
C ILE A 579 -3.62 -23.25 -38.27
N ILE A 580 -4.09 -22.00 -38.09
CA ILE A 580 -4.69 -21.21 -39.15
C ILE A 580 -3.66 -21.03 -40.27
N THR A 581 -2.48 -20.49 -39.91
CA THR A 581 -1.39 -20.26 -40.85
C THR A 581 -1.12 -21.53 -41.67
N LYS A 582 -1.14 -22.69 -40.98
CA LYS A 582 -0.87 -23.99 -41.56
C LYS A 582 -1.88 -24.32 -42.66
N TRP A 583 -3.16 -24.40 -42.27
CA TRP A 583 -4.21 -24.96 -43.12
C TRP A 583 -4.63 -23.98 -44.20
N THR A 584 -4.32 -22.69 -43.99
CA THR A 584 -4.35 -21.72 -45.07
C THR A 584 -2.95 -21.79 -45.68
N GLY A 585 -2.73 -21.19 -46.84
CA GLY A 585 -1.40 -21.25 -47.44
C GLY A 585 -0.31 -20.48 -46.68
N THR A 586 -0.69 -19.41 -45.97
CA THR A 586 0.24 -18.35 -45.62
C THR A 586 -0.04 -17.80 -44.22
N GLU A 587 0.80 -16.84 -43.79
CA GLU A 587 0.66 -16.04 -42.58
C GLU A 587 -0.17 -14.78 -42.86
N ASP A 588 -0.80 -14.72 -44.04
CA ASP A 588 -1.37 -13.51 -44.60
C ASP A 588 -2.82 -13.32 -44.16
N TRP A 589 -3.36 -14.28 -43.41
CA TRP A 589 -4.73 -14.11 -43.00
C TRP A 589 -4.84 -12.95 -42.03
N VAL A 590 -3.73 -12.64 -41.35
CA VAL A 590 -3.72 -11.58 -40.36
C VAL A 590 -4.21 -10.29 -41.01
N LEU A 591 -3.89 -10.11 -42.29
CA LEU A 591 -4.32 -8.96 -43.08
C LEU A 591 -5.50 -9.33 -43.97
N LYS A 592 -5.31 -10.38 -44.77
CA LYS A 592 -6.27 -10.82 -45.78
C LYS A 592 -7.20 -11.86 -45.16
N THR A 593 -7.92 -11.45 -44.12
CA THR A 593 -8.60 -12.33 -43.18
C THR A 593 -9.78 -13.08 -43.81
N GLU A 594 -10.08 -12.79 -45.08
CA GLU A 594 -11.11 -13.53 -45.82
C GLU A 594 -10.62 -14.97 -46.02
N LYS A 595 -9.34 -15.20 -45.74
CA LYS A 595 -8.69 -16.50 -45.87
C LYS A 595 -9.17 -17.48 -44.81
N LEU A 596 -9.84 -17.00 -43.76
CA LEU A 596 -10.35 -17.89 -42.73
C LEU A 596 -11.39 -18.83 -43.33
N ALA A 597 -12.08 -18.36 -44.37
CA ALA A 597 -13.15 -19.10 -45.03
C ALA A 597 -12.61 -20.41 -45.61
N GLU A 598 -11.28 -20.47 -45.76
CA GLU A 598 -10.58 -21.60 -46.36
C GLU A 598 -10.54 -22.79 -45.40
N LEU A 599 -11.01 -22.56 -44.17
CA LEU A 599 -11.11 -23.61 -43.17
C LEU A 599 -12.39 -24.43 -43.33
N GLN A 600 -13.35 -23.97 -44.15
CA GLN A 600 -14.67 -24.60 -44.29
C GLN A 600 -14.51 -26.00 -44.90
N LYS A 601 -13.84 -26.06 -46.06
CA LYS A 601 -13.31 -27.33 -46.54
C LYS A 601 -12.21 -27.62 -45.54
N PHE A 602 -12.42 -28.64 -44.71
CA PHE A 602 -11.49 -29.02 -43.67
C PHE A 602 -12.16 -28.91 -42.30
N ALA A 603 -13.40 -28.41 -42.26
CA ALA A 603 -14.06 -28.34 -40.96
C ALA A 603 -14.39 -29.73 -40.45
N ASP A 604 -14.46 -30.69 -41.38
CA ASP A 604 -14.79 -32.08 -41.13
C ASP A 604 -13.50 -32.88 -40.93
N ASN A 605 -12.37 -32.39 -41.48
CA ASN A 605 -11.12 -33.11 -41.50
C ASN A 605 -10.67 -33.41 -40.07
N GLU A 606 -10.41 -34.68 -39.80
CA GLU A 606 -10.30 -35.09 -38.42
C GLU A 606 -8.96 -34.64 -37.85
N ASP A 607 -7.94 -34.62 -38.73
CA ASP A 607 -6.60 -34.20 -38.38
C ASP A 607 -6.66 -32.76 -37.85
N LEU A 608 -7.35 -31.89 -38.60
CA LEU A 608 -7.52 -30.50 -38.22
C LEU A 608 -8.28 -30.39 -36.90
N GLN A 609 -9.26 -31.28 -36.67
CA GLN A 609 -10.06 -31.22 -35.46
C GLN A 609 -9.20 -31.56 -34.26
N ASN A 610 -8.22 -32.45 -34.47
CA ASN A 610 -7.32 -32.87 -33.42
C ASN A 610 -6.48 -31.68 -32.95
N GLU A 611 -5.77 -31.05 -33.89
CA GLU A 611 -4.94 -29.88 -33.63
C GLU A 611 -5.76 -28.76 -33.00
N TRP A 612 -7.04 -28.68 -33.39
CA TRP A 612 -7.94 -27.64 -32.90
C TRP A 612 -8.19 -27.86 -31.42
N ARG A 613 -8.61 -29.08 -31.06
CA ARG A 613 -8.91 -29.41 -29.69
C ARG A 613 -7.66 -29.25 -28.84
N GLU A 614 -6.52 -29.68 -29.40
CA GLU A 614 -5.25 -29.60 -28.71
C GLU A 614 -4.98 -28.14 -28.32
N ALA A 615 -5.24 -27.25 -29.29
CA ALA A 615 -4.98 -25.83 -29.14
C ALA A 615 -5.91 -25.27 -28.07
N LYS A 616 -7.22 -25.48 -28.26
CA LYS A 616 -8.20 -24.97 -27.31
C LYS A 616 -7.76 -25.39 -25.91
N ARG A 617 -7.56 -26.70 -25.75
CA ARG A 617 -7.14 -27.26 -24.47
C ARG A 617 -5.96 -26.46 -23.91
N SER A 618 -4.88 -26.38 -24.69
CA SER A 618 -3.67 -25.66 -24.31
C SER A 618 -4.06 -24.31 -23.68
N ASN A 619 -4.90 -23.55 -24.40
CA ASN A 619 -5.33 -22.24 -23.95
C ASN A 619 -6.00 -22.38 -22.59
N LYS A 620 -6.88 -23.38 -22.48
CA LYS A 620 -7.65 -23.59 -21.28
C LYS A 620 -6.72 -23.89 -20.10
N ILE A 621 -5.57 -24.50 -20.38
CA ILE A 621 -4.69 -24.90 -19.29
C ILE A 621 -4.08 -23.64 -18.69
N LYS A 622 -3.86 -22.62 -19.54
CA LYS A 622 -3.37 -21.32 -19.06
C LYS A 622 -4.41 -20.69 -18.14
N VAL A 623 -5.65 -20.65 -18.60
CA VAL A 623 -6.77 -20.06 -17.87
C VAL A 623 -6.92 -20.69 -16.49
N VAL A 624 -6.65 -22.01 -16.39
CA VAL A 624 -6.80 -22.75 -15.13
C VAL A 624 -5.95 -22.08 -14.06
N SER A 625 -4.69 -21.78 -14.41
CA SER A 625 -3.72 -21.23 -13.49
C SER A 625 -4.11 -19.80 -13.10
N PHE A 626 -4.64 -19.07 -14.08
CA PHE A 626 -5.17 -17.73 -13.90
C PHE A 626 -6.33 -17.73 -12.91
N LEU A 627 -7.35 -18.57 -13.16
CA LEU A 627 -8.51 -18.64 -12.28
C LEU A 627 -8.09 -19.04 -10.87
N LYS A 628 -6.99 -19.83 -10.78
CA LYS A 628 -6.46 -20.29 -9.51
C LYS A 628 -5.99 -19.09 -8.67
N GLU A 629 -5.14 -18.25 -9.25
CA GLU A 629 -4.55 -17.12 -8.54
C GLU A 629 -5.58 -15.99 -8.34
N LYS A 630 -6.46 -15.78 -9.31
CA LYS A 630 -7.36 -14.61 -9.18
C LYS A 630 -8.69 -14.96 -8.51
N THR A 631 -9.20 -16.18 -8.69
CA THR A 631 -10.48 -16.49 -8.07
C THR A 631 -10.30 -17.50 -6.95
N GLY A 632 -9.07 -17.98 -6.73
CA GLY A 632 -8.75 -18.90 -5.64
C GLY A 632 -9.60 -20.18 -5.66
N TYR A 633 -10.11 -20.54 -6.85
CA TYR A 633 -10.82 -21.80 -7.06
C TYR A 633 -10.05 -22.65 -8.06
N SER A 634 -9.80 -23.90 -7.68
CA SER A 634 -9.10 -24.82 -8.56
C SER A 634 -10.12 -25.45 -9.51
N VAL A 635 -9.81 -25.49 -10.81
CA VAL A 635 -10.74 -26.03 -11.80
C VAL A 635 -10.00 -26.94 -12.78
N VAL A 636 -10.78 -27.72 -13.56
CA VAL A 636 -10.23 -28.71 -14.46
C VAL A 636 -10.35 -28.22 -15.90
N PRO A 637 -9.34 -28.51 -16.74
CA PRO A 637 -9.40 -28.15 -18.16
C PRO A 637 -10.53 -28.84 -18.92
N ASP A 638 -10.82 -30.09 -18.55
CA ASP A 638 -11.54 -31.03 -19.40
C ASP A 638 -13.04 -30.79 -19.34
N ALA A 639 -13.49 -29.84 -18.51
CA ALA A 639 -14.87 -29.38 -18.53
C ALA A 639 -15.09 -28.36 -19.65
N MET A 640 -16.36 -28.10 -19.99
CA MET A 640 -16.70 -27.07 -20.96
C MET A 640 -16.54 -25.71 -20.28
N PHE A 641 -15.99 -24.74 -21.02
CA PHE A 641 -15.83 -23.37 -20.53
C PHE A 641 -16.95 -22.46 -21.06
N ASP A 642 -17.79 -22.00 -20.12
CA ASP A 642 -19.01 -21.28 -20.43
C ASP A 642 -18.85 -19.86 -19.89
N ILE A 643 -18.61 -18.90 -20.81
CA ILE A 643 -18.17 -17.56 -20.44
C ILE A 643 -19.24 -16.51 -20.74
N GLN A 644 -19.54 -15.69 -19.72
CA GLN A 644 -20.31 -14.46 -19.88
C GLN A 644 -19.62 -13.27 -19.19
N VAL A 645 -19.19 -12.29 -20.00
CA VAL A 645 -18.34 -11.20 -19.53
C VAL A 645 -18.74 -9.88 -20.20
N LYS A 646 -19.41 -9.01 -19.45
CA LYS A 646 -19.93 -7.73 -19.94
C LYS A 646 -20.35 -6.84 -18.78
N ARG A 647 -20.68 -5.58 -19.07
CA ARG A 647 -21.25 -4.72 -18.04
C ARG A 647 -22.26 -5.55 -17.27
N ILE A 648 -22.18 -5.55 -15.92
CA ILE A 648 -23.18 -6.22 -15.10
C ILE A 648 -24.42 -5.33 -15.05
N HIS A 649 -25.55 -5.89 -15.46
CA HIS A 649 -26.72 -5.12 -15.79
C HIS A 649 -27.92 -6.04 -16.02
N GLU A 650 -29.11 -5.53 -15.71
CA GLU A 650 -30.31 -6.33 -15.80
C GLU A 650 -30.67 -6.59 -17.27
N TYR A 651 -30.33 -5.66 -18.16
CA TYR A 651 -30.63 -5.87 -19.58
C TYR A 651 -29.68 -6.92 -20.19
N LYS A 652 -28.45 -6.99 -19.66
CA LYS A 652 -27.46 -7.99 -20.03
C LYS A 652 -27.82 -9.35 -19.44
N ARG A 653 -28.84 -9.27 -18.60
CA ARG A 653 -29.43 -10.46 -17.96
C ARG A 653 -28.50 -10.89 -16.85
N GLN A 654 -27.57 -11.81 -17.18
CA GLN A 654 -26.59 -12.46 -16.26
C GLN A 654 -27.31 -13.46 -15.38
N LEU A 655 -28.14 -13.00 -14.44
CA LEU A 655 -28.91 -13.93 -13.60
C LEU A 655 -29.78 -14.85 -14.46
N LEU A 656 -30.01 -14.57 -15.75
CA LEU A 656 -30.78 -15.66 -16.38
C LEU A 656 -29.85 -16.86 -16.33
N ASN A 657 -28.62 -16.65 -16.77
CA ASN A 657 -27.53 -17.66 -16.75
C ASN A 657 -27.30 -18.18 -15.34
N ILE A 658 -27.04 -17.31 -14.37
CA ILE A 658 -26.70 -17.86 -13.06
C ILE A 658 -27.86 -18.71 -12.57
N PHE A 659 -29.09 -18.35 -12.96
CA PHE A 659 -30.29 -19.09 -12.62
C PHE A 659 -30.29 -20.45 -13.31
N GLY A 660 -29.89 -20.46 -14.59
CA GLY A 660 -29.73 -21.66 -15.36
C GLY A 660 -28.63 -22.54 -14.77
N ILE A 661 -27.63 -21.88 -14.17
CA ILE A 661 -26.61 -22.55 -13.38
C ILE A 661 -27.26 -23.23 -12.17
N VAL A 662 -28.11 -22.48 -11.44
CA VAL A 662 -28.69 -22.96 -10.18
C VAL A 662 -29.68 -24.10 -10.44
N TYR A 663 -30.36 -24.05 -11.59
CA TYR A 663 -31.28 -25.10 -11.96
C TYR A 663 -30.54 -26.43 -12.09
N ARG A 664 -29.50 -26.43 -12.94
CA ARG A 664 -28.64 -27.59 -13.14
C ARG A 664 -28.14 -28.13 -11.81
N TYR A 665 -27.86 -27.22 -10.85
CA TYR A 665 -27.35 -27.55 -9.54
C TYR A 665 -28.43 -28.24 -8.70
N LYS A 666 -29.64 -27.66 -8.71
CA LYS A 666 -30.78 -28.22 -8.00
C LYS A 666 -31.07 -29.63 -8.50
N LYS A 667 -31.11 -29.78 -9.83
CA LYS A 667 -31.32 -31.05 -10.49
C LYS A 667 -30.24 -32.07 -10.10
N MET A 668 -28.96 -31.67 -10.11
CA MET A 668 -27.81 -32.54 -9.85
C MET A 668 -27.82 -33.10 -8.43
N LYS A 669 -28.35 -32.30 -7.48
CA LYS A 669 -28.48 -32.73 -6.09
C LYS A 669 -29.56 -33.80 -5.96
N GLU A 670 -30.64 -33.67 -6.76
CA GLU A 670 -31.78 -34.58 -6.71
C GLU A 670 -31.48 -35.88 -7.47
N MET A 671 -30.22 -36.14 -7.82
CA MET A 671 -29.93 -37.38 -8.53
C MET A 671 -28.61 -37.93 -7.99
N THR A 672 -28.51 -39.27 -8.00
CA THR A 672 -27.35 -39.93 -7.43
C THR A 672 -26.13 -39.55 -8.27
N ALA A 673 -24.96 -39.79 -7.65
CA ALA A 673 -23.64 -39.58 -8.22
C ALA A 673 -23.59 -39.97 -9.70
N ALA A 674 -24.03 -41.21 -9.98
CA ALA A 674 -23.86 -41.84 -11.28
C ALA A 674 -24.74 -41.18 -12.34
N GLU A 675 -26.00 -40.91 -11.98
CA GLU A 675 -26.95 -40.33 -12.93
C GLU A 675 -26.59 -38.86 -13.19
N ARG A 676 -26.15 -38.20 -12.11
CA ARG A 676 -25.67 -36.83 -12.16
C ARG A 676 -24.58 -36.70 -13.23
N LYS A 677 -23.64 -37.65 -13.24
CA LYS A 677 -22.55 -37.67 -14.20
C LYS A 677 -23.02 -38.02 -15.60
N THR A 678 -24.25 -38.53 -15.80
CA THR A 678 -24.86 -38.38 -17.13
C THR A 678 -25.76 -37.15 -17.07
N ASN A 679 -26.51 -36.86 -18.12
CA ASN A 679 -27.35 -35.65 -18.14
C ASN A 679 -26.48 -34.41 -18.19
N PHE A 680 -25.66 -34.17 -17.13
CA PHE A 680 -24.93 -32.91 -17.08
C PHE A 680 -23.46 -33.11 -17.46
N VAL A 681 -23.01 -32.36 -18.48
CA VAL A 681 -21.61 -32.32 -18.86
C VAL A 681 -20.89 -31.38 -17.88
N PRO A 682 -19.64 -31.72 -17.48
CA PRO A 682 -18.84 -30.83 -16.62
C PRO A 682 -18.67 -29.43 -17.20
N ARG A 683 -18.83 -28.41 -16.35
CA ARG A 683 -18.66 -27.04 -16.80
C ARG A 683 -17.82 -26.25 -15.81
N VAL A 684 -17.05 -25.30 -16.37
CA VAL A 684 -16.60 -24.13 -15.62
C VAL A 684 -17.29 -22.91 -16.21
N CYS A 685 -18.17 -22.29 -15.41
CA CYS A 685 -18.96 -21.13 -15.78
C CYS A 685 -18.25 -19.87 -15.28
N ILE A 686 -17.76 -19.08 -16.25
CA ILE A 686 -17.00 -17.88 -15.97
C ILE A 686 -17.93 -16.67 -16.07
N PHE A 687 -17.94 -15.90 -14.98
CA PHE A 687 -18.56 -14.59 -14.98
C PHE A 687 -17.47 -13.55 -14.75
N GLY A 688 -17.78 -12.31 -15.15
CA GLY A 688 -16.88 -11.18 -15.04
C GLY A 688 -17.48 -9.91 -15.62
N GLY A 689 -16.88 -8.79 -15.23
CA GLY A 689 -17.38 -7.50 -15.65
C GLY A 689 -17.73 -6.68 -14.42
N LYS A 690 -17.97 -5.39 -14.60
CA LYS A 690 -18.10 -4.48 -13.48
C LYS A 690 -19.56 -4.04 -13.39
N ALA A 691 -19.99 -3.72 -12.17
CA ALA A 691 -21.27 -3.06 -11.96
C ALA A 691 -21.02 -1.66 -11.42
N PHE A 692 -21.75 -0.66 -11.95
CA PHE A 692 -21.60 0.71 -11.48
C PHE A 692 -21.96 0.75 -10.00
N ALA A 693 -21.14 1.43 -9.18
CA ALA A 693 -21.23 1.36 -7.73
C ALA A 693 -22.63 1.72 -7.23
N THR A 694 -23.27 2.68 -7.89
CA THR A 694 -24.58 3.19 -7.49
C THR A 694 -25.70 2.18 -7.81
N TYR A 695 -25.55 1.45 -8.93
CA TYR A 695 -26.56 0.55 -9.47
C TYR A 695 -26.68 -0.68 -8.55
N VAL A 696 -27.66 -0.62 -7.63
CA VAL A 696 -27.75 -1.52 -6.48
C VAL A 696 -28.02 -2.96 -6.92
N GLN A 697 -29.02 -3.13 -7.79
CA GLN A 697 -29.45 -4.45 -8.24
C GLN A 697 -28.27 -5.22 -8.85
N ALA A 698 -27.50 -4.51 -9.70
CA ALA A 698 -26.35 -5.06 -10.40
C ALA A 698 -25.30 -5.55 -9.40
N LYS A 699 -25.04 -4.77 -8.35
CA LYS A 699 -24.12 -5.15 -7.29
C LYS A 699 -24.67 -6.36 -6.52
N ARG A 700 -26.01 -6.40 -6.40
CA ARG A 700 -26.72 -7.51 -5.78
C ARG A 700 -26.50 -8.78 -6.60
N ILE A 701 -26.42 -8.62 -7.93
CA ILE A 701 -26.17 -9.71 -8.87
C ILE A 701 -24.75 -10.27 -8.69
N VAL A 702 -23.76 -9.38 -8.53
CA VAL A 702 -22.38 -9.79 -8.31
C VAL A 702 -22.28 -10.64 -7.04
N LYS A 703 -22.90 -10.16 -5.96
CA LYS A 703 -22.95 -10.87 -4.69
C LYS A 703 -23.56 -12.27 -4.89
N PHE A 704 -24.68 -12.30 -5.61
CA PHE A 704 -25.43 -13.54 -5.84
C PHE A 704 -24.51 -14.59 -6.44
N ILE A 705 -23.89 -14.23 -7.56
CA ILE A 705 -23.04 -15.16 -8.30
C ILE A 705 -21.94 -15.67 -7.36
N THR A 706 -21.36 -14.77 -6.56
CA THR A 706 -20.19 -15.10 -5.77
C THR A 706 -20.53 -16.12 -4.67
N ASP A 707 -21.80 -16.12 -4.23
CA ASP A 707 -22.27 -17.04 -3.19
C ASP A 707 -22.65 -18.39 -3.81
N VAL A 708 -23.29 -18.33 -4.99
CA VAL A 708 -23.60 -19.51 -5.77
C VAL A 708 -22.32 -20.33 -5.93
N GLY A 709 -21.27 -19.69 -6.46
CA GLY A 709 -19.95 -20.28 -6.60
C GLY A 709 -19.38 -20.75 -5.25
N ALA A 710 -19.51 -19.91 -4.22
CA ALA A 710 -19.05 -20.22 -2.87
C ALA A 710 -19.49 -21.65 -2.52
N THR A 711 -20.80 -21.91 -2.64
CA THR A 711 -21.41 -23.15 -2.19
C THR A 711 -21.11 -24.30 -3.16
N ILE A 712 -21.49 -24.12 -4.43
CA ILE A 712 -21.34 -25.12 -5.48
C ILE A 712 -19.91 -25.65 -5.54
N ASN A 713 -18.91 -24.75 -5.50
CA ASN A 713 -17.51 -25.10 -5.71
C ASN A 713 -16.92 -25.71 -4.44
N HIS A 714 -17.68 -25.67 -3.35
CA HIS A 714 -17.26 -26.26 -2.09
C HIS A 714 -18.26 -27.33 -1.65
N ASP A 715 -18.78 -28.06 -2.64
CA ASP A 715 -19.74 -29.11 -2.40
C ASP A 715 -19.09 -30.42 -2.80
N PRO A 716 -18.72 -31.30 -1.83
CA PRO A 716 -18.16 -32.62 -2.16
C PRO A 716 -19.04 -33.41 -3.12
N GLU A 717 -20.35 -33.12 -3.10
CA GLU A 717 -21.34 -33.84 -3.87
C GLU A 717 -21.29 -33.46 -5.35
N ILE A 718 -21.02 -32.18 -5.65
CA ILE A 718 -20.88 -31.77 -7.04
C ILE A 718 -19.49 -32.12 -7.52
N GLY A 719 -18.47 -31.53 -6.87
CA GLY A 719 -17.08 -31.71 -7.24
C GLY A 719 -16.71 -30.89 -8.48
N ASP A 720 -16.33 -31.57 -9.56
CA ASP A 720 -15.79 -30.92 -10.73
C ASP A 720 -16.74 -30.99 -11.92
N LEU A 721 -18.02 -31.34 -11.69
CA LEU A 721 -18.96 -31.39 -12.79
C LEU A 721 -19.51 -29.99 -13.05
N LEU A 722 -19.40 -29.14 -12.01
CA LEU A 722 -19.82 -27.76 -12.14
C LEU A 722 -18.95 -26.90 -11.23
N LYS A 723 -18.41 -25.83 -11.82
CA LYS A 723 -17.77 -24.73 -11.09
C LYS A 723 -18.37 -23.43 -11.59
N VAL A 724 -18.44 -22.42 -10.70
CA VAL A 724 -18.89 -21.09 -11.08
C VAL A 724 -17.93 -20.07 -10.47
N VAL A 725 -17.15 -19.40 -11.34
CA VAL A 725 -16.23 -18.39 -10.85
C VAL A 725 -16.65 -17.01 -11.38
N PHE A 726 -16.30 -15.97 -10.61
CA PHE A 726 -16.40 -14.60 -11.08
C PHE A 726 -15.00 -13.98 -11.11
N VAL A 727 -14.57 -13.55 -12.30
CA VAL A 727 -13.22 -13.04 -12.45
C VAL A 727 -13.21 -11.57 -12.06
N PRO A 728 -12.39 -11.18 -11.04
CA PRO A 728 -12.34 -9.79 -10.62
C PRO A 728 -11.67 -8.94 -11.69
N ASP A 729 -12.25 -7.77 -11.97
CA ASP A 729 -11.59 -6.73 -12.75
C ASP A 729 -11.42 -7.18 -14.19
N TYR A 730 -12.54 -7.57 -14.82
CA TYR A 730 -12.51 -7.90 -16.23
C TYR A 730 -12.08 -6.67 -17.03
N ASN A 731 -11.04 -6.87 -17.85
CA ASN A 731 -10.57 -5.88 -18.81
C ASN A 731 -9.81 -6.62 -19.90
N VAL A 732 -9.16 -5.86 -20.77
CA VAL A 732 -8.67 -6.38 -22.03
C VAL A 732 -7.75 -7.56 -21.77
N SER A 733 -6.87 -7.43 -20.77
CA SER A 733 -5.93 -8.48 -20.42
C SER A 733 -6.65 -9.81 -20.20
N VAL A 734 -7.66 -9.76 -19.35
CA VAL A 734 -8.47 -10.91 -19.01
C VAL A 734 -9.12 -11.46 -20.28
N ALA A 735 -9.79 -10.60 -21.06
CA ALA A 735 -10.48 -11.03 -22.26
C ALA A 735 -9.53 -11.80 -23.15
N GLU A 736 -8.31 -11.26 -23.31
CA GLU A 736 -7.29 -11.86 -24.14
C GLU A 736 -6.97 -13.28 -23.68
N LEU A 737 -7.38 -13.64 -22.46
CA LEU A 737 -6.99 -14.89 -21.83
C LEU A 737 -8.15 -15.88 -21.84
N LEU A 738 -9.32 -15.38 -21.46
CA LEU A 738 -10.51 -16.20 -21.42
C LEU A 738 -10.96 -16.54 -22.83
N ILE A 739 -11.03 -15.53 -23.72
CA ILE A 739 -11.60 -15.68 -25.05
C ILE A 739 -10.95 -16.82 -25.82
N PRO A 740 -9.61 -16.91 -25.94
CA PRO A 740 -8.98 -18.05 -26.63
C PRO A 740 -9.39 -19.42 -26.08
N ALA A 741 -9.78 -19.47 -24.81
CA ALA A 741 -9.98 -20.76 -24.15
C ALA A 741 -11.46 -21.08 -23.98
N SER A 742 -12.33 -20.34 -24.66
CA SER A 742 -13.78 -20.48 -24.46
C SER A 742 -14.34 -21.54 -25.40
N ASP A 743 -15.29 -22.33 -24.88
CA ASP A 743 -16.01 -23.33 -25.66
C ASP A 743 -17.37 -22.76 -26.03
N LEU A 744 -18.10 -22.30 -25.00
CA LEU A 744 -19.35 -21.57 -25.14
C LEU A 744 -19.19 -20.18 -24.52
N SER A 745 -19.82 -19.20 -25.18
CA SER A 745 -19.94 -17.86 -24.63
C SER A 745 -21.36 -17.32 -24.80
N GLU A 746 -21.75 -16.50 -23.83
CA GLU A 746 -23.16 -16.13 -23.68
C GLU A 746 -23.34 -14.65 -24.00
N HIS A 747 -24.28 -14.39 -24.91
CA HIS A 747 -24.70 -13.05 -25.31
C HIS A 747 -26.23 -13.00 -25.32
N ILE A 748 -26.79 -12.86 -24.11
CA ILE A 748 -28.16 -13.28 -23.82
C ILE A 748 -28.98 -12.10 -23.34
N SER A 749 -28.54 -10.88 -23.69
CA SER A 749 -29.24 -9.63 -23.44
C SER A 749 -30.70 -9.77 -23.84
N THR A 750 -31.60 -9.04 -23.19
CA THR A 750 -32.98 -9.06 -23.67
C THR A 750 -33.00 -8.55 -25.11
N ALA A 751 -33.73 -9.28 -25.98
CA ALA A 751 -33.66 -9.04 -27.41
C ALA A 751 -34.12 -7.62 -27.77
N GLY A 752 -33.50 -7.06 -28.82
CA GLY A 752 -33.79 -5.73 -29.31
C GLY A 752 -33.13 -4.60 -28.51
N MET A 753 -32.33 -4.96 -27.49
CA MET A 753 -31.70 -3.98 -26.63
C MET A 753 -30.22 -3.73 -27.00
N GLU A 754 -29.45 -4.80 -27.28
CA GLU A 754 -28.06 -4.73 -27.71
C GLU A 754 -27.93 -4.21 -29.14
N ALA A 755 -27.20 -3.11 -29.31
CA ALA A 755 -27.02 -2.53 -30.62
C ALA A 755 -26.18 -3.44 -31.50
N SER A 756 -25.15 -4.05 -30.90
CA SER A 756 -24.13 -4.78 -31.63
C SER A 756 -23.44 -5.80 -30.73
N GLY A 757 -22.64 -5.30 -29.78
CA GLY A 757 -21.74 -6.11 -28.98
C GLY A 757 -20.50 -6.50 -29.79
N THR A 758 -19.34 -6.57 -29.13
CA THR A 758 -18.11 -6.88 -29.81
C THR A 758 -17.40 -8.10 -29.20
N SER A 759 -17.72 -8.43 -27.94
CA SER A 759 -17.17 -9.64 -27.33
C SER A 759 -17.50 -10.84 -28.20
N ASN A 760 -18.72 -10.86 -28.73
CA ASN A 760 -19.24 -12.02 -29.44
C ASN A 760 -18.48 -12.25 -30.74
N MET A 761 -17.76 -11.22 -31.22
CA MET A 761 -16.98 -11.31 -32.45
C MET A 761 -15.59 -11.90 -32.17
N1 LLP A 762 -14.52 -5.27 -22.30
C2 LLP A 762 -13.43 -5.84 -22.81
C2' LLP A 762 -12.25 -6.00 -21.93
C3 LLP A 762 -13.40 -6.29 -24.15
O3 LLP A 762 -12.28 -6.87 -24.63
C4 LLP A 762 -14.53 -6.10 -24.96
C4' LLP A 762 -14.53 -6.56 -26.34
C5 LLP A 762 -15.66 -5.48 -24.40
C6 LLP A 762 -15.60 -5.10 -23.08
C5' LLP A 762 -16.90 -5.26 -25.20
OP4 LLP A 762 -17.64 -6.50 -25.24
P LLP A 762 -19.21 -6.53 -25.44
OP1 LLP A 762 -19.40 -7.85 -26.12
OP2 LLP A 762 -19.78 -6.51 -24.03
OP3 LLP A 762 -19.58 -5.34 -26.33
N LLP A 762 -15.00 -11.48 -31.05
CA LLP A 762 -13.71 -12.00 -30.62
CB LLP A 762 -13.16 -11.24 -29.41
CG LLP A 762 -13.92 -9.96 -29.08
CD LLP A 762 -13.00 -8.95 -28.45
CE LLP A 762 -13.68 -7.65 -28.18
NZ LLP A 762 -13.63 -7.32 -26.78
C LLP A 762 -13.84 -13.48 -30.31
O LLP A 762 -12.90 -14.24 -30.54
N PHE A 763 -15.02 -13.89 -29.80
CA PHE A 763 -15.29 -15.27 -29.44
C PHE A 763 -15.39 -16.11 -30.69
N ALA A 764 -16.30 -15.76 -31.60
CA ALA A 764 -16.45 -16.53 -32.82
C ALA A 764 -15.11 -16.66 -33.53
N MET A 765 -14.31 -15.60 -33.47
CA MET A 765 -13.00 -15.60 -34.09
C MET A 765 -12.13 -16.69 -33.47
N ASN A 766 -12.21 -16.84 -32.15
CA ASN A 766 -11.34 -17.74 -31.41
C ASN A 766 -11.90 -19.16 -31.38
N GLY A 767 -12.91 -19.46 -32.19
CA GLY A 767 -13.43 -20.82 -32.35
C GLY A 767 -14.47 -21.21 -31.32
N CYS A 768 -14.97 -20.19 -30.61
CA CYS A 768 -15.93 -20.37 -29.55
C CYS A 768 -17.33 -20.46 -30.14
N ILE A 769 -18.24 -21.11 -29.43
CA ILE A 769 -19.62 -21.21 -29.88
C ILE A 769 -20.48 -20.29 -29.02
N GLN A 770 -21.47 -19.65 -29.66
CA GLN A 770 -22.22 -18.59 -29.00
C GLN A 770 -23.65 -19.05 -28.75
N ILE A 771 -24.08 -18.96 -27.49
CA ILE A 771 -25.49 -18.98 -27.14
C ILE A 771 -25.92 -17.52 -26.94
N GLY A 772 -27.13 -17.19 -27.38
CA GLY A 772 -27.60 -15.81 -27.25
C GLY A 772 -28.99 -15.60 -27.83
N THR A 773 -29.48 -14.36 -27.69
CA THR A 773 -30.74 -13.92 -28.27
C THR A 773 -30.49 -13.44 -29.70
N LEU A 774 -31.55 -13.39 -30.51
CA LEU A 774 -31.47 -12.76 -31.81
C LEU A 774 -31.51 -11.25 -31.61
N ASP A 775 -30.32 -10.61 -31.62
CA ASP A 775 -30.20 -9.16 -31.72
C ASP A 775 -28.72 -8.74 -31.78
N GLY A 776 -28.52 -7.50 -32.26
CA GLY A 776 -27.21 -6.92 -32.46
C GLY A 776 -26.39 -7.70 -33.46
N ALA A 777 -25.11 -7.87 -33.14
CA ALA A 777 -24.17 -8.52 -34.03
C ALA A 777 -24.51 -10.00 -34.11
N ASN A 778 -25.17 -10.50 -33.06
CA ASN A 778 -25.56 -11.91 -32.95
C ASN A 778 -26.23 -12.35 -34.24
N VAL A 779 -27.05 -11.47 -34.82
CA VAL A 779 -27.87 -11.81 -35.97
C VAL A 779 -26.99 -12.10 -37.18
N GLU A 780 -25.99 -11.24 -37.40
CA GLU A 780 -25.07 -11.39 -38.52
C GLU A 780 -24.10 -12.55 -38.28
N ILE A 781 -23.57 -12.64 -37.05
CA ILE A 781 -22.65 -13.72 -36.74
C ILE A 781 -23.31 -15.07 -37.07
N ARG A 782 -24.56 -15.27 -36.60
CA ARG A 782 -25.31 -16.49 -36.87
C ARG A 782 -25.39 -16.76 -38.38
N GLU A 783 -25.66 -15.69 -39.16
CA GLU A 783 -25.80 -15.78 -40.61
C GLU A 783 -24.49 -16.22 -41.26
N GLU A 784 -23.36 -15.80 -40.66
CA GLU A 784 -22.06 -15.99 -41.25
C GLU A 784 -21.46 -17.32 -40.82
N VAL A 785 -21.54 -17.62 -39.51
CA VAL A 785 -20.94 -18.82 -38.94
C VAL A 785 -21.74 -20.02 -39.40
N GLY A 786 -23.08 -19.86 -39.42
CA GLY A 786 -23.98 -20.95 -39.75
C GLY A 786 -25.04 -21.13 -38.67
N GLU A 787 -26.31 -21.19 -39.12
CA GLU A 787 -27.44 -21.24 -38.21
C GLU A 787 -27.26 -22.38 -37.21
N GLU A 788 -26.58 -23.45 -37.65
CA GLU A 788 -26.50 -24.66 -36.83
C GLU A 788 -25.18 -24.71 -36.07
N ASN A 789 -24.43 -23.62 -36.14
CA ASN A 789 -23.18 -23.51 -35.40
C ASN A 789 -23.27 -22.34 -34.45
N PHE A 790 -24.51 -21.90 -34.20
CA PHE A 790 -24.78 -20.84 -33.25
C PHE A 790 -26.06 -21.18 -32.49
N PHE A 791 -26.01 -21.23 -31.15
CA PHE A 791 -27.18 -21.60 -30.35
C PHE A 791 -28.04 -20.36 -30.11
N LEU A 792 -29.33 -20.47 -30.39
CA LEU A 792 -30.26 -19.35 -30.29
C LEU A 792 -31.44 -19.71 -29.38
N PHE A 793 -32.03 -18.70 -28.72
CA PHE A 793 -33.22 -18.87 -27.91
C PHE A 793 -33.91 -17.53 -27.70
N GLY A 794 -35.02 -17.57 -26.94
CA GLY A 794 -35.66 -16.37 -26.38
C GLY A 794 -36.68 -15.73 -27.31
N ALA A 795 -37.47 -14.80 -26.75
CA ALA A 795 -38.36 -13.94 -27.50
C ALA A 795 -37.55 -12.94 -28.32
N GLN A 796 -38.05 -12.63 -29.52
CA GLN A 796 -37.36 -11.79 -30.51
C GLN A 796 -37.83 -10.35 -30.37
N ALA A 797 -36.99 -9.42 -30.88
CA ALA A 797 -37.00 -8.01 -30.51
C ALA A 797 -38.40 -7.39 -30.64
N HIS A 798 -39.14 -7.83 -31.66
CA HIS A 798 -40.45 -7.26 -31.95
C HIS A 798 -41.47 -7.64 -30.89
N GLU A 799 -41.38 -8.85 -30.35
CA GLU A 799 -42.40 -9.34 -29.44
C GLU A 799 -42.39 -8.66 -28.06
N ILE A 800 -41.24 -8.08 -27.65
CA ILE A 800 -40.99 -7.77 -26.25
C ILE A 800 -42.17 -6.99 -25.66
N ALA A 801 -42.62 -5.95 -26.38
CA ALA A 801 -43.69 -5.08 -25.91
C ALA A 801 -44.99 -5.87 -25.77
N GLY A 802 -45.26 -6.76 -26.75
CA GLY A 802 -46.31 -7.77 -26.62
C GLY A 802 -46.25 -8.49 -25.28
N LEU A 803 -45.06 -9.01 -24.92
CA LEU A 803 -44.89 -9.90 -23.77
C LEU A 803 -44.92 -9.10 -22.48
N ARG A 804 -44.49 -7.84 -22.55
CA ARG A 804 -44.55 -6.97 -21.39
C ARG A 804 -46.00 -6.56 -21.18
N LYS A 805 -46.72 -6.34 -22.29
CA LYS A 805 -48.14 -6.03 -22.23
C LYS A 805 -48.87 -7.18 -21.54
N GLU A 806 -48.48 -8.41 -21.93
CA GLU A 806 -48.94 -9.66 -21.36
C GLU A 806 -48.71 -9.68 -19.85
N ARG A 807 -47.53 -9.21 -19.40
CA ARG A 807 -47.23 -9.12 -17.98
C ARG A 807 -48.12 -8.07 -17.32
N ALA A 808 -48.28 -6.92 -18.00
CA ALA A 808 -49.03 -5.77 -17.53
C ALA A 808 -50.52 -6.10 -17.31
N ASP A 809 -51.05 -7.01 -18.14
CA ASP A 809 -52.43 -7.48 -18.05
C ASP A 809 -52.54 -8.65 -17.08
N GLY A 810 -51.50 -9.50 -17.03
CA GLY A 810 -51.43 -10.65 -16.14
C GLY A 810 -51.83 -11.93 -16.86
N LYS A 811 -51.06 -12.28 -17.91
CA LYS A 811 -51.28 -13.45 -18.76
C LYS A 811 -50.01 -14.32 -18.78
N PHE A 812 -48.88 -13.79 -18.28
CA PHE A 812 -47.59 -14.43 -18.50
C PHE A 812 -47.60 -15.94 -18.26
N VAL A 813 -47.98 -16.38 -17.05
CA VAL A 813 -47.85 -17.76 -16.56
C VAL A 813 -46.40 -18.28 -16.57
N PRO A 814 -45.67 -18.20 -15.43
CA PRO A 814 -44.28 -18.65 -15.37
C PRO A 814 -44.11 -20.17 -15.53
N ASP A 815 -42.92 -20.61 -15.91
CA ASP A 815 -42.58 -22.02 -15.94
C ASP A 815 -42.19 -22.49 -14.54
N GLU A 816 -42.64 -23.72 -14.22
CA GLU A 816 -42.54 -24.34 -12.90
C GLU A 816 -41.07 -24.44 -12.49
N ARG A 817 -40.21 -24.53 -13.50
CA ARG A 817 -38.78 -24.63 -13.28
C ARG A 817 -38.25 -23.28 -12.80
N PHE A 818 -38.86 -22.19 -13.31
CA PHE A 818 -38.49 -20.85 -12.85
C PHE A 818 -38.83 -20.72 -11.37
N GLU A 819 -40.09 -21.04 -11.04
CA GLU A 819 -40.60 -21.03 -9.67
C GLU A 819 -39.68 -21.82 -8.73
N GLU A 820 -39.30 -23.04 -9.14
CA GLU A 820 -38.36 -23.89 -8.42
C GLU A 820 -37.15 -23.07 -7.96
N VAL A 821 -36.38 -22.54 -8.93
CA VAL A 821 -35.10 -21.89 -8.65
C VAL A 821 -35.28 -20.86 -7.53
N LYS A 822 -36.30 -19.99 -7.65
CA LYS A 822 -36.51 -18.86 -6.76
C LYS A 822 -36.70 -19.38 -5.34
N GLU A 823 -37.53 -20.42 -5.20
CA GLU A 823 -37.83 -20.96 -3.90
C GLU A 823 -36.56 -21.57 -3.27
N PHE A 824 -35.82 -22.31 -4.11
CA PHE A 824 -34.61 -23.02 -3.69
C PHE A 824 -33.59 -22.03 -3.13
N VAL A 825 -33.50 -20.85 -3.77
CA VAL A 825 -32.60 -19.80 -3.30
C VAL A 825 -33.16 -19.21 -2.00
N ARG A 826 -34.46 -18.86 -2.01
CA ARG A 826 -35.11 -18.34 -0.83
C ARG A 826 -34.76 -19.21 0.39
N SER A 827 -34.80 -20.54 0.21
CA SER A 827 -34.50 -21.48 1.29
C SER A 827 -33.16 -21.15 1.97
N GLY A 828 -32.33 -20.33 1.29
CA GLY A 828 -31.08 -19.83 1.85
C GLY A 828 -29.95 -20.82 1.65
N ALA A 829 -30.00 -21.50 0.48
CA ALA A 829 -29.05 -22.51 0.05
C ALA A 829 -27.66 -21.88 -0.04
N PHE A 830 -27.64 -20.61 -0.44
CA PHE A 830 -26.41 -19.87 -0.61
C PHE A 830 -26.10 -19.11 0.69
N GLY A 831 -27.03 -19.23 1.65
CA GLY A 831 -26.70 -19.05 3.05
C GLY A 831 -27.31 -17.78 3.65
N SER A 832 -26.47 -17.07 4.41
CA SER A 832 -26.87 -16.02 5.34
C SER A 832 -27.25 -14.71 4.65
N TYR A 833 -26.69 -14.44 3.46
CA TYR A 833 -27.09 -13.25 2.72
C TYR A 833 -28.53 -13.45 2.26
N ASN A 834 -29.40 -12.47 2.55
CA ASN A 834 -30.79 -12.57 2.15
C ASN A 834 -30.98 -11.96 0.77
N TYR A 835 -31.73 -12.67 -0.10
CA TYR A 835 -31.84 -12.33 -1.51
C TYR A 835 -33.18 -11.64 -1.85
N ASP A 836 -34.26 -12.03 -1.18
CA ASP A 836 -35.63 -11.64 -1.54
C ASP A 836 -35.66 -10.56 -2.63
N ASP A 837 -35.57 -9.30 -2.21
CA ASP A 837 -35.48 -8.07 -3.01
C ASP A 837 -34.78 -8.20 -4.37
N LEU A 838 -33.83 -9.13 -4.54
CA LEU A 838 -33.29 -9.49 -5.85
C LEU A 838 -34.36 -10.15 -6.74
N ILE A 839 -35.04 -11.19 -6.22
CA ILE A 839 -36.20 -11.76 -6.91
C ILE A 839 -37.30 -10.69 -6.97
N GLY A 840 -37.38 -9.87 -5.91
CA GLY A 840 -38.24 -8.69 -5.81
C GLY A 840 -38.35 -7.94 -7.14
N SER A 841 -37.22 -7.75 -7.83
CA SER A 841 -37.19 -7.05 -9.11
C SER A 841 -38.08 -7.76 -10.16
N LEU A 842 -38.03 -9.10 -10.15
CA LEU A 842 -38.63 -9.87 -11.22
C LEU A 842 -40.14 -10.02 -11.00
N GLU A 843 -40.59 -10.08 -9.73
CA GLU A 843 -41.97 -10.42 -9.40
C GLU A 843 -42.88 -9.20 -9.44
N GLY A 844 -44.20 -9.46 -9.49
CA GLY A 844 -45.21 -8.42 -9.66
C GLY A 844 -45.45 -8.10 -11.13
N ASN A 845 -46.60 -7.48 -11.43
CA ASN A 845 -46.96 -7.28 -12.83
C ASN A 845 -46.73 -5.82 -13.21
N GLU A 846 -46.91 -4.93 -12.22
CA GLU A 846 -46.73 -3.50 -12.41
C GLU A 846 -45.47 -3.06 -11.65
N GLY A 847 -44.95 -1.89 -12.03
CA GLY A 847 -44.05 -1.15 -11.15
C GLY A 847 -42.68 -0.79 -11.77
N PHE A 848 -42.04 0.20 -11.12
CA PHE A 848 -40.69 0.66 -11.40
C PHE A 848 -39.70 -0.50 -11.32
N GLY A 849 -39.61 -1.15 -10.15
CA GLY A 849 -38.59 -2.16 -9.94
C GLY A 849 -39.13 -3.57 -10.15
N ARG A 850 -40.46 -3.70 -10.12
CA ARG A 850 -41.10 -5.00 -10.23
C ARG A 850 -41.28 -5.34 -11.71
N ALA A 851 -41.76 -6.57 -11.96
CA ALA A 851 -42.40 -6.94 -13.23
C ALA A 851 -41.42 -7.60 -14.21
N ASP A 852 -40.14 -7.72 -13.82
CA ASP A 852 -39.14 -8.33 -14.68
C ASP A 852 -39.24 -7.70 -16.08
N TYR A 853 -38.84 -6.42 -16.13
CA TYR A 853 -38.83 -5.64 -17.36
C TYR A 853 -38.14 -6.44 -18.48
N PHE A 854 -37.11 -7.22 -18.12
CA PHE A 854 -36.15 -7.80 -19.07
C PHE A 854 -36.44 -9.26 -19.37
N LEU A 855 -37.62 -9.75 -18.96
CA LEU A 855 -38.19 -11.02 -19.39
C LEU A 855 -37.26 -12.20 -19.13
N VAL A 856 -36.67 -12.22 -17.92
CA VAL A 856 -35.84 -13.34 -17.48
C VAL A 856 -36.72 -14.58 -17.38
N GLY A 857 -37.77 -14.48 -16.54
CA GLY A 857 -38.74 -15.54 -16.33
C GLY A 857 -39.32 -16.11 -17.63
N LYS A 858 -39.52 -15.25 -18.64
CA LYS A 858 -40.18 -15.64 -19.88
C LYS A 858 -39.20 -16.32 -20.83
N ASP A 859 -37.95 -15.85 -20.86
CA ASP A 859 -36.98 -16.43 -21.78
C ASP A 859 -36.42 -17.71 -21.15
N PHE A 860 -36.36 -17.73 -19.81
CA PHE A 860 -35.74 -18.78 -19.02
C PHE A 860 -35.95 -20.19 -19.58
N PRO A 861 -37.20 -20.63 -19.91
CA PRO A 861 -37.44 -22.01 -20.34
C PRO A 861 -36.65 -22.43 -21.58
N SER A 862 -36.81 -21.67 -22.66
CA SER A 862 -36.04 -21.92 -23.88
C SER A 862 -34.53 -21.83 -23.59
N TYR A 863 -34.16 -20.95 -22.66
CA TYR A 863 -32.76 -20.81 -22.31
C TYR A 863 -32.23 -22.17 -21.86
N ILE A 864 -32.75 -22.65 -20.73
CA ILE A 864 -32.17 -23.81 -20.10
C ILE A 864 -32.23 -25.02 -21.04
N GLU A 865 -33.26 -25.04 -21.89
CA GLU A 865 -33.45 -26.13 -22.83
C GLU A 865 -32.39 -26.05 -23.91
N CYS A 866 -32.08 -24.81 -24.32
CA CYS A 866 -30.98 -24.57 -25.24
C CYS A 866 -29.68 -25.08 -24.60
N GLN A 867 -29.50 -24.79 -23.30
CA GLN A 867 -28.30 -25.20 -22.58
C GLN A 867 -28.17 -26.72 -22.59
N GLU A 868 -29.32 -27.40 -22.63
CA GLU A 868 -29.35 -28.85 -22.76
C GLU A 868 -28.79 -29.25 -24.12
N LYS A 869 -29.13 -28.49 -25.16
CA LYS A 869 -28.65 -28.78 -26.51
C LYS A 869 -27.15 -28.55 -26.64
N VAL A 870 -26.58 -27.70 -25.75
CA VAL A 870 -25.15 -27.50 -25.74
C VAL A 870 -24.48 -28.71 -25.09
N ASP A 871 -25.01 -29.15 -23.93
CA ASP A 871 -24.55 -30.36 -23.26
C ASP A 871 -24.44 -31.46 -24.30
N GLU A 872 -25.55 -31.65 -25.03
CA GLU A 872 -25.75 -32.66 -26.05
C GLU A 872 -24.73 -32.50 -27.17
N ALA A 873 -24.53 -31.25 -27.63
CA ALA A 873 -23.63 -30.99 -28.74
C ALA A 873 -22.20 -31.29 -28.30
N TYR A 874 -21.87 -30.86 -27.07
CA TYR A 874 -20.53 -30.98 -26.53
C TYR A 874 -20.10 -32.44 -26.44
N ARG A 875 -21.06 -33.35 -26.16
CA ARG A 875 -20.82 -34.78 -26.08
C ARG A 875 -20.35 -35.31 -27.43
N ASP A 876 -20.95 -34.81 -28.52
CA ASP A 876 -20.54 -35.20 -29.87
C ASP A 876 -19.40 -34.31 -30.33
N GLN A 877 -18.18 -34.66 -29.90
CA GLN A 877 -16.99 -33.83 -30.04
C GLN A 877 -16.58 -33.63 -31.51
N LYS A 878 -16.96 -34.57 -32.38
CA LYS A 878 -16.70 -34.44 -33.80
C LYS A 878 -17.59 -33.30 -34.32
N ARG A 879 -18.88 -33.32 -33.94
CA ARG A 879 -19.83 -32.28 -34.30
C ARG A 879 -19.38 -30.96 -33.67
N TRP A 880 -19.27 -30.96 -32.33
CA TRP A 880 -18.90 -29.76 -31.60
C TRP A 880 -17.75 -29.05 -32.30
N THR A 881 -16.63 -29.76 -32.43
CA THR A 881 -15.39 -29.21 -32.95
C THR A 881 -15.57 -28.69 -34.38
N THR A 882 -16.50 -29.27 -35.13
CA THR A 882 -16.80 -28.79 -36.47
C THR A 882 -17.42 -27.39 -36.37
N MET A 883 -18.40 -27.28 -35.47
CA MET A 883 -19.07 -26.02 -35.19
C MET A 883 -18.03 -24.96 -34.80
N SER A 884 -17.15 -25.34 -33.86
CA SER A 884 -16.07 -24.47 -33.44
C SER A 884 -15.33 -23.90 -34.63
N ILE A 885 -14.93 -24.78 -35.55
CA ILE A 885 -14.10 -24.42 -36.68
C ILE A 885 -14.89 -23.52 -37.64
N LEU A 886 -16.21 -23.76 -37.69
CA LEU A 886 -17.07 -23.00 -38.60
C LEU A 886 -17.29 -21.57 -38.09
N ASN A 887 -17.29 -21.40 -36.75
CA ASN A 887 -17.36 -20.07 -36.16
C ASN A 887 -16.18 -19.22 -36.62
N THR A 888 -14.97 -19.76 -36.48
CA THR A 888 -13.77 -19.09 -36.94
C THR A 888 -13.81 -18.83 -38.45
N ALA A 889 -14.20 -19.85 -39.22
CA ALA A 889 -14.20 -19.75 -40.67
C ALA A 889 -15.28 -18.80 -41.14
N GLY A 890 -16.15 -18.34 -40.22
CA GLY A 890 -17.26 -17.45 -40.52
C GLY A 890 -17.05 -16.04 -39.98
N SER A 891 -16.01 -15.87 -39.16
CA SER A 891 -15.80 -14.65 -38.39
C SER A 891 -15.11 -13.55 -39.21
N TYR A 892 -14.78 -13.84 -40.48
CA TYR A 892 -13.88 -12.96 -41.22
C TYR A 892 -14.54 -11.60 -41.39
N LYS A 893 -15.84 -11.60 -41.70
CA LYS A 893 -16.54 -10.36 -41.98
C LYS A 893 -16.46 -9.45 -40.76
N PHE A 894 -16.05 -10.00 -39.62
CA PHE A 894 -16.08 -9.24 -38.38
C PHE A 894 -14.70 -8.73 -38.01
N SER A 895 -13.79 -8.65 -39.00
CA SER A 895 -12.54 -7.94 -38.82
C SER A 895 -12.80 -6.44 -38.93
N SER A 896 -12.31 -5.67 -37.95
CA SER A 896 -12.49 -4.23 -37.94
C SER A 896 -11.89 -3.59 -39.19
N ASP A 897 -11.00 -4.33 -39.87
CA ASP A 897 -10.38 -3.93 -41.13
C ASP A 897 -11.43 -3.67 -42.20
N ARG A 898 -12.47 -4.54 -42.24
CA ARG A 898 -13.61 -4.38 -43.14
C ARG A 898 -14.42 -3.15 -42.74
N THR A 899 -14.54 -2.90 -41.43
CA THR A 899 -15.32 -1.79 -40.92
C THR A 899 -14.66 -0.46 -41.30
N ILE A 900 -13.34 -0.40 -41.11
CA ILE A 900 -12.59 0.82 -41.32
C ILE A 900 -12.55 1.18 -42.80
N HIS A 901 -12.37 0.18 -43.67
CA HIS A 901 -12.44 0.39 -45.11
C HIS A 901 -13.74 1.10 -45.45
N GLU A 902 -14.83 0.67 -44.81
CA GLU A 902 -16.17 1.16 -45.10
C GLU A 902 -16.35 2.59 -44.61
N TYR A 903 -15.99 2.84 -43.34
CA TYR A 903 -15.94 4.20 -42.84
C TYR A 903 -15.12 5.05 -43.81
N ALA A 904 -13.91 4.58 -44.12
CA ALA A 904 -12.90 5.34 -44.85
C ALA A 904 -13.35 5.70 -46.27
N LYS A 905 -14.10 4.79 -46.91
CA LYS A 905 -14.52 5.00 -48.29
C LYS A 905 -15.83 5.77 -48.31
N ASP A 906 -16.74 5.45 -47.38
CA ASP A 906 -18.13 5.88 -47.52
C ASP A 906 -18.44 7.15 -46.72
N ILE A 907 -17.62 7.47 -45.72
CA ILE A 907 -17.92 8.61 -44.87
C ILE A 907 -16.78 9.62 -44.99
N TRP A 908 -15.55 9.15 -44.72
CA TRP A 908 -14.39 9.99 -44.54
C TRP A 908 -13.76 10.38 -45.88
N ASN A 909 -13.92 9.53 -46.90
CA ASN A 909 -13.28 9.76 -48.19
C ASN A 909 -11.79 10.01 -47.96
N ILE A 910 -11.17 9.16 -47.13
CA ILE A 910 -9.72 9.17 -46.97
C ILE A 910 -9.15 8.00 -47.76
N GLU A 911 -7.94 8.17 -48.27
CA GLU A 911 -7.25 7.11 -49.00
C GLU A 911 -6.01 6.73 -48.21
N ALA A 912 -5.48 5.54 -48.47
CA ALA A 912 -4.32 5.04 -47.75
C ALA A 912 -3.03 5.74 -48.20
N VAL A 913 -2.20 6.11 -47.23
CA VAL A 913 -0.89 6.69 -47.48
C VAL A 913 0.16 5.67 -47.05
N GLU A 914 1.00 5.25 -48.01
CA GLU A 914 2.06 4.29 -47.75
C GLU A 914 3.33 5.03 -47.33
N ILE A 915 3.98 4.48 -46.29
CA ILE A 915 5.16 5.09 -45.70
C ILE A 915 6.34 4.23 -46.12
N ALA A 916 7.26 4.80 -46.91
CA ALA A 916 8.44 4.14 -47.43
C ALA A 916 9.41 3.72 -46.30
N ALA B 23 34.69 7.72 -22.27
CA ALA B 23 34.74 9.23 -22.32
C ALA B 23 34.43 9.72 -23.75
N PRO B 24 33.33 10.49 -23.95
CA PRO B 24 32.89 10.88 -25.30
C PRO B 24 33.50 12.17 -25.87
N ASP B 25 33.13 12.48 -27.12
CA ASP B 25 33.57 13.68 -27.81
C ASP B 25 32.38 14.29 -28.52
N ALA B 26 32.61 15.43 -29.18
CA ALA B 26 31.57 16.20 -29.85
C ALA B 26 30.80 15.35 -30.85
N ALA B 27 31.54 14.53 -31.62
CA ALA B 27 30.94 13.60 -32.57
C ALA B 27 29.88 12.74 -31.88
N SER B 28 30.26 12.12 -30.75
CA SER B 28 29.39 11.20 -30.03
C SER B 28 28.22 11.93 -29.37
N ILE B 29 28.47 13.16 -28.91
CA ILE B 29 27.48 13.90 -28.15
C ILE B 29 26.42 14.45 -29.09
N THR B 30 26.84 14.77 -30.32
CA THR B 30 25.87 15.25 -31.29
C THR B 30 24.78 14.20 -31.45
N SER B 31 25.22 12.93 -31.43
CA SER B 31 24.34 11.79 -31.59
C SER B 31 23.51 11.57 -30.33
N SER B 32 24.16 11.75 -29.17
CA SER B 32 23.53 11.60 -27.87
C SER B 32 22.32 12.54 -27.75
N ILE B 33 22.48 13.77 -28.25
CA ILE B 33 21.45 14.80 -28.20
C ILE B 33 20.38 14.52 -29.26
N LYS B 34 20.81 14.19 -30.48
CA LYS B 34 19.82 13.88 -31.50
C LYS B 34 18.90 12.78 -30.98
N TYR B 35 19.50 11.77 -30.32
CA TYR B 35 18.79 10.62 -29.80
C TYR B 35 17.70 11.05 -28.82
N HIS B 36 18.11 11.82 -27.79
CA HIS B 36 17.25 12.21 -26.69
C HIS B 36 16.13 13.12 -27.16
N ALA B 37 16.44 13.98 -28.14
CA ALA B 37 15.45 14.90 -28.66
C ALA B 37 14.29 14.13 -29.29
N GLU B 38 14.65 13.02 -29.94
CA GLU B 38 13.68 12.22 -30.68
C GLU B 38 13.03 11.18 -29.78
N PHE B 39 13.84 10.52 -28.94
CA PHE B 39 13.45 9.27 -28.29
C PHE B 39 13.12 9.42 -26.80
N THR B 40 13.71 10.42 -26.13
CA THR B 40 13.25 10.78 -24.80
C THR B 40 12.57 12.13 -24.90
N PRO B 41 11.54 12.30 -25.76
CA PRO B 41 11.03 13.63 -26.09
C PRO B 41 10.01 14.17 -25.09
N VAL B 42 9.95 15.49 -24.97
CA VAL B 42 8.93 16.16 -24.20
C VAL B 42 8.28 17.26 -25.05
N PHE B 43 8.64 17.35 -26.33
CA PHE B 43 8.03 18.27 -27.28
C PHE B 43 7.64 17.50 -28.55
N SER B 44 6.80 18.11 -29.39
CA SER B 44 6.45 17.52 -30.67
C SER B 44 7.64 17.57 -31.63
N PRO B 45 7.61 16.88 -32.79
CA PRO B 45 8.81 16.74 -33.63
C PRO B 45 9.00 17.97 -34.52
N GLU B 46 7.98 18.83 -34.56
CA GLU B 46 8.00 20.12 -35.25
C GLU B 46 9.13 21.00 -34.69
N ARG B 47 10.23 21.12 -35.45
CA ARG B 47 11.35 22.01 -35.16
C ARG B 47 12.13 21.60 -33.92
N PHE B 48 13.40 22.05 -33.89
CA PHE B 48 14.34 21.87 -32.80
C PHE B 48 14.63 23.22 -32.15
N GLU B 49 13.64 23.77 -31.44
CA GLU B 49 13.73 25.07 -30.80
C GLU B 49 14.72 25.06 -29.63
N LEU B 50 14.74 26.15 -28.85
CA LEU B 50 15.67 26.34 -27.73
C LEU B 50 15.35 25.42 -26.57
N PRO B 51 14.09 25.38 -26.07
CA PRO B 51 13.76 24.53 -24.92
C PRO B 51 13.85 23.04 -25.23
N LYS B 52 13.54 22.66 -26.46
CA LYS B 52 13.79 21.31 -26.92
C LYS B 52 15.28 21.03 -26.75
N ALA B 53 16.10 21.90 -27.35
CA ALA B 53 17.54 21.76 -27.44
C ALA B 53 18.16 21.67 -26.05
N PHE B 54 17.63 22.45 -25.11
CA PHE B 54 18.12 22.39 -23.74
C PHE B 54 17.78 21.04 -23.14
N PHE B 55 16.50 20.65 -23.31
CA PHE B 55 16.02 19.44 -22.69
C PHE B 55 16.91 18.29 -23.11
N ALA B 56 17.00 18.05 -24.42
CA ALA B 56 17.81 16.98 -24.99
C ALA B 56 19.27 17.09 -24.57
N THR B 57 19.82 18.31 -24.47
CA THR B 57 21.21 18.45 -24.08
C THR B 57 21.39 17.90 -22.66
N ALA B 58 20.51 18.35 -21.76
CA ALA B 58 20.57 17.95 -20.36
C ALA B 58 20.42 16.44 -20.18
N GLN B 59 19.50 15.82 -20.94
CA GLN B 59 19.32 14.39 -20.92
C GLN B 59 20.64 13.70 -21.28
N SER B 60 21.33 14.21 -22.30
CA SER B 60 22.65 13.73 -22.66
C SER B 60 23.55 13.73 -21.44
N VAL B 61 23.66 14.89 -20.79
CA VAL B 61 24.57 15.04 -19.67
C VAL B 61 24.24 14.04 -18.57
N ARG B 62 22.94 13.86 -18.30
CA ARG B 62 22.50 12.93 -17.27
C ARG B 62 23.18 11.58 -17.52
N ASP B 63 22.90 11.04 -18.71
CA ASP B 63 23.44 9.75 -19.13
C ASP B 63 24.87 9.64 -18.59
N SER B 64 25.72 10.61 -18.92
CA SER B 64 27.09 10.62 -18.42
C SER B 64 27.07 10.56 -16.90
N LEU B 65 26.25 11.41 -16.27
CA LEU B 65 26.22 11.51 -14.82
C LEU B 65 25.81 10.19 -14.17
N LEU B 66 24.93 9.43 -14.85
CA LEU B 66 24.38 8.19 -14.30
C LEU B 66 25.40 7.06 -14.38
N ILE B 67 26.23 7.05 -15.43
CA ILE B 67 27.36 6.13 -15.47
C ILE B 67 28.11 6.26 -14.15
N ASN B 68 28.50 7.50 -13.82
CA ASN B 68 29.35 7.75 -12.67
C ASN B 68 28.55 7.65 -11.37
N TRP B 69 27.23 7.85 -11.45
CA TRP B 69 26.40 7.74 -10.26
C TRP B 69 26.32 6.27 -9.81
N ASN B 70 26.18 5.39 -10.80
CA ASN B 70 26.08 3.96 -10.57
C ASN B 70 27.44 3.41 -10.17
N ALA B 71 28.51 4.01 -10.70
CA ALA B 71 29.86 3.64 -10.34
C ALA B 71 30.08 3.91 -8.86
N THR B 72 29.77 5.14 -8.44
CA THR B 72 29.88 5.55 -7.05
C THR B 72 29.02 4.65 -6.17
N TYR B 73 27.79 4.31 -6.62
CA TYR B 73 26.87 3.47 -5.84
C TYR B 73 27.49 2.11 -5.56
N ASP B 74 28.06 1.48 -6.61
CA ASP B 74 28.71 0.17 -6.55
C ASP B 74 29.86 0.20 -5.56
N ILE B 75 30.77 1.15 -5.75
CA ILE B 75 31.96 1.24 -4.91
C ILE B 75 31.53 1.46 -3.45
N TYR B 76 30.48 2.24 -3.25
CA TYR B 76 30.04 2.55 -1.91
C TYR B 76 29.42 1.32 -1.26
N GLU B 77 28.71 0.52 -2.07
CA GLU B 77 28.01 -0.68 -1.62
C GLU B 77 29.02 -1.72 -1.17
N LYS B 78 29.98 -2.00 -2.06
CA LYS B 78 30.99 -2.99 -1.79
C LYS B 78 31.74 -2.62 -0.52
N LEU B 79 32.23 -1.39 -0.43
CA LEU B 79 33.12 -0.96 0.63
C LEU B 79 32.37 -0.72 1.92
N ASN B 80 31.08 -0.37 1.83
CA ASN B 80 30.26 -0.10 3.00
C ASN B 80 31.10 0.67 4.03
N MET B 81 31.66 1.81 3.61
CA MET B 81 32.43 2.69 4.46
C MET B 81 31.50 3.68 5.17
N LYS B 82 32.05 4.55 6.01
CA LYS B 82 31.20 5.52 6.67
C LYS B 82 30.69 6.48 5.61
N GLN B 83 29.37 6.69 5.59
CA GLN B 83 28.77 7.68 4.70
C GLN B 83 28.22 8.81 5.59
N ALA B 84 28.17 10.02 5.01
CA ALA B 84 27.73 11.21 5.74
C ALA B 84 26.47 11.78 5.09
N TYR B 85 25.69 12.56 5.86
CA TYR B 85 24.36 12.93 5.40
C TYR B 85 23.99 14.35 5.82
N TYR B 86 23.92 15.25 4.83
CA TYR B 86 23.63 16.65 5.03
C TYR B 86 22.15 16.89 4.76
N LEU B 87 21.40 17.16 5.84
CA LEU B 87 19.98 17.42 5.78
C LEU B 87 19.79 18.94 5.81
N SER B 88 19.01 19.46 4.85
CA SER B 88 18.78 20.89 4.80
C SER B 88 17.36 21.18 4.34
N MET B 89 16.70 22.12 5.04
CA MET B 89 15.37 22.54 4.64
C MET B 89 15.43 23.21 3.28
N GLU B 90 16.65 23.64 2.88
CA GLU B 90 16.83 24.25 1.57
C GLU B 90 18.18 23.92 0.93
N PHE B 91 18.12 23.68 -0.40
CA PHE B 91 19.24 23.51 -1.30
C PHE B 91 19.08 24.47 -2.47
N LEU B 92 20.04 25.38 -2.63
CA LEU B 92 19.95 26.38 -3.68
C LEU B 92 20.85 25.96 -4.84
N GLN B 93 20.42 24.88 -5.49
CA GLN B 93 21.22 24.17 -6.47
C GLN B 93 21.56 25.08 -7.64
N GLY B 94 20.60 25.93 -8.01
CA GLY B 94 20.74 26.81 -9.16
C GLY B 94 20.58 26.02 -10.45
N ARG B 95 21.40 26.34 -11.46
CA ARG B 95 21.38 25.60 -12.71
C ARG B 95 22.48 24.56 -12.69
N ALA B 96 22.30 23.48 -13.46
CA ALA B 96 23.12 22.29 -13.32
C ALA B 96 24.08 22.12 -14.48
N LEU B 97 23.65 22.52 -15.68
CA LEU B 97 24.27 22.13 -16.94
C LEU B 97 25.75 22.52 -17.00
N LEU B 98 26.05 23.77 -16.65
CA LEU B 98 27.36 24.33 -16.91
C LEU B 98 28.38 23.74 -15.96
N ASN B 99 27.98 23.48 -14.71
CA ASN B 99 28.85 22.89 -13.70
C ASN B 99 28.98 21.39 -13.94
N ALA B 100 27.96 20.83 -14.57
CA ALA B 100 27.90 19.43 -14.89
C ALA B 100 28.94 19.11 -15.96
N ILE B 101 28.84 19.78 -17.10
CA ILE B 101 29.74 19.52 -18.21
C ILE B 101 31.11 20.12 -17.90
N GLY B 102 31.17 21.02 -16.91
CA GLY B 102 32.42 21.57 -16.43
C GLY B 102 33.21 20.57 -15.62
N ASN B 103 32.53 19.92 -14.67
CA ASN B 103 33.14 18.92 -13.80
C ASN B 103 33.44 17.63 -14.55
N LEU B 104 32.69 17.36 -15.64
CA LEU B 104 32.91 16.19 -16.45
C LEU B 104 33.96 16.53 -17.50
N GLU B 105 34.33 17.81 -17.58
CA GLU B 105 35.36 18.31 -18.48
C GLU B 105 34.93 18.25 -19.94
N LEU B 106 33.62 18.11 -20.20
CA LEU B 106 33.12 17.93 -21.56
C LEU B 106 32.60 19.26 -22.09
N THR B 107 32.97 20.36 -21.45
CA THR B 107 32.49 21.69 -21.81
C THR B 107 32.68 21.91 -23.30
N GLY B 108 33.92 21.68 -23.78
CA GLY B 108 34.25 21.85 -25.18
C GLY B 108 33.31 21.09 -26.10
N ALA B 109 33.15 19.79 -25.79
CA ALA B 109 32.46 18.83 -26.64
C ALA B 109 30.99 19.19 -26.83
N PHE B 110 30.35 19.66 -25.75
CA PHE B 110 28.94 20.00 -25.79
C PHE B 110 28.72 21.28 -26.61
N ALA B 111 29.64 22.22 -26.44
CA ALA B 111 29.63 23.45 -27.21
C ALA B 111 29.60 23.12 -28.69
N GLU B 112 30.59 22.33 -29.12
CA GLU B 112 30.77 21.99 -30.51
C GLU B 112 29.58 21.19 -31.02
N ALA B 113 29.06 20.28 -30.17
CA ALA B 113 27.92 19.44 -30.50
C ALA B 113 26.75 20.32 -30.92
N LEU B 114 26.47 21.31 -30.06
CA LEU B 114 25.35 22.20 -30.27
C LEU B 114 25.53 22.98 -31.56
N LYS B 115 26.77 23.40 -31.83
CA LYS B 115 27.03 24.08 -33.08
C LYS B 115 26.34 23.26 -34.16
N ASN B 116 26.76 21.99 -34.26
CA ASN B 116 26.32 21.12 -35.33
C ASN B 116 24.80 21.10 -35.40
N LEU B 117 24.13 21.44 -34.30
CA LEU B 117 22.68 21.31 -34.30
C LEU B 117 22.03 22.69 -34.30
N GLY B 118 22.81 23.72 -34.67
CA GLY B 118 22.25 25.05 -34.92
C GLY B 118 21.94 25.82 -33.64
N HIS B 119 22.75 25.60 -32.60
CA HIS B 119 22.60 26.27 -31.33
C HIS B 119 23.98 26.55 -30.75
N ASN B 120 24.02 27.25 -29.63
CA ASN B 120 25.26 27.51 -28.92
C ASN B 120 25.00 27.32 -27.44
N LEU B 121 26.07 27.08 -26.67
CA LEU B 121 25.97 26.67 -25.28
C LEU B 121 25.23 27.70 -24.43
N GLU B 122 25.61 28.98 -24.51
CA GLU B 122 25.03 29.97 -23.62
C GLU B 122 23.53 30.09 -23.88
N ASN B 123 23.13 30.12 -25.16
CA ASN B 123 21.73 30.10 -25.51
C ASN B 123 20.99 29.02 -24.73
N VAL B 124 21.52 27.79 -24.80
CA VAL B 124 20.91 26.58 -24.28
C VAL B 124 20.88 26.63 -22.76
N ALA B 125 21.97 27.09 -22.14
CA ALA B 125 22.08 27.20 -20.70
C ALA B 125 21.03 28.16 -20.15
N SER B 126 20.55 29.08 -21.00
CA SER B 126 19.60 30.14 -20.64
C SER B 126 18.20 29.59 -20.43
N GLN B 127 17.87 28.49 -21.11
CA GLN B 127 16.55 27.89 -21.04
C GLN B 127 16.29 27.28 -19.65
N GLU B 128 17.35 26.81 -18.98
CA GLU B 128 17.24 26.06 -17.74
C GLU B 128 16.85 27.00 -16.61
N PRO B 129 15.71 26.75 -15.92
CA PRO B 129 15.38 27.50 -14.70
C PRO B 129 16.28 27.07 -13.54
N ASP B 130 16.58 27.98 -12.62
CA ASP B 130 17.25 27.57 -11.39
C ASP B 130 16.34 26.60 -10.67
N ALA B 131 16.92 25.56 -10.05
CA ALA B 131 16.18 24.70 -9.14
C ALA B 131 15.72 25.52 -7.96
N ALA B 132 14.41 25.76 -7.89
CA ALA B 132 13.80 26.47 -6.78
C ALA B 132 13.62 25.49 -5.63
N LEU B 133 14.76 25.09 -5.04
CA LEU B 133 14.80 24.13 -3.96
C LEU B 133 15.35 24.82 -2.72
N GLY B 134 15.49 26.13 -2.78
CA GLY B 134 16.09 26.88 -1.69
C GLY B 134 15.87 28.38 -1.81
N ASN B 135 16.48 29.13 -0.88
CA ASN B 135 16.20 30.53 -0.70
C ASN B 135 17.49 31.32 -0.50
N GLY B 136 18.20 31.07 0.61
CA GLY B 136 19.27 31.94 1.07
C GLY B 136 20.61 31.24 1.14
N GLY B 137 21.47 31.74 2.03
CA GLY B 137 22.84 31.27 2.15
C GLY B 137 22.92 29.86 2.71
N LEU B 138 22.04 29.56 3.67
CA LEU B 138 21.99 28.25 4.31
C LEU B 138 21.65 27.21 3.24
N GLY B 139 20.85 27.64 2.27
CA GLY B 139 20.55 26.81 1.12
C GLY B 139 21.76 26.70 0.22
N ARG B 140 22.35 27.84 -0.10
CA ARG B 140 23.50 27.84 -0.99
C ARG B 140 24.65 27.06 -0.35
N LEU B 141 24.82 27.22 0.96
CA LEU B 141 25.93 26.58 1.64
C LEU B 141 25.82 25.09 1.44
N ALA B 142 24.58 24.60 1.49
CA ALA B 142 24.33 23.18 1.27
C ALA B 142 24.80 22.78 -0.13
N SER B 143 24.38 23.53 -1.15
CA SER B 143 24.70 23.24 -2.54
C SER B 143 26.20 23.29 -2.75
N CYS B 144 26.83 24.34 -2.21
CA CYS B 144 28.27 24.53 -2.27
C CYS B 144 28.98 23.34 -1.61
N PHE B 145 28.43 22.86 -0.49
CA PHE B 145 29.03 21.74 0.22
C PHE B 145 29.02 20.49 -0.66
N LEU B 146 27.91 20.23 -1.37
CA LEU B 146 27.77 19.05 -2.20
C LEU B 146 28.85 19.01 -3.26
N ASP B 147 29.05 20.13 -3.96
CA ASP B 147 30.11 20.24 -4.95
C ASP B 147 31.42 19.79 -4.32
N SER B 148 31.71 20.29 -3.11
CA SER B 148 32.96 19.99 -2.43
C SER B 148 33.05 18.49 -2.13
N LEU B 149 31.96 17.89 -1.68
CA LEU B 149 31.98 16.51 -1.24
C LEU B 149 32.23 15.58 -2.43
N ALA B 150 31.49 15.75 -3.51
CA ALA B 150 31.68 14.97 -4.72
C ALA B 150 33.12 15.11 -5.22
N THR B 151 33.59 16.36 -5.30
CA THR B 151 34.90 16.71 -5.83
C THR B 151 36.02 16.08 -5.01
N LEU B 152 35.85 16.07 -3.68
CA LEU B 152 36.88 15.60 -2.76
C LEU B 152 36.71 14.11 -2.47
N ASN B 153 35.71 13.49 -3.10
CA ASN B 153 35.53 12.05 -3.11
C ASN B 153 34.99 11.54 -1.77
N TYR B 154 34.41 12.42 -0.95
CA TYR B 154 33.89 12.02 0.36
C TYR B 154 32.56 11.31 0.18
N PRO B 155 32.36 10.13 0.81
CA PRO B 155 31.07 9.45 0.77
C PRO B 155 30.09 10.29 1.60
N ALA B 156 29.23 11.06 0.93
CA ALA B 156 28.21 11.86 1.58
C ALA B 156 27.07 12.13 0.60
N TRP B 157 25.84 12.29 1.14
CA TRP B 157 24.68 12.60 0.33
C TRP B 157 23.97 13.80 0.93
N GLY B 158 23.09 14.40 0.13
CA GLY B 158 22.24 15.46 0.62
C GLY B 158 20.79 15.02 0.62
N TYR B 159 20.07 15.32 1.70
CA TYR B 159 18.65 15.05 1.80
C TYR B 159 17.87 16.36 1.95
N GLY B 160 16.87 16.52 1.09
CA GLY B 160 16.03 17.71 1.10
C GLY B 160 14.62 17.40 0.58
N LEU B 161 13.74 18.38 0.66
CA LEU B 161 12.41 18.24 0.10
C LEU B 161 12.41 18.75 -1.34
N ARG B 162 11.54 18.19 -2.17
CA ARG B 162 11.36 18.57 -3.56
C ARG B 162 10.21 19.57 -3.67
N TYR B 163 10.52 20.86 -3.43
CA TYR B 163 9.54 21.92 -3.43
C TYR B 163 9.09 22.24 -4.86
N LYS B 164 7.80 22.07 -5.12
CA LYS B 164 7.29 22.18 -6.48
C LYS B 164 7.36 23.61 -6.97
N TYR B 165 7.01 24.58 -6.10
CA TYR B 165 6.83 25.96 -6.51
C TYR B 165 7.79 26.91 -5.79
N GLY B 166 8.80 26.34 -5.12
CA GLY B 166 9.89 27.12 -4.53
C GLY B 166 9.42 28.04 -3.41
N LEU B 167 9.90 29.29 -3.45
CA LEU B 167 9.37 30.38 -2.64
C LEU B 167 8.44 31.17 -3.54
N PHE B 168 8.97 32.15 -4.28
CA PHE B 168 8.16 32.74 -5.33
C PHE B 168 9.04 33.26 -6.46
N LYS B 169 8.42 33.41 -7.63
CA LYS B 169 9.03 34.16 -8.72
C LYS B 169 8.77 35.64 -8.44
N GLN B 170 9.84 36.43 -8.32
CA GLN B 170 9.73 37.84 -7.99
C GLN B 170 9.51 38.65 -9.28
N ARG B 171 8.41 39.40 -9.33
CA ARG B 171 8.18 40.36 -10.39
C ARG B 171 8.33 41.75 -9.81
N ILE B 172 9.06 42.62 -10.51
CA ILE B 172 9.24 43.98 -10.05
C ILE B 172 8.38 44.89 -10.92
N THR B 173 7.09 44.97 -10.57
CA THR B 173 6.15 45.84 -11.26
C THR B 173 6.41 47.29 -10.90
N LYS B 174 5.78 48.19 -11.67
CA LYS B 174 5.67 49.60 -11.36
C LYS B 174 5.29 49.81 -9.89
N ASP B 175 4.48 48.89 -9.31
CA ASP B 175 3.98 49.05 -7.96
C ASP B 175 4.89 48.42 -6.91
N GLY B 176 6.13 48.05 -7.28
CA GLY B 176 7.11 47.42 -6.39
C GLY B 176 7.26 45.91 -6.67
N GLN B 177 7.50 45.12 -5.61
CA GLN B 177 7.57 43.67 -5.73
C GLN B 177 6.19 43.04 -5.69
N GLU B 178 6.03 41.91 -6.40
CA GLU B 178 4.83 41.10 -6.42
C GLU B 178 5.26 39.64 -6.59
N GLU B 179 4.45 38.69 -6.09
CA GLU B 179 4.83 37.29 -6.04
C GLU B 179 4.04 36.49 -7.07
N VAL B 180 4.67 35.42 -7.56
CA VAL B 180 4.03 34.41 -8.42
C VAL B 180 4.68 33.07 -8.07
N ALA B 181 3.93 31.99 -8.24
CA ALA B 181 4.43 30.66 -7.94
C ALA B 181 5.50 30.26 -8.96
N GLU B 182 6.67 29.82 -8.47
CA GLU B 182 7.77 29.41 -9.35
C GLU B 182 7.34 28.20 -10.17
N ASP B 183 7.71 28.18 -11.45
CA ASP B 183 7.14 27.28 -12.46
C ASP B 183 8.22 26.36 -13.02
N TRP B 184 9.26 26.11 -12.22
CA TRP B 184 10.44 25.42 -12.72
C TRP B 184 10.13 23.95 -13.04
N LEU B 185 8.95 23.47 -12.62
CA LEU B 185 8.58 22.08 -12.84
C LEU B 185 7.39 21.97 -13.77
N GLU B 186 7.13 23.00 -14.57
CA GLU B 186 6.05 22.94 -15.52
C GLU B 186 6.28 21.81 -16.52
N ILE B 187 7.50 21.74 -17.04
CA ILE B 187 7.81 20.66 -17.95
C ILE B 187 8.53 19.58 -17.17
N GLY B 188 9.02 19.92 -15.97
CA GLY B 188 9.74 18.93 -15.17
C GLY B 188 11.26 19.08 -15.34
N SER B 189 12.03 18.57 -14.37
CA SER B 189 13.46 18.75 -14.37
C SER B 189 14.14 17.58 -15.04
N PRO B 190 14.99 17.80 -16.06
CA PRO B 190 15.63 16.69 -16.78
C PRO B 190 16.73 16.01 -15.97
N TRP B 191 17.19 16.70 -14.93
CA TRP B 191 18.33 16.26 -14.13
C TRP B 191 17.91 15.27 -13.06
N GLU B 192 16.61 15.11 -12.83
CA GLU B 192 16.16 14.29 -11.71
C GLU B 192 15.83 12.87 -12.18
N VAL B 193 15.91 11.94 -11.23
CA VAL B 193 15.63 10.53 -11.42
C VAL B 193 14.65 10.09 -10.33
N VAL B 194 13.40 9.81 -10.72
CA VAL B 194 12.44 9.33 -9.74
C VAL B 194 12.85 7.91 -9.43
N ARG B 195 12.71 7.50 -8.16
CA ARG B 195 13.01 6.14 -7.72
C ARG B 195 11.76 5.52 -7.12
N ASN B 196 10.91 4.94 -7.97
CA ASN B 196 9.57 4.52 -7.57
C ASN B 196 9.64 3.37 -6.58
N ASP B 197 10.83 2.78 -6.43
CA ASP B 197 11.02 1.73 -5.46
C ASP B 197 11.54 2.34 -4.15
N VAL B 198 11.97 3.61 -4.18
CA VAL B 198 12.35 4.27 -2.95
C VAL B 198 11.21 5.18 -2.49
N SER B 199 10.36 4.68 -1.59
CA SER B 199 9.34 5.50 -0.94
C SER B 199 9.09 5.01 0.48
N TYR B 200 8.91 5.94 1.41
CA TYR B 200 8.77 5.54 2.80
C TYR B 200 7.44 6.02 3.36
N PRO B 201 6.92 5.38 4.42
CA PRO B 201 5.69 5.84 5.07
C PRO B 201 5.96 6.91 6.13
N ILE B 202 5.18 8.00 6.07
CA ILE B 202 5.22 9.06 7.06
C ILE B 202 3.85 9.19 7.69
N LYS B 203 3.83 9.29 9.03
CA LYS B 203 2.60 9.34 9.81
C LYS B 203 2.51 10.66 10.56
N PHE B 204 1.30 11.21 10.66
CA PHE B 204 1.01 12.37 11.51
C PHE B 204 -0.23 12.10 12.37
N TYR B 205 -0.35 12.87 13.46
CA TYR B 205 -1.42 12.74 14.43
C TYR B 205 -1.40 11.33 15.03
N GLY B 206 -2.59 10.78 15.32
CA GLY B 206 -2.73 9.42 15.80
C GLY B 206 -2.52 9.27 17.31
N LYS B 207 -2.48 8.02 17.78
CA LYS B 207 -2.33 7.67 19.19
C LYS B 207 -1.18 6.68 19.34
N VAL B 208 -0.68 6.54 20.57
CA VAL B 208 0.38 5.60 20.88
C VAL B 208 -0.10 4.61 21.94
N SER B 209 0.15 3.32 21.70
CA SER B 209 -0.21 2.30 22.67
C SER B 209 0.92 1.28 22.78
N THR B 210 1.19 0.85 24.02
CA THR B 210 2.22 -0.15 24.29
C THR B 210 1.63 -1.52 24.02
N GLY B 211 2.37 -2.33 23.25
CA GLY B 211 1.97 -3.69 22.93
C GLY B 211 2.65 -4.67 23.86
N SER B 212 2.28 -5.96 23.75
CA SER B 212 2.65 -6.98 24.72
C SER B 212 4.12 -7.38 24.58
N ASP B 213 4.84 -6.65 23.73
CA ASP B 213 6.28 -6.85 23.65
C ASP B 213 6.98 -5.80 24.51
N GLY B 214 6.24 -4.79 24.93
CA GLY B 214 6.76 -3.80 25.85
C GLY B 214 7.23 -2.54 25.14
N LYS B 215 7.03 -2.55 23.81
CA LYS B 215 7.44 -1.44 22.98
C LYS B 215 6.20 -0.62 22.62
N ARG B 216 6.43 0.65 22.24
CA ARG B 216 5.38 1.58 21.85
C ARG B 216 4.94 1.33 20.41
N TYR B 217 3.65 1.54 20.13
CA TYR B 217 3.09 1.43 18.80
C TYR B 217 2.31 2.70 18.47
N TRP B 218 2.76 3.40 17.44
CA TRP B 218 2.18 4.66 17.02
C TRP B 218 1.19 4.42 15.88
N ILE B 219 -0.08 4.24 16.23
CA ILE B 219 -1.10 3.83 15.28
C ILE B 219 -1.94 5.04 14.88
N GLY B 220 -2.68 4.90 13.77
CA GLY B 220 -3.69 5.88 13.38
C GLY B 220 -3.09 7.19 12.88
N GLY B 221 -3.94 8.24 12.85
CA GLY B 221 -3.60 9.53 12.28
C GLY B 221 -3.59 9.52 10.75
N GLU B 222 -2.70 10.33 10.17
CA GLU B 222 -2.58 10.44 8.73
C GLU B 222 -1.40 9.61 8.26
N ASP B 223 -1.52 9.05 7.04
CA ASP B 223 -0.51 8.25 6.39
C ASP B 223 -0.22 8.83 4.99
N ILE B 224 1.05 9.17 4.73
CA ILE B 224 1.44 9.62 3.40
C ILE B 224 2.75 8.94 3.00
N LYS B 225 3.01 8.89 1.70
CA LYS B 225 4.27 8.37 1.18
C LYS B 225 5.24 9.51 0.92
N ALA B 226 6.54 9.21 0.99
CA ALA B 226 7.62 10.11 0.59
C ALA B 226 8.45 9.40 -0.46
N VAL B 227 8.34 9.84 -1.72
CA VAL B 227 8.95 9.20 -2.87
C VAL B 227 10.23 9.96 -3.25
N ALA B 228 11.31 9.21 -3.50
CA ALA B 228 12.63 9.78 -3.68
C ALA B 228 12.82 10.22 -5.13
N TYR B 229 13.44 11.40 -5.28
CA TYR B 229 13.93 11.94 -6.54
C TYR B 229 15.41 12.26 -6.36
N ASP B 230 16.26 11.58 -7.14
CA ASP B 230 17.71 11.71 -7.03
C ASP B 230 18.18 12.76 -8.04
N VAL B 231 19.03 13.66 -7.56
CA VAL B 231 19.70 14.60 -8.46
C VAL B 231 21.19 14.34 -8.34
N PRO B 232 21.87 13.94 -9.44
CA PRO B 232 23.28 13.61 -9.40
C PRO B 232 24.17 14.83 -9.23
N ILE B 233 25.00 14.85 -8.19
CA ILE B 233 25.98 15.90 -8.04
C ILE B 233 27.32 15.33 -8.48
N PRO B 234 27.91 15.78 -9.62
CA PRO B 234 29.22 15.32 -10.05
C PRO B 234 30.35 16.14 -9.45
N GLY B 235 31.45 15.48 -9.11
CA GLY B 235 32.64 16.18 -8.65
C GLY B 235 33.51 16.63 -9.81
N TYR B 236 34.31 17.68 -9.60
CA TYR B 236 35.20 18.23 -10.61
C TYR B 236 36.37 17.28 -10.79
N LYS B 237 36.61 16.85 -12.03
CA LYS B 237 37.75 16.03 -12.43
C LYS B 237 37.83 14.75 -11.58
N THR B 238 36.68 14.13 -11.32
CA THR B 238 36.61 12.85 -10.64
C THR B 238 35.40 12.11 -11.18
N ARG B 239 35.19 10.87 -10.76
CA ARG B 239 33.97 10.19 -11.15
C ARG B 239 32.94 10.35 -10.04
N THR B 240 33.45 10.53 -8.81
CA THR B 240 32.57 10.52 -7.66
C THR B 240 31.34 11.34 -7.99
N THR B 241 30.19 10.69 -8.08
CA THR B 241 28.92 11.34 -8.37
C THR B 241 27.92 11.00 -7.26
N ILE B 242 27.73 11.95 -6.34
CA ILE B 242 26.89 11.77 -5.18
C ILE B 242 25.46 12.17 -5.51
N SER B 243 24.61 12.21 -4.48
CA SER B 243 23.19 12.38 -4.69
C SER B 243 22.65 13.51 -3.83
N LEU B 244 21.78 14.33 -4.41
CA LEU B 244 20.79 15.04 -3.63
C LEU B 244 19.45 14.32 -3.76
N ARG B 245 19.12 13.49 -2.76
CA ARG B 245 17.86 12.79 -2.73
C ARG B 245 16.80 13.75 -2.23
N LEU B 246 15.80 14.01 -3.06
CA LEU B 246 14.74 14.92 -2.69
C LEU B 246 13.46 14.12 -2.46
N TRP B 247 12.84 14.34 -1.31
CA TRP B 247 11.61 13.65 -0.99
C TRP B 247 10.45 14.40 -1.60
N SER B 248 9.47 13.66 -2.10
CA SER B 248 8.24 14.24 -2.62
C SER B 248 7.04 13.45 -2.12
N THR B 249 6.06 14.16 -1.54
CA THR B 249 5.01 13.53 -0.78
C THR B 249 3.76 13.33 -1.64
N GLN B 250 3.00 12.26 -1.35
CA GLN B 250 1.75 11.92 -2.01
C GLN B 250 1.04 10.84 -1.20
N VAL B 251 -0.07 10.31 -1.72
CA VAL B 251 -0.81 9.25 -1.06
C VAL B 251 -1.13 8.18 -2.10
N PRO B 252 -1.08 6.85 -1.79
CA PRO B 252 -1.26 5.82 -2.81
C PRO B 252 -2.68 5.79 -3.39
N SER B 253 -2.78 5.79 -4.73
CA SER B 253 -3.99 6.08 -5.49
C SER B 253 -5.24 5.38 -4.92
N ALA B 254 -5.03 4.25 -4.24
CA ALA B 254 -6.02 3.64 -3.37
C ALA B 254 -6.84 4.72 -2.65
N ASP B 255 -6.16 5.70 -2.07
CA ASP B 255 -6.75 6.67 -1.15
C ASP B 255 -7.72 7.64 -1.82
N PHE B 256 -7.79 7.65 -3.14
CA PHE B 256 -8.70 8.54 -3.82
C PHE B 256 -10.14 8.09 -3.57
N ASP B 257 -10.96 8.94 -2.94
CA ASP B 257 -12.28 8.56 -2.47
C ASP B 257 -13.30 8.56 -3.62
N LEU B 258 -13.53 7.37 -4.20
CA LEU B 258 -14.44 7.20 -5.31
C LEU B 258 -15.87 7.50 -4.88
N SER B 259 -16.29 6.90 -3.75
CA SER B 259 -17.68 7.02 -3.36
C SER B 259 -18.06 8.50 -3.31
N ALA B 260 -17.15 9.31 -2.73
CA ALA B 260 -17.35 10.74 -2.56
C ALA B 260 -17.30 11.49 -3.89
N PHE B 261 -16.33 11.14 -4.74
CA PHE B 261 -16.18 11.83 -6.01
C PHE B 261 -17.45 11.64 -6.83
N ASN B 262 -17.88 10.39 -7.01
CA ASN B 262 -19.04 10.09 -7.81
C ASN B 262 -20.27 10.77 -7.20
N ALA B 263 -20.26 10.89 -5.87
CA ALA B 263 -21.34 11.53 -5.13
C ALA B 263 -21.55 12.96 -5.65
N GLY B 264 -20.48 13.74 -5.64
CA GLY B 264 -20.52 15.15 -6.03
C GLY B 264 -19.50 15.95 -5.25
N GLU B 265 -19.00 15.38 -4.14
CA GLU B 265 -18.02 16.04 -3.30
C GLU B 265 -16.62 15.79 -3.88
N HIS B 266 -16.30 16.50 -4.96
CA HIS B 266 -15.02 16.39 -5.63
C HIS B 266 -13.88 16.88 -4.73
N THR B 267 -14.08 18.07 -4.13
CA THR B 267 -13.05 18.73 -3.33
C THR B 267 -12.78 17.88 -2.10
N LYS B 268 -13.84 17.23 -1.61
CA LYS B 268 -13.73 16.29 -0.51
C LYS B 268 -12.90 15.09 -0.95
N ALA B 269 -13.28 14.48 -2.07
CA ALA B 269 -12.63 13.28 -2.58
C ALA B 269 -11.11 13.45 -2.68
N CYS B 270 -10.64 14.68 -2.94
CA CYS B 270 -9.22 15.00 -3.13
C CYS B 270 -8.48 15.05 -1.79
N GLU B 271 -9.17 15.47 -0.72
CA GLU B 271 -8.60 15.89 0.55
C GLU B 271 -7.26 15.25 0.91
N ALA B 272 -7.18 13.91 0.85
CA ALA B 272 -5.96 13.25 1.29
C ALA B 272 -4.77 13.68 0.43
N GLN B 273 -4.96 13.70 -0.90
CA GLN B 273 -3.93 14.06 -1.85
C GLN B 273 -3.61 15.55 -1.72
N ALA B 274 -4.63 16.36 -1.50
CA ALA B 274 -4.41 17.80 -1.35
C ALA B 274 -3.48 18.06 -0.17
N ASN B 275 -3.75 17.39 0.96
CA ASN B 275 -3.09 17.76 2.21
C ASN B 275 -1.82 16.91 2.38
N ALA B 276 -1.50 16.13 1.33
CA ALA B 276 -0.28 15.35 1.28
C ALA B 276 0.73 16.04 0.38
N GLU B 277 0.26 16.53 -0.77
CA GLU B 277 1.09 17.20 -1.75
C GLU B 277 1.52 18.58 -1.21
N LYS B 278 0.66 19.22 -0.42
CA LYS B 278 0.86 20.56 0.09
C LYS B 278 2.16 20.68 0.89
N ILE B 279 2.67 19.56 1.39
CA ILE B 279 3.89 19.57 2.18
C ILE B 279 5.03 20.08 1.30
N CYS B 280 4.98 19.71 0.02
CA CYS B 280 6.08 19.95 -0.90
C CYS B 280 5.72 21.07 -1.89
N TYR B 281 4.65 21.82 -1.59
CA TYR B 281 4.25 22.89 -2.50
C TYR B 281 5.24 24.03 -2.41
N ILE B 282 5.35 24.68 -1.24
CA ILE B 282 6.24 25.81 -1.18
C ILE B 282 7.16 25.72 0.04
N LEU B 283 8.24 26.52 -0.02
CA LEU B 283 9.31 26.59 0.95
C LEU B 283 8.99 27.72 1.92
N TYR B 284 9.14 27.46 3.21
CA TYR B 284 8.84 28.43 4.25
C TYR B 284 7.43 28.98 4.12
N PRO B 285 6.38 28.13 4.05
CA PRO B 285 5.01 28.61 3.93
C PRO B 285 4.62 29.44 5.17
N GLY B 286 3.98 30.59 4.95
CA GLY B 286 3.66 31.55 6.00
C GLY B 286 2.97 30.93 7.21
N ASP B 287 3.57 31.14 8.40
CA ASP B 287 3.19 30.46 9.63
C ASP B 287 2.50 31.42 10.59
N GLU B 288 1.73 32.37 10.05
CA GLU B 288 0.87 33.19 10.88
C GLU B 288 -0.32 32.38 11.37
N SER B 289 -0.89 31.56 10.49
CA SER B 289 -2.02 30.68 10.80
C SER B 289 -1.53 29.52 11.65
N GLU B 290 -2.44 28.84 12.34
CA GLU B 290 -2.07 27.57 12.96
C GLU B 290 -1.80 26.58 11.84
N GLU B 291 -2.71 26.57 10.87
CA GLU B 291 -2.61 25.75 9.68
C GLU B 291 -1.18 25.74 9.14
N GLY B 292 -0.59 26.93 9.04
CA GLY B 292 0.76 27.13 8.52
C GLY B 292 1.82 26.54 9.43
N LYS B 293 1.64 26.67 10.74
CA LYS B 293 2.57 26.09 11.71
C LYS B 293 2.55 24.58 11.58
N ILE B 294 1.34 24.01 11.44
CA ILE B 294 1.15 22.58 11.26
C ILE B 294 1.96 22.12 10.05
N LEU B 295 1.76 22.81 8.93
CA LEU B 295 2.36 22.43 7.66
C LEU B 295 3.88 22.54 7.75
N ARG B 296 4.35 23.56 8.47
CA ARG B 296 5.78 23.77 8.64
C ARG B 296 6.36 22.54 9.30
N LEU B 297 5.72 22.12 10.42
CA LEU B 297 6.21 21.02 11.23
C LEU B 297 6.16 19.74 10.40
N LYS B 298 5.05 19.52 9.70
CA LYS B 298 4.91 18.42 8.77
C LYS B 298 6.16 18.30 7.91
N GLN B 299 6.59 19.43 7.31
CA GLN B 299 7.72 19.55 6.40
C GLN B 299 9.02 19.10 7.06
N GLN B 300 9.29 19.60 8.28
CA GLN B 300 10.48 19.24 9.02
C GLN B 300 10.49 17.73 9.29
N TYR B 301 9.37 17.21 9.80
CA TYR B 301 9.33 15.81 10.18
C TYR B 301 9.50 14.95 8.94
N THR B 302 8.63 15.16 7.94
CA THR B 302 8.75 14.46 6.67
C THR B 302 10.22 14.27 6.31
N LEU B 303 10.99 15.37 6.29
CA LEU B 303 12.39 15.32 5.92
C LEU B 303 13.18 14.41 6.87
N CYS B 304 13.04 14.66 8.19
CA CYS B 304 13.79 13.92 9.19
C CYS B 304 13.50 12.43 9.09
N SER B 305 12.20 12.10 9.04
CA SER B 305 11.71 10.73 8.96
C SER B 305 12.19 10.05 7.67
N ALA B 306 11.65 10.49 6.52
CA ALA B 306 11.84 9.81 5.25
C ALA B 306 13.33 9.61 4.97
N SER B 307 14.14 10.57 5.43
CA SER B 307 15.59 10.57 5.28
C SER B 307 16.23 9.48 6.14
N LEU B 308 15.96 9.50 7.45
CA LEU B 308 16.51 8.53 8.40
C LEU B 308 16.15 7.09 8.00
N GLN B 309 14.93 6.89 7.48
CA GLN B 309 14.43 5.60 7.04
C GLN B 309 15.22 5.11 5.85
N ASP B 310 15.60 6.03 4.95
CA ASP B 310 16.38 5.72 3.77
C ASP B 310 17.79 5.32 4.19
N ILE B 311 18.37 6.14 5.07
CA ILE B 311 19.70 5.94 5.64
C ILE B 311 19.75 4.59 6.34
N ILE B 312 18.79 4.34 7.23
CA ILE B 312 18.74 3.12 8.01
C ILE B 312 18.65 1.93 7.05
N SER B 313 17.70 2.03 6.11
CA SER B 313 17.55 1.03 5.07
C SER B 313 18.91 0.69 4.47
N ARG B 314 19.63 1.72 4.02
CA ARG B 314 20.90 1.54 3.34
C ARG B 314 21.91 0.92 4.30
N PHE B 315 21.87 1.33 5.57
CA PHE B 315 22.81 0.79 6.54
C PHE B 315 22.61 -0.72 6.66
N GLU B 316 21.34 -1.13 6.76
CA GLU B 316 21.01 -2.54 6.86
C GLU B 316 21.50 -3.28 5.62
N ARG B 317 21.06 -2.84 4.44
CA ARG B 317 21.43 -3.48 3.19
C ARG B 317 22.93 -3.81 3.19
N ARG B 318 23.76 -2.79 3.43
CA ARG B 318 25.21 -2.85 3.36
C ARG B 318 25.78 -3.74 4.47
N SER B 319 25.06 -3.88 5.58
CA SER B 319 25.47 -4.68 6.72
C SER B 319 25.38 -6.18 6.38
N GLY B 320 24.27 -6.57 5.73
CA GLY B 320 23.95 -7.97 5.50
C GLY B 320 23.54 -8.72 6.78
N ASP B 321 23.61 -10.05 6.73
CA ASP B 321 23.33 -10.94 7.85
C ASP B 321 24.01 -10.43 9.13
N ARG B 322 25.30 -10.08 9.03
CA ARG B 322 26.09 -9.52 10.13
C ARG B 322 25.74 -8.04 10.33
N ILE B 323 24.76 -7.77 11.22
CA ILE B 323 24.25 -6.42 11.44
C ILE B 323 24.41 -6.03 12.92
N LYS B 324 25.14 -4.95 13.15
CA LYS B 324 25.39 -4.54 14.53
C LYS B 324 25.17 -3.02 14.66
N TRP B 325 24.25 -2.63 15.56
CA TRP B 325 23.82 -1.25 15.69
C TRP B 325 24.86 -0.40 16.41
N GLU B 326 25.88 -1.04 17.00
CA GLU B 326 27.01 -0.30 17.54
C GLU B 326 27.81 0.32 16.39
N GLU B 327 27.77 -0.37 15.24
CA GLU B 327 28.46 0.03 14.03
C GLU B 327 27.75 1.20 13.33
N PHE B 328 26.47 1.46 13.65
CA PHE B 328 25.69 2.46 12.93
C PHE B 328 26.41 3.81 12.93
N PRO B 329 26.80 4.41 14.08
CA PRO B 329 27.47 5.70 14.08
C PRO B 329 28.89 5.67 13.51
N GLU B 330 29.41 4.47 13.28
CA GLU B 330 30.71 4.28 12.64
C GLU B 330 30.52 4.03 11.16
N LYS B 331 29.25 3.99 10.72
CA LYS B 331 28.89 3.83 9.33
C LYS B 331 28.05 5.00 8.83
N VAL B 332 27.66 5.92 9.72
CA VAL B 332 26.74 7.01 9.40
C VAL B 332 27.02 8.22 10.28
N ALA B 333 26.85 9.41 9.69
CA ALA B 333 26.77 10.68 10.42
C ALA B 333 25.71 11.55 9.77
N VAL B 334 24.95 12.23 10.63
CA VAL B 334 23.86 13.05 10.16
C VAL B 334 24.12 14.47 10.62
N GLN B 335 24.22 15.41 9.66
CA GLN B 335 24.42 16.81 9.99
C GLN B 335 23.11 17.55 9.81
N MET B 336 22.66 18.16 10.91
CA MET B 336 21.43 18.91 10.95
C MET B 336 21.73 20.36 10.62
N ASN B 337 21.32 20.77 9.42
CA ASN B 337 21.55 22.12 8.94
C ASN B 337 20.50 23.04 9.57
N ASP B 338 20.88 23.63 10.72
CA ASP B 338 20.05 24.51 11.54
C ASP B 338 19.10 23.67 12.39
N THR B 339 18.04 24.29 12.91
CA THR B 339 17.13 23.66 13.85
C THR B 339 15.96 23.03 13.11
N HIS B 340 15.93 23.10 11.77
CA HIS B 340 14.81 22.53 11.04
C HIS B 340 14.86 21.01 11.10
N PRO B 341 16.04 20.37 10.93
CA PRO B 341 16.14 18.91 11.06
C PRO B 341 16.19 18.32 12.46
N THR B 342 15.86 19.13 13.47
CA THR B 342 16.00 18.77 14.88
C THR B 342 15.33 17.43 15.16
N LEU B 343 14.24 17.14 14.45
CA LEU B 343 13.40 15.99 14.77
C LEU B 343 14.14 14.69 14.46
N CYS B 344 15.36 14.81 13.90
CA CYS B 344 16.16 13.65 13.58
C CYS B 344 16.52 12.92 14.86
N ILE B 345 16.71 13.67 15.95
CA ILE B 345 17.10 13.13 17.24
C ILE B 345 15.98 12.21 17.75
N PRO B 346 14.77 12.71 18.06
CA PRO B 346 13.69 11.85 18.53
C PRO B 346 13.26 10.80 17.50
N GLU B 347 13.31 11.13 16.22
CA GLU B 347 12.90 10.23 15.16
C GLU B 347 13.86 9.04 15.06
N LEU B 348 15.16 9.28 15.22
CA LEU B 348 16.10 8.17 15.22
C LEU B 348 15.85 7.34 16.47
N MET B 349 15.71 8.02 17.61
CA MET B 349 15.39 7.34 18.85
C MET B 349 14.21 6.41 18.61
N ARG B 350 13.12 6.97 18.07
CA ARG B 350 11.89 6.25 17.77
C ARG B 350 12.17 5.00 16.94
N ILE B 351 12.96 5.12 15.88
CA ILE B 351 13.19 4.02 14.96
C ILE B 351 14.02 2.94 15.65
N LEU B 352 15.01 3.37 16.46
CA LEU B 352 15.94 2.48 17.15
C LEU B 352 15.24 1.68 18.25
N ILE B 353 14.22 2.27 18.88
CA ILE B 353 13.57 1.69 20.04
C ILE B 353 12.28 1.00 19.64
N ASP B 354 11.31 1.77 19.14
CA ASP B 354 9.98 1.26 18.87
C ASP B 354 10.02 0.20 17.76
N LEU B 355 10.90 0.40 16.78
CA LEU B 355 10.87 -0.41 15.58
C LEU B 355 11.99 -1.46 15.59
N LYS B 356 13.21 -1.03 15.94
CA LYS B 356 14.35 -1.93 15.85
C LYS B 356 14.55 -2.71 17.15
N GLY B 357 14.09 -2.15 18.27
CA GLY B 357 13.96 -2.96 19.47
C GLY B 357 14.93 -2.58 20.58
N LEU B 358 15.97 -1.79 20.26
CA LEU B 358 17.00 -1.42 21.22
C LEU B 358 16.42 -0.64 22.39
N ASN B 359 17.18 -0.57 23.47
CA ASN B 359 16.71 0.08 24.69
C ASN B 359 17.29 1.49 24.73
N TRP B 360 16.80 2.28 25.70
CA TRP B 360 17.08 3.71 25.80
C TRP B 360 18.56 4.02 25.62
N ASN B 361 19.41 3.38 26.43
CA ASN B 361 20.82 3.73 26.48
C ASN B 361 21.47 3.47 25.12
N GLU B 362 21.19 2.30 24.55
CA GLU B 362 21.86 1.93 23.31
C GLU B 362 21.47 2.95 22.24
N ALA B 363 20.16 3.18 22.13
CA ALA B 363 19.59 4.07 21.13
C ALA B 363 20.14 5.49 21.27
N TRP B 364 20.21 5.99 22.51
CA TRP B 364 20.64 7.36 22.77
C TRP B 364 22.13 7.53 22.46
N ASN B 365 22.93 6.55 22.90
CA ASN B 365 24.36 6.61 22.67
C ASN B 365 24.62 6.68 21.17
N ILE B 366 23.89 5.85 20.40
CA ILE B 366 24.05 5.81 18.96
C ILE B 366 23.62 7.15 18.38
N THR B 367 22.48 7.65 18.85
CA THR B 367 21.94 8.90 18.34
C THR B 367 22.98 10.01 18.44
N GLN B 368 23.56 10.21 19.64
CA GLN B 368 24.53 11.27 19.85
C GLN B 368 25.76 11.06 18.97
N ARG B 369 26.19 9.81 18.85
CA ARG B 369 27.36 9.51 18.05
C ARG B 369 27.09 9.86 16.59
N THR B 370 25.83 9.79 16.17
CA THR B 370 25.49 9.96 14.76
C THR B 370 25.26 11.42 14.39
N VAL B 371 24.45 12.12 15.19
CA VAL B 371 23.85 13.39 14.79
C VAL B 371 24.73 14.55 15.26
N ALA B 372 24.77 15.63 14.46
CA ALA B 372 25.44 16.86 14.83
C ALA B 372 24.66 18.08 14.34
N TYR B 373 24.78 19.19 15.08
CA TYR B 373 24.09 20.47 14.86
C TYR B 373 25.09 21.49 14.31
N THR B 374 24.67 22.16 13.23
CA THR B 374 25.33 23.35 12.72
C THR B 374 24.38 24.51 12.98
N ASN B 375 24.88 25.57 13.64
CA ASN B 375 24.02 26.66 14.12
C ASN B 375 23.38 27.50 13.02
N HIS B 376 24.07 28.55 12.53
CA HIS B 376 23.52 29.44 11.49
C HIS B 376 22.79 30.67 12.03
N THR B 377 22.59 30.76 13.35
CA THR B 377 21.79 31.85 13.91
C THR B 377 22.52 32.47 15.12
N VAL B 378 22.52 33.82 15.17
CA VAL B 378 23.19 34.54 16.25
C VAL B 378 22.25 34.60 17.46
N LEU B 379 21.13 35.35 17.31
CA LEU B 379 20.36 35.84 18.45
C LEU B 379 19.48 34.73 19.05
N PRO B 380 19.28 34.73 20.40
CA PRO B 380 18.54 33.65 21.08
C PRO B 380 17.05 33.56 20.74
N GLU B 381 16.45 34.70 20.34
CA GLU B 381 15.04 34.76 20.00
C GLU B 381 14.80 34.44 18.53
N ALA B 382 15.89 34.32 17.74
CA ALA B 382 15.86 33.85 16.36
C ALA B 382 15.83 32.31 16.28
N LEU B 383 15.90 31.63 17.44
CA LEU B 383 16.00 30.17 17.52
C LEU B 383 14.62 29.53 17.54
N GLU B 384 14.50 28.36 16.90
CA GLU B 384 13.18 27.80 16.63
C GLU B 384 12.61 27.11 17.86
N LYS B 385 11.38 27.49 18.21
CA LYS B 385 10.63 26.93 19.31
C LYS B 385 9.29 26.46 18.76
N TRP B 386 8.59 25.58 19.48
CA TRP B 386 7.32 25.02 19.03
C TRP B 386 6.32 25.00 20.18
N SER B 387 5.02 24.99 19.83
CA SER B 387 3.98 24.78 20.83
C SER B 387 3.95 23.32 21.25
N TYR B 388 4.07 23.10 22.57
CA TYR B 388 4.03 21.75 23.11
C TYR B 388 2.74 21.06 22.70
N GLU B 389 1.62 21.78 22.81
CA GLU B 389 0.31 21.22 22.53
C GLU B 389 0.22 20.85 21.05
N LEU B 390 0.80 21.72 20.20
CA LEU B 390 0.78 21.51 18.76
C LEU B 390 1.54 20.25 18.44
N MET B 391 2.80 20.19 18.88
CA MET B 391 3.69 19.10 18.54
C MET B 391 3.14 17.78 19.07
N GLN B 392 2.49 17.85 20.24
CA GLN B 392 1.88 16.70 20.87
C GLN B 392 0.80 16.10 19.97
N LYS B 393 0.00 16.96 19.33
CA LYS B 393 -1.17 16.54 18.57
C LYS B 393 -0.69 15.83 17.30
N LEU B 394 0.45 16.28 16.79
CA LEU B 394 0.93 15.89 15.48
C LEU B 394 1.90 14.73 15.64
N LEU B 395 2.82 14.84 16.62
CA LEU B 395 3.83 13.83 16.76
C LEU B 395 3.85 13.32 18.19
N PRO B 396 2.83 12.52 18.60
CA PRO B 396 2.69 12.10 19.99
C PRO B 396 3.96 11.40 20.44
N ARG B 397 4.37 10.38 19.66
CA ARG B 397 5.47 9.53 20.06
C ARG B 397 6.71 10.39 20.29
N HIS B 398 6.85 11.42 19.46
CA HIS B 398 8.06 12.23 19.47
C HIS B 398 8.10 13.14 20.69
N VAL B 399 6.93 13.59 21.17
CA VAL B 399 6.94 14.44 22.35
C VAL B 399 7.27 13.54 23.56
N GLU B 400 6.79 12.30 23.52
CA GLU B 400 7.14 11.37 24.57
C GLU B 400 8.65 11.31 24.71
N ILE B 401 9.34 10.99 23.61
CA ILE B 401 10.76 10.80 23.65
C ILE B 401 11.46 12.09 24.08
N ILE B 402 11.06 13.21 23.47
CA ILE B 402 11.59 14.52 23.83
C ILE B 402 11.56 14.66 25.35
N GLU B 403 10.41 14.37 25.95
CA GLU B 403 10.24 14.49 27.38
C GLU B 403 11.27 13.66 28.11
N ALA B 404 11.38 12.37 27.71
CA ALA B 404 12.31 11.45 28.35
C ALA B 404 13.71 12.05 28.32
N ILE B 405 14.06 12.70 27.21
CA ILE B 405 15.38 13.28 27.04
C ILE B 405 15.52 14.46 28.01
N ASP B 406 14.45 15.25 28.15
CA ASP B 406 14.52 16.43 28.98
C ASP B 406 14.74 16.01 30.43
N GLU B 407 14.05 14.94 30.82
CA GLU B 407 14.14 14.40 32.16
C GLU B 407 15.56 13.87 32.38
N GLU B 408 16.02 13.03 31.46
CA GLU B 408 17.41 12.61 31.42
C GLU B 408 18.31 13.81 31.74
N LEU B 409 17.94 14.96 31.17
CA LEU B 409 18.76 16.17 31.20
C LEU B 409 18.71 16.84 32.56
N VAL B 410 17.49 17.09 33.07
CA VAL B 410 17.36 17.67 34.40
C VAL B 410 18.25 16.88 35.35
N HIS B 411 18.28 15.55 35.19
CA HIS B 411 19.03 14.68 36.07
C HIS B 411 20.54 14.90 35.90
N GLU B 412 20.97 15.09 34.64
CA GLU B 412 22.36 15.42 34.35
C GLU B 412 22.72 16.74 35.06
N ILE B 413 21.92 17.79 34.79
CA ILE B 413 22.14 19.13 35.32
C ILE B 413 22.26 19.09 36.84
N VAL B 414 21.47 18.23 37.50
CA VAL B 414 21.45 18.15 38.95
C VAL B 414 22.68 17.38 39.48
N LEU B 415 23.02 16.24 38.86
CA LEU B 415 24.11 15.39 39.34
C LEU B 415 25.41 16.19 39.32
N LYS B 416 25.79 16.70 38.15
CA LYS B 416 26.81 17.73 38.04
C LYS B 416 26.22 19.04 38.59
N TYR B 417 26.88 19.60 39.61
CA TYR B 417 26.43 20.80 40.34
C TYR B 417 25.83 20.42 41.69
N GLY B 418 24.62 19.83 41.67
CA GLY B 418 23.94 19.52 42.90
C GLY B 418 23.29 20.78 43.50
N SER B 419 22.35 20.57 44.45
CA SER B 419 21.35 21.57 44.82
C SER B 419 21.93 22.68 45.70
N MET B 420 23.22 23.00 45.45
CA MET B 420 23.93 24.13 46.07
C MET B 420 23.51 25.41 45.35
N ASP B 421 23.16 26.42 46.14
CA ASP B 421 22.78 27.71 45.59
C ASP B 421 21.63 27.46 44.63
N LEU B 422 20.51 27.01 45.19
CA LEU B 422 19.26 26.75 44.50
C LEU B 422 19.06 27.70 43.31
N ASN B 423 19.35 29.00 43.51
CA ASN B 423 19.31 30.01 42.45
C ASN B 423 20.13 29.59 41.22
N LYS B 424 21.42 29.23 41.44
CA LYS B 424 22.27 28.69 40.38
C LYS B 424 21.53 27.56 39.68
N LEU B 425 21.11 26.54 40.46
CA LEU B 425 20.49 25.31 39.95
C LEU B 425 19.24 25.62 39.14
N GLU B 426 18.35 26.43 39.75
CA GLU B 426 17.07 26.80 39.19
C GLU B 426 17.26 27.56 37.88
N GLU B 427 18.10 28.63 37.92
CA GLU B 427 18.51 29.37 36.73
C GLU B 427 18.84 28.35 35.64
N LYS B 428 19.89 27.53 35.89
CA LYS B 428 20.42 26.63 34.89
C LYS B 428 19.29 25.80 34.25
N LEU B 429 18.44 25.22 35.11
CA LEU B 429 17.29 24.43 34.69
C LEU B 429 16.48 25.15 33.63
N THR B 430 16.12 26.41 33.89
CA THR B 430 15.26 27.10 32.95
C THR B 430 15.99 27.44 31.66
N THR B 431 17.31 27.66 31.71
CA THR B 431 18.05 28.03 30.51
C THR B 431 18.19 26.85 29.56
N MET B 432 18.52 25.68 30.12
CA MET B 432 18.96 24.54 29.33
C MET B 432 17.80 23.63 28.96
N ARG B 433 16.77 23.56 29.81
CA ARG B 433 15.67 22.65 29.55
C ARG B 433 15.13 22.81 28.12
N ILE B 434 14.67 21.68 27.56
CA ILE B 434 14.08 21.67 26.24
C ILE B 434 12.66 22.19 26.34
N LEU B 435 12.00 21.88 27.47
CA LEU B 435 10.60 22.20 27.64
C LEU B 435 10.42 23.48 28.46
N GLU B 436 10.07 24.55 27.73
CA GLU B 436 9.78 25.84 28.34
C GLU B 436 8.41 25.76 29.02
N ASN B 437 8.36 26.21 30.28
CA ASN B 437 7.14 26.35 31.06
C ASN B 437 6.59 24.96 31.42
N PHE B 438 7.42 24.14 32.06
CA PHE B 438 7.10 22.77 32.43
C PHE B 438 7.45 22.50 33.89
N ASP B 439 7.10 21.30 34.38
CA ASP B 439 7.40 20.94 35.76
C ASP B 439 8.60 20.01 35.79
N LEU B 440 9.10 19.73 37.00
CA LEU B 440 10.19 18.77 37.19
C LEU B 440 9.62 17.53 37.88
N PRO B 441 10.00 16.30 37.46
CA PRO B 441 9.35 15.06 37.96
C PRO B 441 9.38 14.83 39.48
N SER B 442 10.42 15.36 40.12
CA SER B 442 10.53 15.67 41.54
C SER B 442 11.47 16.88 41.71
N SER B 443 11.23 17.68 42.76
CA SER B 443 12.00 18.90 43.03
C SER B 443 11.91 19.35 44.50
N VAL B 444 12.90 20.18 44.89
CA VAL B 444 13.03 20.74 46.22
C VAL B 444 13.02 22.26 46.07
N ALA B 445 13.20 22.97 47.20
CA ALA B 445 13.06 24.42 47.27
C ALA B 445 13.03 24.89 48.72
N GLU B 446 13.26 23.94 49.67
CA GLU B 446 13.39 24.23 51.09
C GLU B 446 14.76 23.71 51.55
N ILE B 511 -1.53 32.82 31.51
CA ILE B 511 -0.85 31.54 31.90
C ILE B 511 0.35 31.29 30.97
N PRO B 512 1.50 30.76 31.47
CA PRO B 512 2.67 30.55 30.60
C PRO B 512 2.41 29.47 29.54
N PRO B 513 2.59 29.79 28.22
CA PRO B 513 2.39 28.78 27.16
C PRO B 513 3.50 27.72 27.13
N LYS B 514 3.12 26.43 27.04
CA LYS B 514 4.08 25.32 27.05
C LYS B 514 4.82 25.21 25.71
N LYS B 515 6.17 25.22 25.73
CA LYS B 515 6.97 25.31 24.51
C LYS B 515 8.08 24.25 24.44
N VAL B 516 8.58 24.01 23.23
CA VAL B 516 9.60 23.00 22.97
C VAL B 516 10.72 23.67 22.21
N ARG B 517 11.95 23.59 22.74
CA ARG B 517 13.09 24.33 22.23
C ARG B 517 13.99 23.44 21.37
N MET B 518 13.82 23.55 20.07
CA MET B 518 14.44 22.67 19.10
C MET B 518 15.96 22.84 19.13
N ALA B 519 16.39 24.07 19.40
CA ALA B 519 17.80 24.42 19.44
C ALA B 519 18.47 23.75 20.64
N ASN B 520 17.74 23.64 21.76
CA ASN B 520 18.25 22.94 22.92
C ASN B 520 18.34 21.44 22.63
N LEU B 521 17.27 20.91 22.02
CA LEU B 521 17.22 19.49 21.69
C LEU B 521 18.44 19.13 20.87
N CYS B 522 18.78 20.00 19.90
CA CYS B 522 19.90 19.80 19.01
C CYS B 522 21.22 19.77 19.77
N VAL B 523 21.37 20.64 20.77
CA VAL B 523 22.64 20.83 21.45
C VAL B 523 22.86 19.73 22.50
N VAL B 524 21.80 18.95 22.75
CA VAL B 524 21.89 17.81 23.66
C VAL B 524 21.97 16.54 22.83
N GLY B 525 21.26 16.51 21.70
CA GLY B 525 21.16 15.29 20.92
C GLY B 525 22.42 14.99 20.14
N GLY B 526 23.14 16.05 19.74
CA GLY B 526 24.25 15.89 18.83
C GLY B 526 25.56 15.73 19.59
N HIS B 527 26.59 15.22 18.90
CA HIS B 527 27.90 15.09 19.51
C HIS B 527 28.74 16.31 19.19
N ALA B 528 28.25 17.14 18.26
CA ALA B 528 28.98 18.29 17.74
C ALA B 528 28.06 19.49 17.53
N VAL B 529 28.41 20.64 18.10
CA VAL B 529 27.78 21.91 17.71
C VAL B 529 28.86 22.78 17.07
N ASN B 530 28.55 23.42 15.93
CA ASN B 530 29.51 24.30 15.29
C ASN B 530 28.81 25.52 14.74
N GLY B 531 29.49 26.67 14.84
CA GLY B 531 29.09 27.90 14.20
C GLY B 531 29.78 28.06 12.86
N VAL B 532 29.42 29.12 12.12
CA VAL B 532 29.73 29.20 10.70
C VAL B 532 30.79 30.26 10.39
N ALA B 533 31.46 30.78 11.43
CA ALA B 533 32.58 31.72 11.39
C ALA B 533 33.12 31.89 12.80
N GLU B 534 34.39 32.28 12.94
CA GLU B 534 35.06 32.45 14.23
C GLU B 534 34.13 33.11 15.24
N ILE B 535 33.72 34.33 14.92
CA ILE B 535 33.00 35.22 15.83
C ILE B 535 31.59 34.68 16.10
N HIS B 536 30.99 33.99 15.11
CA HIS B 536 29.68 33.35 15.30
C HIS B 536 29.80 32.22 16.32
N SER B 537 30.78 31.33 16.12
CA SER B 537 31.01 30.17 16.96
C SER B 537 31.41 30.60 18.37
N GLU B 538 31.90 31.84 18.49
CA GLU B 538 32.32 32.41 19.77
C GLU B 538 31.10 32.77 20.61
N ILE B 539 30.12 33.41 19.96
CA ILE B 539 28.85 33.76 20.59
C ILE B 539 28.20 32.48 21.12
N VAL B 540 28.07 31.46 20.26
CA VAL B 540 27.36 30.25 20.63
C VAL B 540 28.00 29.65 21.90
N LYS B 541 29.34 29.72 21.97
CA LYS B 541 30.12 29.17 23.07
C LYS B 541 29.87 29.95 24.36
N GLU B 542 29.78 31.28 24.22
CA GLU B 542 29.98 32.14 25.37
C GLU B 542 28.73 32.94 25.70
N GLU B 543 27.63 32.63 25.00
CA GLU B 543 26.38 33.33 25.22
C GLU B 543 25.23 32.35 25.02
N VAL B 544 24.93 32.08 23.75
CA VAL B 544 23.67 31.47 23.35
C VAL B 544 23.51 30.12 24.06
N PHE B 545 24.59 29.33 24.13
CA PHE B 545 24.56 28.01 24.74
C PHE B 545 25.61 27.92 25.84
N ASN B 546 25.71 29.01 26.59
CA ASN B 546 26.82 29.25 27.51
C ASN B 546 26.91 28.08 28.50
N ASP B 547 25.74 27.69 28.98
CA ASP B 547 25.63 26.74 30.06
C ASP B 547 25.98 25.33 29.56
N PHE B 548 25.64 25.08 28.27
CA PHE B 548 25.91 23.82 27.62
C PHE B 548 27.39 23.68 27.27
N TYR B 549 28.08 24.83 27.15
CA TYR B 549 29.52 24.87 26.96
C TYR B 549 30.23 24.39 28.22
N GLU B 550 29.74 24.88 29.38
CA GLU B 550 30.19 24.48 30.70
C GLU B 550 30.08 22.97 30.88
N LEU B 551 28.92 22.42 30.52
CA LEU B 551 28.61 21.04 30.74
C LEU B 551 29.36 20.12 29.77
N TRP B 552 29.43 20.49 28.48
CA TRP B 552 29.98 19.59 27.46
C TRP B 552 30.95 20.32 26.52
N PRO B 553 32.06 20.91 27.02
CA PRO B 553 32.83 21.87 26.21
C PRO B 553 33.22 21.24 24.87
N GLU B 554 33.63 19.96 24.89
CA GLU B 554 34.15 19.22 23.76
C GLU B 554 33.27 19.40 22.52
N LYS B 555 31.95 19.53 22.71
CA LYS B 555 30.96 19.52 21.63
C LYS B 555 31.11 20.73 20.71
N PHE B 556 31.53 21.86 21.28
CA PHE B 556 31.60 23.12 20.56
C PHE B 556 32.88 23.20 19.72
N GLN B 557 32.66 23.47 18.42
CA GLN B 557 33.73 23.88 17.53
C GLN B 557 33.16 24.86 16.51
N ASN B 558 33.98 25.14 15.49
CA ASN B 558 33.64 26.09 14.45
C ASN B 558 33.95 25.48 13.09
N LYS B 559 33.09 25.76 12.12
CA LYS B 559 33.38 25.42 10.74
C LYS B 559 33.02 26.61 9.86
N THR B 560 33.97 27.55 9.77
CA THR B 560 33.85 28.76 8.96
C THR B 560 33.40 28.36 7.57
N ASN B 561 32.44 29.14 7.04
CA ASN B 561 31.78 28.81 5.80
C ASN B 561 32.77 28.91 4.64
N GLY B 562 32.32 28.40 3.49
CA GLY B 562 33.04 28.50 2.24
C GLY B 562 32.05 28.50 1.07
N VAL B 563 32.59 28.67 -0.14
CA VAL B 563 31.81 28.56 -1.36
C VAL B 563 32.69 27.89 -2.40
N THR B 564 32.06 27.26 -3.39
CA THR B 564 32.77 26.35 -4.26
C THR B 564 33.55 27.14 -5.30
N PRO B 565 34.88 26.88 -5.48
CA PRO B 565 35.65 27.50 -6.55
C PRO B 565 35.14 27.19 -7.97
N ARG B 566 34.50 26.01 -8.15
CA ARG B 566 34.06 25.62 -9.47
C ARG B 566 32.99 26.57 -9.97
N ARG B 567 31.84 26.61 -9.28
CA ARG B 567 30.71 27.40 -9.75
C ARG B 567 31.02 28.89 -9.64
N TRP B 568 31.86 29.27 -8.66
CA TRP B 568 32.03 30.67 -8.29
C TRP B 568 33.35 31.27 -8.74
N ILE B 569 34.17 30.51 -9.48
CA ILE B 569 35.28 31.13 -10.21
C ILE B 569 35.35 30.52 -11.62
N ARG B 570 35.57 29.20 -11.67
CA ARG B 570 35.97 28.53 -12.89
C ARG B 570 34.89 28.63 -13.97
N PHE B 571 33.61 28.62 -13.57
CA PHE B 571 32.52 28.50 -14.54
C PHE B 571 31.70 29.79 -14.67
N CYS B 572 31.54 30.52 -13.56
CA CYS B 572 30.78 31.74 -13.59
C CYS B 572 31.59 32.84 -14.26
N ASN B 573 32.93 32.73 -14.20
CA ASN B 573 33.84 33.78 -14.62
C ASN B 573 35.05 33.19 -15.36
N PRO B 574 34.88 32.70 -16.61
CA PRO B 574 36.00 32.15 -17.39
C PRO B 574 37.18 33.09 -17.64
N PRO B 575 36.98 34.39 -18.00
CA PRO B 575 38.08 35.32 -18.19
C PRO B 575 39.01 35.32 -16.98
N LEU B 576 38.44 35.51 -15.78
CA LEU B 576 39.20 35.49 -14.55
C LEU B 576 40.04 34.23 -14.54
N SER B 577 39.42 33.09 -14.88
CA SER B 577 40.05 31.78 -14.82
C SER B 577 41.30 31.72 -15.70
N ALA B 578 41.19 32.20 -16.95
CA ALA B 578 42.28 32.20 -17.92
C ALA B 578 43.49 32.89 -17.31
N ILE B 579 43.25 34.04 -16.68
CA ILE B 579 44.30 34.85 -16.09
C ILE B 579 44.93 34.07 -14.95
N ILE B 580 44.09 33.51 -14.07
CA ILE B 580 44.54 32.78 -12.90
C ILE B 580 45.42 31.61 -13.34
N THR B 581 44.87 30.75 -14.20
CA THR B 581 45.58 29.60 -14.74
C THR B 581 46.95 30.01 -15.25
N LYS B 582 46.99 31.16 -15.96
CA LYS B 582 48.19 31.69 -16.58
C LYS B 582 49.26 31.98 -15.52
N TRP B 583 48.94 32.91 -14.61
CA TRP B 583 49.91 33.50 -13.71
C TRP B 583 50.26 32.54 -12.58
N THR B 584 49.41 31.55 -12.37
CA THR B 584 49.77 30.45 -11.48
C THR B 584 50.60 29.42 -12.22
N GLY B 585 50.22 29.08 -13.45
CA GLY B 585 51.04 28.15 -14.21
C GLY B 585 50.46 26.74 -14.33
N THR B 586 49.48 26.38 -13.49
CA THR B 586 48.63 25.23 -13.80
C THR B 586 47.15 25.61 -13.73
N GLU B 587 46.30 24.65 -14.15
CA GLU B 587 44.84 24.69 -14.07
C GLU B 587 44.37 24.11 -12.73
N ASP B 588 45.31 23.89 -11.79
CA ASP B 588 45.11 23.08 -10.61
C ASP B 588 44.61 23.90 -9.44
N TRP B 589 44.47 25.21 -9.63
CA TRP B 589 44.00 26.01 -8.52
C TRP B 589 42.54 25.66 -8.23
N VAL B 590 41.85 25.14 -9.25
CA VAL B 590 40.45 24.79 -9.12
C VAL B 590 40.29 23.82 -7.94
N LEU B 591 41.31 22.97 -7.72
CA LEU B 591 41.34 22.01 -6.64
C LEU B 591 42.23 22.51 -5.52
N LYS B 592 43.47 22.85 -5.86
CA LYS B 592 44.51 23.22 -4.91
C LYS B 592 44.51 24.74 -4.77
N THR B 593 43.37 25.29 -4.31
CA THR B 593 43.03 26.70 -4.41
C THR B 593 43.91 27.59 -3.53
N GLU B 594 44.81 26.99 -2.74
CA GLU B 594 45.78 27.77 -1.97
C GLU B 594 46.76 28.46 -2.93
N LYS B 595 46.70 28.06 -4.21
CA LYS B 595 47.52 28.60 -5.28
C LYS B 595 47.13 30.04 -5.64
N LEU B 596 45.96 30.50 -5.19
CA LEU B 596 45.55 31.86 -5.48
C LEU B 596 46.51 32.84 -4.83
N ALA B 597 47.11 32.42 -3.72
CA ALA B 597 48.02 33.27 -2.94
C ALA B 597 49.23 33.65 -3.78
N GLU B 598 49.45 32.92 -4.88
CA GLU B 598 50.59 33.10 -5.78
C GLU B 598 50.38 34.33 -6.65
N LEU B 599 49.21 34.95 -6.55
CA LEU B 599 48.92 36.19 -7.24
C LEU B 599 49.44 37.41 -6.47
N GLN B 600 49.83 37.22 -5.20
CA GLN B 600 50.27 38.32 -4.32
C GLN B 600 51.53 38.98 -4.88
N LYS B 601 52.52 38.15 -5.23
CA LYS B 601 53.78 38.65 -5.74
C LYS B 601 53.61 39.35 -7.08
N PHE B 602 52.41 39.27 -7.70
CA PHE B 602 52.17 39.85 -9.01
C PHE B 602 51.08 40.91 -8.93
N ALA B 603 50.68 41.28 -7.70
CA ALA B 603 49.53 42.15 -7.54
C ALA B 603 49.85 43.56 -8.03
N ASP B 604 51.16 43.86 -8.08
CA ASP B 604 51.69 45.15 -8.50
C ASP B 604 52.01 45.11 -9.99
N ASN B 605 52.23 43.92 -10.55
CA ASN B 605 52.68 43.77 -11.94
C ASN B 605 51.66 44.38 -12.88
N GLU B 606 52.11 45.28 -13.73
CA GLU B 606 51.17 46.13 -14.44
C GLU B 606 50.48 45.33 -15.54
N ASP B 607 51.25 44.41 -16.14
CA ASP B 607 50.76 43.54 -17.19
C ASP B 607 49.56 42.76 -16.68
N LEU B 608 49.71 42.16 -15.48
CA LEU B 608 48.64 41.41 -14.84
C LEU B 608 47.43 42.32 -14.56
N GLN B 609 47.68 43.57 -14.19
CA GLN B 609 46.60 44.49 -13.88
C GLN B 609 45.79 44.78 -15.13
N ASN B 610 46.49 44.81 -16.26
CA ASN B 610 45.86 45.09 -17.55
C ASN B 610 44.85 43.99 -17.89
N GLU B 611 45.34 42.75 -17.90
CA GLU B 611 44.53 41.57 -18.19
C GLU B 611 43.36 41.49 -17.21
N TRP B 612 43.59 41.93 -15.96
CA TRP B 612 42.60 41.90 -14.91
C TRP B 612 41.44 42.84 -15.26
N ARG B 613 41.79 44.09 -15.55
CA ARG B 613 40.81 45.10 -15.88
C ARG B 613 40.05 44.68 -17.13
N GLU B 614 40.80 44.12 -18.10
CA GLU B 614 40.22 43.70 -19.36
C GLU B 614 39.14 42.67 -19.08
N ALA B 615 39.46 41.74 -18.17
CA ALA B 615 38.58 40.63 -17.82
C ALA B 615 37.34 41.19 -17.13
N LYS B 616 37.55 41.97 -16.05
CA LYS B 616 36.44 42.53 -15.30
C LYS B 616 35.51 43.21 -16.29
N ARG B 617 36.08 44.12 -17.08
CA ARG B 617 35.32 44.85 -18.09
C ARG B 617 34.46 43.88 -18.91
N SER B 618 35.13 42.90 -19.54
CA SER B 618 34.46 41.90 -20.35
C SER B 618 33.20 41.41 -19.65
N ASN B 619 33.36 40.99 -18.39
CA ASN B 619 32.26 40.48 -17.59
C ASN B 619 31.16 41.53 -17.52
N LYS B 620 31.56 42.77 -17.25
CA LYS B 620 30.63 43.87 -17.08
C LYS B 620 29.84 44.09 -18.36
N ILE B 621 30.45 43.78 -19.51
CA ILE B 621 29.78 44.06 -20.76
C ILE B 621 28.62 43.09 -20.91
N LYS B 622 28.79 41.87 -20.38
CA LYS B 622 27.72 40.87 -20.37
C LYS B 622 26.56 41.37 -19.53
N VAL B 623 26.87 41.83 -18.32
CA VAL B 623 25.90 42.31 -17.35
C VAL B 623 25.07 43.45 -17.95
N VAL B 624 25.69 44.31 -18.78
CA VAL B 624 25.02 45.46 -19.38
C VAL B 624 23.79 44.98 -20.14
N SER B 625 23.98 43.92 -20.94
CA SER B 625 22.94 43.39 -21.81
C SER B 625 21.84 42.74 -20.99
N PHE B 626 22.26 42.07 -19.91
CA PHE B 626 21.37 41.47 -18.93
C PHE B 626 20.49 42.52 -18.27
N LEU B 627 21.10 43.56 -17.70
CA LEU B 627 20.35 44.61 -17.02
C LEU B 627 19.39 45.29 -18.00
N LYS B 628 19.77 45.31 -19.30
CA LYS B 628 18.96 45.89 -20.35
C LYS B 628 17.63 45.13 -20.47
N GLU B 629 17.71 43.81 -20.63
CA GLU B 629 16.54 42.99 -20.84
C GLU B 629 15.74 42.80 -19.54
N LYS B 630 16.40 42.79 -18.38
CA LYS B 630 15.70 42.45 -17.15
C LYS B 630 15.21 43.69 -16.42
N THR B 631 15.97 44.78 -16.48
CA THR B 631 15.59 45.97 -15.74
C THR B 631 15.18 47.08 -16.69
N GLY B 632 15.30 46.85 -18.00
CA GLY B 632 14.88 47.81 -19.02
C GLY B 632 15.54 49.20 -18.87
N TYR B 633 16.72 49.22 -18.22
CA TYR B 633 17.54 50.41 -18.09
C TYR B 633 18.87 50.18 -18.81
N SER B 634 19.22 51.13 -19.70
CA SER B 634 20.48 51.02 -20.42
C SER B 634 21.57 51.61 -19.54
N VAL B 635 22.70 50.89 -19.42
CA VAL B 635 23.78 51.35 -18.54
C VAL B 635 25.14 51.22 -19.25
N VAL B 636 26.14 51.89 -18.66
CA VAL B 636 27.48 51.94 -19.25
C VAL B 636 28.42 51.03 -18.48
N PRO B 637 29.32 50.33 -19.20
CA PRO B 637 30.33 49.50 -18.55
C PRO B 637 31.31 50.29 -17.67
N ASP B 638 31.64 51.51 -18.09
CA ASP B 638 32.83 52.21 -17.61
C ASP B 638 32.60 52.84 -16.23
N ALA B 639 31.37 52.74 -15.71
CA ALA B 639 31.07 53.14 -14.35
C ALA B 639 31.47 52.02 -13.37
N MET B 640 31.57 52.37 -12.09
CA MET B 640 31.82 51.40 -11.04
C MET B 640 30.53 50.61 -10.80
N PHE B 641 30.66 49.28 -10.60
CA PHE B 641 29.52 48.42 -10.30
C PHE B 641 29.44 48.15 -8.80
N ASP B 642 28.37 48.67 -8.17
CA ASP B 642 28.19 48.67 -6.73
C ASP B 642 26.99 47.79 -6.42
N ILE B 643 27.27 46.57 -5.92
CA ILE B 643 26.26 45.52 -5.82
C ILE B 643 25.91 45.22 -4.37
N GLN B 644 24.59 45.23 -4.08
CA GLN B 644 24.02 44.68 -2.86
C GLN B 644 22.84 43.74 -3.15
N VAL B 645 23.03 42.45 -2.85
CA VAL B 645 22.09 41.40 -3.22
C VAL B 645 21.96 40.36 -2.10
N LYS B 646 20.82 40.42 -1.38
CA LYS B 646 20.55 39.56 -0.25
C LYS B 646 19.07 39.62 0.11
N ARG B 647 18.61 38.74 1.01
CA ARG B 647 17.23 38.87 1.46
C ARG B 647 16.99 40.33 1.81
N ILE B 648 15.89 40.89 1.31
CA ILE B 648 15.52 42.28 1.62
C ILE B 648 14.95 42.31 3.03
N HIS B 649 15.57 43.15 3.86
CA HIS B 649 15.36 43.08 5.29
C HIS B 649 16.00 44.30 5.96
N GLU B 650 15.42 44.70 7.10
CA GLU B 650 15.88 45.89 7.79
C GLU B 650 17.24 45.62 8.44
N TYR B 651 17.51 44.38 8.84
CA TYR B 651 18.80 44.07 9.44
C TYR B 651 19.91 44.05 8.38
N LYS B 652 19.55 43.69 7.14
CA LYS B 652 20.44 43.71 5.99
C LYS B 652 20.66 45.13 5.52
N ARG B 653 19.70 46.01 5.86
CA ARG B 653 19.84 47.44 5.68
C ARG B 653 20.19 47.76 4.23
N GLN B 654 19.25 47.51 3.31
CA GLN B 654 19.43 47.99 1.94
C GLN B 654 19.13 49.48 1.92
N LEU B 655 18.50 49.95 3.00
CA LEU B 655 17.92 51.28 3.10
C LEU B 655 19.03 52.28 3.35
N LEU B 656 19.99 51.86 4.17
CA LEU B 656 21.21 52.62 4.41
C LEU B 656 21.91 52.90 3.08
N ASN B 657 21.99 51.88 2.22
CA ASN B 657 22.68 51.94 0.94
C ASN B 657 21.96 52.91 0.00
N ILE B 658 20.65 52.70 -0.17
CA ILE B 658 19.87 53.49 -1.11
C ILE B 658 19.85 54.95 -0.65
N PHE B 659 19.94 55.16 0.67
CA PHE B 659 20.00 56.50 1.27
C PHE B 659 21.31 57.17 0.90
N GLY B 660 22.41 56.40 0.96
CA GLY B 660 23.72 56.87 0.55
C GLY B 660 23.72 57.18 -0.94
N ILE B 661 22.91 56.43 -1.69
CA ILE B 661 22.64 56.71 -3.10
C ILE B 661 21.97 58.08 -3.21
N VAL B 662 20.90 58.30 -2.41
CA VAL B 662 20.08 59.50 -2.51
C VAL B 662 20.85 60.75 -2.09
N TYR B 663 21.78 60.58 -1.14
CA TYR B 663 22.62 61.68 -0.69
C TYR B 663 23.47 62.17 -1.85
N ARG B 664 24.23 61.26 -2.47
CA ARG B 664 25.07 61.54 -3.62
C ARG B 664 24.25 62.25 -4.71
N TYR B 665 22.96 61.86 -4.86
CA TYR B 665 22.06 62.38 -5.86
C TYR B 665 21.68 63.82 -5.51
N LYS B 666 21.33 64.05 -4.23
CA LYS B 666 20.97 65.38 -3.77
C LYS B 666 22.15 66.33 -3.98
N LYS B 667 23.35 65.89 -3.56
CA LYS B 667 24.59 66.62 -3.74
C LYS B 667 24.86 66.94 -5.21
N MET B 668 24.71 65.95 -6.10
CA MET B 668 25.00 66.07 -7.54
C MET B 668 24.10 67.10 -8.23
N LYS B 669 22.85 67.23 -7.74
CA LYS B 669 21.91 68.21 -8.27
C LYS B 669 22.33 69.62 -7.85
N GLU B 670 22.88 69.77 -6.64
CA GLU B 670 23.30 71.06 -6.10
C GLU B 670 24.66 71.48 -6.67
N MET B 671 25.13 70.84 -7.74
CA MET B 671 26.40 71.25 -8.33
C MET B 671 26.27 71.20 -9.84
N THR B 672 26.97 72.12 -10.50
CA THR B 672 26.86 72.26 -11.94
C THR B 672 27.44 71.00 -12.59
N ALA B 673 27.08 70.85 -13.87
CA ALA B 673 27.49 69.77 -14.75
C ALA B 673 28.96 69.36 -14.50
N ALA B 674 29.86 70.36 -14.56
CA ALA B 674 31.30 70.14 -14.57
C ALA B 674 31.79 69.64 -13.22
N GLU B 675 31.29 70.26 -12.12
CA GLU B 675 31.74 69.91 -10.79
C GLU B 675 31.16 68.55 -10.39
N ARG B 676 29.91 68.32 -10.82
CA ARG B 676 29.20 67.07 -10.67
C ARG B 676 30.07 65.92 -11.19
N LYS B 677 30.64 66.09 -12.38
CA LYS B 677 31.49 65.09 -13.01
C LYS B 677 32.83 64.95 -12.29
N THR B 678 33.22 65.97 -11.50
CA THR B 678 34.54 66.00 -10.89
C THR B 678 34.48 65.28 -9.54
N ASN B 679 33.33 65.38 -8.86
CA ASN B 679 33.22 64.99 -7.47
C ASN B 679 32.90 63.49 -7.32
N PHE B 680 31.85 63.06 -8.03
CA PHE B 680 31.34 61.71 -7.90
C PHE B 680 31.83 60.87 -9.09
N VAL B 681 32.33 59.67 -8.81
CA VAL B 681 32.67 58.71 -9.85
C VAL B 681 31.37 58.06 -10.35
N PRO B 682 31.25 57.82 -11.68
CA PRO B 682 30.08 57.14 -12.23
C PRO B 682 29.83 55.77 -11.59
N ARG B 683 28.57 55.49 -11.27
CA ARG B 683 28.21 54.21 -10.69
C ARG B 683 27.00 53.62 -11.37
N VAL B 684 26.98 52.29 -11.44
CA VAL B 684 25.76 51.52 -11.54
C VAL B 684 25.58 50.76 -10.24
N CYS B 685 24.52 51.14 -9.48
CA CYS B 685 24.19 50.55 -8.19
C CYS B 685 23.14 49.47 -8.41
N ILE B 686 23.54 48.22 -8.17
CA ILE B 686 22.71 47.05 -8.38
C ILE B 686 22.10 46.62 -7.05
N PHE B 687 20.77 46.55 -7.05
CA PHE B 687 20.05 45.93 -5.96
C PHE B 687 19.34 44.69 -6.49
N GLY B 688 19.00 43.79 -5.56
CA GLY B 688 18.35 42.54 -5.86
C GLY B 688 18.12 41.68 -4.61
N GLY B 689 17.22 40.72 -4.74
CA GLY B 689 16.87 39.88 -3.61
C GLY B 689 15.38 40.00 -3.39
N LYS B 690 14.82 39.12 -2.56
CA LYS B 690 13.37 39.04 -2.41
C LYS B 690 13.00 39.54 -1.02
N ALA B 691 11.79 40.08 -0.91
CA ALA B 691 11.22 40.35 0.40
C ALA B 691 10.01 39.43 0.63
N PHE B 692 9.91 38.84 1.83
CA PHE B 692 8.77 38.00 2.15
C PHE B 692 7.49 38.81 2.02
N ALA B 693 6.47 38.24 1.37
CA ALA B 693 5.27 38.96 0.97
C ALA B 693 4.62 39.67 2.15
N THR B 694 4.63 39.04 3.32
CA THR B 694 3.98 39.55 4.52
C THR B 694 4.75 40.74 5.11
N TYR B 695 6.09 40.70 5.03
CA TYR B 695 7.00 41.65 5.65
C TYR B 695 6.88 43.00 4.93
N VAL B 696 6.04 43.89 5.48
CA VAL B 696 5.54 45.09 4.80
C VAL B 696 6.69 46.08 4.55
N GLN B 697 7.49 46.36 5.60
CA GLN B 697 8.57 47.34 5.52
C GLN B 697 9.52 46.99 4.39
N ALA B 698 9.88 45.70 4.31
CA ALA B 698 10.81 45.17 3.32
C ALA B 698 10.27 45.40 1.90
N LYS B 699 8.96 45.15 1.69
CA LYS B 699 8.32 45.40 0.42
C LYS B 699 8.31 46.91 0.12
N ARG B 700 8.19 47.71 1.19
CA ARG B 700 8.24 49.16 1.11
C ARG B 700 9.63 49.60 0.64
N ILE B 701 10.66 48.85 1.05
CA ILE B 701 12.04 49.10 0.67
C ILE B 701 12.24 48.83 -0.83
N VAL B 702 11.65 47.72 -1.33
CA VAL B 702 11.73 47.38 -2.75
C VAL B 702 11.11 48.48 -3.60
N LYS B 703 9.92 48.95 -3.19
CA LYS B 703 9.23 50.05 -3.85
C LYS B 703 10.11 51.29 -3.89
N PHE B 704 10.73 51.60 -2.73
CA PHE B 704 11.54 52.80 -2.58
C PHE B 704 12.63 52.81 -3.63
N ILE B 705 13.41 51.72 -3.65
CA ILE B 705 14.55 51.63 -4.55
C ILE B 705 14.08 51.81 -5.98
N THR B 706 12.93 51.20 -6.33
CA THR B 706 12.46 51.17 -7.71
C THR B 706 12.07 52.56 -8.19
N ASP B 707 11.66 53.44 -7.26
CA ASP B 707 11.26 54.80 -7.58
C ASP B 707 12.48 55.72 -7.67
N VAL B 708 13.43 55.51 -6.72
CA VAL B 708 14.71 56.19 -6.73
C VAL B 708 15.32 56.02 -8.13
N GLY B 709 15.46 54.77 -8.56
CA GLY B 709 15.94 54.43 -9.89
C GLY B 709 15.09 55.05 -10.99
N ALA B 710 13.77 54.96 -10.85
CA ALA B 710 12.83 55.53 -11.80
C ALA B 710 13.26 56.95 -12.16
N THR B 711 13.46 57.78 -11.13
CA THR B 711 13.72 59.21 -11.29
C THR B 711 15.16 59.47 -11.73
N ILE B 712 16.12 58.98 -10.94
CA ILE B 712 17.55 59.17 -11.16
C ILE B 712 17.93 58.77 -12.58
N ASN B 713 17.46 57.60 -13.04
CA ASN B 713 17.89 57.02 -14.30
C ASN B 713 17.19 57.69 -15.47
N HIS B 714 16.20 58.53 -15.15
CA HIS B 714 15.48 59.28 -16.17
C HIS B 714 15.63 60.78 -15.93
N ASP B 715 16.84 61.16 -15.49
CA ASP B 715 17.15 62.56 -15.21
C ASP B 715 18.21 62.98 -16.21
N PRO B 716 17.86 63.86 -17.20
CA PRO B 716 18.85 64.37 -18.15
C PRO B 716 20.06 64.99 -17.44
N GLU B 717 19.84 65.48 -16.21
CA GLU B 717 20.83 66.20 -15.45
C GLU B 717 21.90 65.27 -14.86
N ILE B 718 21.48 64.07 -14.44
CA ILE B 718 22.45 63.10 -13.94
C ILE B 718 23.09 62.39 -15.13
N GLY B 719 22.27 61.71 -15.94
CA GLY B 719 22.74 60.92 -17.07
C GLY B 719 23.35 59.60 -16.65
N ASP B 720 24.65 59.42 -16.92
CA ASP B 720 25.30 58.14 -16.73
C ASP B 720 26.30 58.18 -15.56
N LEU B 721 26.23 59.21 -14.71
CA LEU B 721 27.16 59.27 -13.60
C LEU B 721 26.60 58.43 -12.43
N LEU B 722 25.28 58.21 -12.48
CA LEU B 722 24.63 57.39 -11.49
C LEU B 722 23.43 56.69 -12.15
N LYS B 723 23.38 55.37 -11.96
CA LYS B 723 22.22 54.55 -12.24
C LYS B 723 21.90 53.72 -11.00
N VAL B 724 20.62 53.41 -10.79
CA VAL B 724 20.21 52.52 -9.71
C VAL B 724 19.18 51.53 -10.27
N VAL B 725 19.59 50.26 -10.36
CA VAL B 725 18.67 49.23 -10.85
C VAL B 725 18.36 48.24 -9.73
N PHE B 726 17.17 47.61 -9.81
CA PHE B 726 16.84 46.47 -8.98
C PHE B 726 16.59 45.26 -9.88
N VAL B 727 17.38 44.21 -9.70
CA VAL B 727 17.28 43.05 -10.57
C VAL B 727 16.17 42.14 -10.05
N PRO B 728 15.13 41.87 -10.88
CA PRO B 728 14.03 41.00 -10.45
C PRO B 728 14.52 39.56 -10.32
N ASP B 729 14.09 38.91 -9.22
CA ASP B 729 14.20 37.46 -9.09
C ASP B 729 15.67 37.06 -8.96
N TYR B 730 16.37 37.67 -8.00
CA TYR B 730 17.74 37.30 -7.71
C TYR B 730 17.79 35.83 -7.30
N ASN B 731 18.63 35.07 -8.00
CA ASN B 731 18.94 33.69 -7.68
C ASN B 731 20.29 33.34 -8.29
N VAL B 732 20.65 32.06 -8.22
CA VAL B 732 22.01 31.63 -8.46
C VAL B 732 22.45 32.10 -9.85
N SER B 733 21.57 31.97 -10.84
CA SER B 733 21.88 32.37 -12.20
C SER B 733 22.36 33.81 -12.24
N VAL B 734 21.57 34.69 -11.64
CA VAL B 734 21.87 36.11 -11.57
C VAL B 734 23.22 36.31 -10.88
N ALA B 735 23.39 35.70 -9.68
CA ALA B 735 24.60 35.86 -8.91
C ALA B 735 25.81 35.52 -9.77
N GLU B 736 25.70 34.41 -10.51
CA GLU B 736 26.76 33.92 -11.38
C GLU B 736 27.17 34.99 -12.40
N LEU B 737 26.31 36.01 -12.59
CA LEU B 737 26.47 36.97 -13.67
C LEU B 737 26.95 38.31 -13.10
N LEU B 738 26.31 38.74 -12.02
CA LEU B 738 26.65 39.99 -11.37
C LEU B 738 28.02 39.86 -10.71
N ILE B 739 28.22 38.78 -9.93
CA ILE B 739 29.41 38.61 -9.10
C ILE B 739 30.69 38.79 -9.92
N PRO B 740 30.90 38.07 -11.04
CA PRO B 740 32.11 38.27 -11.84
C PRO B 740 32.36 39.71 -12.26
N ALA B 741 31.30 40.51 -12.36
CA ALA B 741 31.43 41.83 -12.96
C ALA B 741 31.39 42.94 -11.91
N SER B 742 31.54 42.57 -10.64
CA SER B 742 31.38 43.53 -9.56
C SER B 742 32.71 44.20 -9.25
N ASP B 743 32.66 45.51 -8.95
CA ASP B 743 33.82 46.28 -8.53
C ASP B 743 33.77 46.44 -7.01
N LEU B 744 32.62 46.92 -6.53
CA LEU B 744 32.31 47.00 -5.12
C LEU B 744 31.06 46.18 -4.83
N SER B 745 31.05 45.52 -3.66
CA SER B 745 29.87 44.86 -3.15
C SER B 745 29.67 45.14 -1.67
N GLU B 746 28.40 45.18 -1.27
CA GLU B 746 28.02 45.72 0.02
C GLU B 746 27.48 44.62 0.91
N HIS B 747 28.07 44.53 2.11
CA HIS B 747 27.69 43.62 3.18
C HIS B 747 27.61 44.41 4.48
N ILE B 748 26.50 45.14 4.63
CA ILE B 748 26.42 46.29 5.51
C ILE B 748 25.34 46.06 6.56
N SER B 749 25.02 44.80 6.81
CA SER B 749 24.12 44.36 7.88
C SER B 749 24.48 45.08 9.18
N THR B 750 23.49 45.31 10.06
CA THR B 750 23.84 45.86 11.36
C THR B 750 24.78 44.88 12.05
N ALA B 751 25.86 45.42 12.64
CA ALA B 751 26.95 44.59 13.14
C ALA B 751 26.47 43.66 14.25
N GLY B 752 27.10 42.47 14.30
CA GLY B 752 26.80 41.43 15.28
C GLY B 752 25.56 40.59 14.96
N MET B 753 24.91 40.87 13.82
CA MET B 753 23.68 40.19 13.45
C MET B 753 23.91 39.08 12.42
N GLU B 754 24.75 39.33 11.39
CA GLU B 754 25.13 38.35 10.37
C GLU B 754 26.06 37.27 10.94
N ALA B 755 25.65 36.01 10.85
CA ALA B 755 26.45 34.93 11.38
C ALA B 755 27.72 34.75 10.55
N SER B 756 27.58 34.91 9.24
CA SER B 756 28.61 34.56 8.29
C SER B 756 28.42 35.33 6.98
N GLY B 757 27.38 34.96 6.21
CA GLY B 757 27.19 35.43 4.85
C GLY B 757 28.13 34.70 3.91
N THR B 758 27.66 34.41 2.69
CA THR B 758 28.46 33.66 1.74
C THR B 758 28.63 34.44 0.42
N SER B 759 27.73 35.41 0.14
CA SER B 759 27.88 36.26 -1.03
C SER B 759 29.24 36.93 -1.00
N ASN B 760 29.66 37.35 0.19
CA ASN B 760 30.85 38.16 0.34
C ASN B 760 32.11 37.35 0.00
N MET B 761 31.99 36.02 -0.01
CA MET B 761 33.10 35.13 -0.32
C MET B 761 33.22 34.93 -1.84
N1 LLP B 762 21.48 33.88 -2.95
C2 LLP B 762 22.24 33.47 -3.97
C2' LLP B 762 21.60 33.32 -5.31
C3 LLP B 762 23.60 33.20 -3.78
O3 LLP B 762 24.34 32.77 -4.84
C4 LLP B 762 24.17 33.34 -2.50
C4' LLP B 762 25.58 33.06 -2.28
C5 LLP B 762 23.35 33.78 -1.46
C6 LLP B 762 22.04 34.03 -1.73
C5' LLP B 762 23.85 33.96 -0.06
OP4 LLP B 762 23.91 35.39 0.17
P LLP B 762 24.47 35.99 1.54
OP1 LLP B 762 25.79 36.63 1.19
OP2 LLP B 762 23.46 37.05 1.97
OP3 LLP B 762 24.63 34.85 2.54
N LLP B 762 32.06 34.80 -2.50
CA LLP B 762 31.92 34.71 -3.94
CB LLP B 762 30.41 34.67 -4.24
CG LLP B 762 29.79 33.33 -4.61
CD LLP B 762 28.75 32.68 -3.70
CE LLP B 762 27.69 33.60 -3.24
NZ LLP B 762 26.40 32.92 -3.26
C LLP B 762 32.54 35.95 -4.58
O LLP B 762 33.18 35.88 -5.63
N PHE B 763 32.31 37.10 -3.92
CA PHE B 763 32.71 38.40 -4.42
C PHE B 763 34.22 38.52 -4.32
N ALA B 764 34.76 38.36 -3.11
CA ALA B 764 36.20 38.47 -2.93
C ALA B 764 36.92 37.53 -3.89
N MET B 765 36.33 36.36 -4.12
CA MET B 765 36.91 35.39 -5.04
C MET B 765 37.01 35.97 -6.44
N ASN B 766 35.97 36.70 -6.86
CA ASN B 766 35.87 37.20 -8.22
C ASN B 766 36.59 38.54 -8.39
N GLY B 767 37.39 38.96 -7.40
CA GLY B 767 38.24 40.14 -7.52
C GLY B 767 37.52 41.43 -7.12
N CYS B 768 36.37 41.26 -6.48
CA CYS B 768 35.52 42.37 -6.09
C CYS B 768 36.01 42.93 -4.75
N ILE B 769 35.72 44.21 -4.50
CA ILE B 769 36.11 44.83 -3.24
C ILE B 769 34.86 45.00 -2.39
N GLN B 770 35.00 44.78 -1.08
CA GLN B 770 33.86 44.73 -0.18
C GLN B 770 33.85 45.94 0.73
N ILE B 771 32.71 46.64 0.74
CA ILE B 771 32.38 47.54 1.83
C ILE B 771 31.42 46.80 2.76
N GLY B 772 31.58 47.00 4.06
CA GLY B 772 30.71 46.32 5.02
C GLY B 772 31.01 46.67 6.48
N THR B 773 30.22 46.11 7.39
CA THR B 773 30.42 46.22 8.82
C THR B 773 31.38 45.13 9.30
N LEU B 774 31.99 45.32 10.47
CA LEU B 774 32.73 44.25 11.10
C LEU B 774 31.74 43.25 11.71
N ASP B 775 31.46 42.16 10.98
CA ASP B 775 30.79 40.99 11.53
C ASP B 775 30.68 39.86 10.50
N GLY B 776 30.42 38.65 11.02
CA GLY B 776 30.31 37.45 10.22
C GLY B 776 31.62 37.14 9.49
N ALA B 777 31.48 36.72 8.24
CA ALA B 777 32.62 36.30 7.47
C ALA B 777 33.47 37.52 7.12
N ASN B 778 32.82 38.69 7.14
CA ASN B 778 33.46 39.95 6.81
C ASN B 778 34.77 40.08 7.59
N VAL B 779 34.75 39.63 8.86
CA VAL B 779 35.88 39.82 9.75
C VAL B 779 37.09 39.04 9.27
N GLU B 780 36.86 37.78 8.88
CA GLU B 780 37.92 36.90 8.39
C GLU B 780 38.36 37.32 6.99
N ILE B 781 37.41 37.64 6.11
CA ILE B 781 37.75 38.07 4.77
C ILE B 781 38.72 39.25 4.84
N ARG B 782 38.38 40.27 5.65
CA ARG B 782 39.24 41.43 5.83
C ARG B 782 40.65 41.00 6.27
N GLU B 783 40.73 40.04 7.20
CA GLU B 783 42.00 39.54 7.73
C GLU B 783 42.83 38.88 6.64
N GLU B 784 42.14 38.23 5.70
CA GLU B 784 42.79 37.40 4.69
C GLU B 784 43.15 38.23 3.47
N VAL B 785 42.21 39.07 3.00
CA VAL B 785 42.40 39.86 1.79
C VAL B 785 43.41 40.96 2.09
N GLY B 786 43.28 41.56 3.30
CA GLY B 786 44.10 42.69 3.67
C GLY B 786 43.24 43.85 4.17
N GLU B 787 43.60 44.38 5.33
CA GLU B 787 42.81 45.41 5.98
C GLU B 787 42.58 46.58 5.01
N GLU B 788 43.56 46.81 4.12
CA GLU B 788 43.54 47.99 3.28
C GLU B 788 42.99 47.64 1.89
N ASN B 789 42.49 46.42 1.75
CA ASN B 789 41.88 45.99 0.50
C ASN B 789 40.44 45.61 0.79
N PHE B 790 39.92 46.07 1.94
CA PHE B 790 38.54 45.86 2.32
C PHE B 790 38.04 47.12 3.02
N PHE B 791 36.94 47.71 2.54
CA PHE B 791 36.43 48.95 3.13
C PHE B 791 35.53 48.62 4.31
N LEU B 792 35.78 49.27 5.45
CA LEU B 792 35.04 49.00 6.68
C LEU B 792 34.43 50.29 7.24
N PHE B 793 33.31 50.16 7.96
CA PHE B 793 32.68 51.28 8.65
C PHE B 793 31.76 50.77 9.75
N GLY B 794 31.09 51.70 10.44
CA GLY B 794 29.96 51.41 11.32
C GLY B 794 30.35 51.09 12.75
N ALA B 795 29.35 51.08 13.63
CA ALA B 795 29.49 50.60 15.00
C ALA B 795 29.67 49.08 15.00
N GLN B 796 30.50 48.58 15.92
CA GLN B 796 30.91 47.19 16.00
C GLN B 796 30.03 46.44 17.00
N ALA B 797 29.99 45.10 16.85
CA ALA B 797 28.92 44.25 17.36
C ALA B 797 28.67 44.48 18.85
N HIS B 798 29.74 44.74 19.60
CA HIS B 798 29.65 44.89 21.04
C HIS B 798 28.93 46.18 21.42
N GLU B 799 29.12 47.25 20.65
CA GLU B 799 28.57 48.54 21.04
C GLU B 799 27.05 48.63 20.89
N ILE B 800 26.42 47.77 20.05
CA ILE B 800 25.08 48.03 19.53
C ILE B 800 24.13 48.36 20.68
N ALA B 801 24.19 47.55 21.75
CA ALA B 801 23.30 47.69 22.91
C ALA B 801 23.53 49.05 23.57
N GLY B 802 24.81 49.44 23.71
CA GLY B 802 25.20 50.78 24.10
C GLY B 802 24.44 51.85 23.30
N LEU B 803 24.45 51.72 21.96
CA LEU B 803 23.94 52.75 21.08
C LEU B 803 22.42 52.74 21.05
N ARG B 804 21.83 51.57 21.27
CA ARG B 804 20.39 51.46 21.35
C ARG B 804 19.92 52.04 22.67
N LYS B 805 20.74 51.79 23.72
CA LYS B 805 20.46 52.36 25.03
C LYS B 805 20.45 53.88 24.92
N GLU B 806 21.45 54.40 24.17
CA GLU B 806 21.61 55.81 23.82
C GLU B 806 20.33 56.34 23.15
N ARG B 807 19.76 55.55 22.24
CA ARG B 807 18.52 55.94 21.57
C ARG B 807 17.36 55.94 22.58
N ALA B 808 17.33 54.89 23.42
CA ALA B 808 16.29 54.66 24.42
C ALA B 808 16.23 55.79 25.46
N ASP B 809 17.39 56.38 25.77
CA ASP B 809 17.49 57.50 26.70
C ASP B 809 17.28 58.84 25.97
N GLY B 810 17.75 58.91 24.72
CA GLY B 810 17.62 60.09 23.87
C GLY B 810 18.91 60.92 23.88
N LYS B 811 20.01 60.31 23.42
CA LYS B 811 21.34 60.91 23.38
C LYS B 811 21.89 60.87 21.94
N PHE B 812 21.29 60.03 21.08
CA PHE B 812 21.72 59.96 19.69
C PHE B 812 21.36 61.27 19.02
N VAL B 813 22.39 62.07 18.77
CA VAL B 813 22.26 63.26 17.94
C VAL B 813 22.44 62.81 16.50
N PRO B 814 21.40 62.86 15.63
CA PRO B 814 21.55 62.51 14.21
C PRO B 814 22.49 63.43 13.44
N ASP B 815 23.05 62.93 12.33
CA ASP B 815 23.86 63.75 11.46
C ASP B 815 22.95 64.50 10.49
N GLU B 816 23.33 65.77 10.23
CA GLU B 816 22.52 66.72 9.47
C GLU B 816 22.30 66.20 8.04
N ARG B 817 23.25 65.38 7.60
CA ARG B 817 23.19 64.75 6.29
C ARG B 817 22.09 63.70 6.28
N PHE B 818 21.91 63.02 7.43
CA PHE B 818 20.82 62.06 7.56
C PHE B 818 19.48 62.78 7.43
N GLU B 819 19.32 63.83 8.23
CA GLU B 819 18.13 64.68 8.23
C GLU B 819 17.81 65.15 6.81
N GLU B 820 18.82 65.66 6.09
CA GLU B 820 18.72 66.07 4.69
C GLU B 820 17.94 65.02 3.89
N VAL B 821 18.51 63.81 3.80
CA VAL B 821 17.98 62.77 2.92
C VAL B 821 16.46 62.60 3.14
N LYS B 822 16.06 62.45 4.41
CA LYS B 822 14.69 62.16 4.80
C LYS B 822 13.76 63.24 4.27
N GLU B 823 14.18 64.50 4.47
CA GLU B 823 13.35 65.62 4.06
C GLU B 823 13.21 65.63 2.54
N PHE B 824 14.35 65.39 1.85
CA PHE B 824 14.43 65.42 0.40
C PHE B 824 13.45 64.42 -0.20
N VAL B 825 13.34 63.24 0.45
CA VAL B 825 12.40 62.22 0.01
C VAL B 825 10.98 62.67 0.33
N ARG B 826 10.75 63.11 1.58
CA ARG B 826 9.45 63.63 1.97
C ARG B 826 8.92 64.60 0.90
N SER B 827 9.80 65.50 0.42
CA SER B 827 9.42 66.49 -0.58
C SER B 827 8.74 65.84 -1.78
N GLY B 828 8.89 64.51 -1.92
CA GLY B 828 8.21 63.73 -2.94
C GLY B 828 8.96 63.76 -4.26
N ALA B 829 10.30 63.77 -4.15
CA ALA B 829 11.23 63.81 -5.27
C ALA B 829 11.02 62.58 -6.14
N PHE B 830 10.69 61.47 -5.47
CA PHE B 830 10.47 60.20 -6.13
C PHE B 830 9.00 60.04 -6.44
N GLY B 831 8.21 61.04 -6.02
CA GLY B 831 6.93 61.34 -6.65
C GLY B 831 5.75 61.01 -5.75
N SER B 832 4.75 60.37 -6.38
CA SER B 832 3.39 60.22 -5.87
C SER B 832 3.28 59.19 -4.73
N TYR B 833 4.16 58.18 -4.71
CA TYR B 833 4.16 57.24 -3.61
C TYR B 833 4.63 57.95 -2.35
N ASN B 834 3.83 57.83 -1.28
CA ASN B 834 4.17 58.46 -0.01
C ASN B 834 4.96 57.48 0.84
N TYR B 835 6.04 58.01 1.46
CA TYR B 835 7.00 57.18 2.19
C TYR B 835 7.00 57.38 3.72
N ASP B 836 6.14 58.23 4.28
CA ASP B 836 6.20 58.62 5.69
C ASP B 836 6.35 57.39 6.57
N ASP B 837 5.69 56.29 6.16
CA ASP B 837 5.74 54.98 6.79
C ASP B 837 7.17 54.44 6.94
N LEU B 838 7.96 54.59 5.87
CA LEU B 838 9.29 53.99 5.76
C LEU B 838 10.26 54.71 6.71
N ILE B 839 10.29 56.05 6.65
CA ILE B 839 11.05 56.82 7.63
C ILE B 839 10.47 56.56 9.02
N GLY B 840 9.13 56.42 9.07
CA GLY B 840 8.37 56.06 10.26
C GLY B 840 9.11 55.04 11.13
N SER B 841 9.65 54.01 10.48
CA SER B 841 10.37 52.95 11.20
C SER B 841 11.57 53.50 11.97
N LEU B 842 12.28 54.45 11.35
CA LEU B 842 13.57 54.87 11.86
C LEU B 842 13.40 55.88 13.00
N GLU B 843 12.33 56.70 12.95
CA GLU B 843 12.18 57.84 13.85
C GLU B 843 11.53 57.42 15.17
N GLY B 844 11.66 58.30 16.17
CA GLY B 844 11.23 58.03 17.54
C GLY B 844 12.30 57.29 18.35
N ASN B 845 12.17 57.35 19.67
CA ASN B 845 13.21 56.78 20.51
C ASN B 845 12.75 55.43 21.08
N GLU B 846 11.43 55.33 21.28
CA GLU B 846 10.80 54.12 21.81
C GLU B 846 9.98 53.49 20.70
N GLY B 847 9.67 52.20 20.89
CA GLY B 847 8.66 51.55 20.06
C GLY B 847 9.13 50.26 19.38
N PHE B 848 8.13 49.40 19.07
CA PHE B 848 8.29 48.19 18.26
C PHE B 848 8.87 48.54 16.89
N GLY B 849 8.14 49.39 16.15
CA GLY B 849 8.49 49.71 14.78
C GLY B 849 9.32 50.99 14.67
N ARG B 850 9.28 51.82 15.73
CA ARG B 850 10.02 53.07 15.74
C ARG B 850 11.46 52.79 16.21
N ALA B 851 12.30 53.84 16.17
CA ALA B 851 13.55 53.89 16.94
C ALA B 851 14.76 53.41 16.14
N ASP B 852 14.54 52.98 14.88
CA ASP B 852 15.63 52.51 14.04
C ASP B 852 16.47 51.49 14.83
N TYR B 853 15.85 50.32 15.06
CA TYR B 853 16.48 49.23 15.79
C TYR B 853 17.87 48.96 15.22
N PHE B 854 18.02 49.12 13.89
CA PHE B 854 19.16 48.63 13.13
C PHE B 854 20.19 49.70 12.83
N LEU B 855 20.06 50.86 13.49
CA LEU B 855 21.09 51.89 13.58
C LEU B 855 21.53 52.37 12.19
N VAL B 856 20.56 52.60 11.29
CA VAL B 856 20.83 53.16 9.98
C VAL B 856 21.37 54.58 10.16
N GLY B 857 20.57 55.43 10.84
CA GLY B 857 20.91 56.81 11.14
C GLY B 857 22.30 56.97 11.77
N LYS B 858 22.68 56.01 12.63
CA LYS B 858 23.91 56.11 13.40
C LYS B 858 25.11 55.67 12.57
N ASP B 859 24.93 54.64 11.74
CA ASP B 859 26.04 54.15 10.94
C ASP B 859 26.22 55.05 9.72
N PHE B 860 25.10 55.61 9.24
CA PHE B 860 25.02 56.40 8.02
C PHE B 860 26.24 57.30 7.76
N PRO B 861 26.70 58.13 8.73
CA PRO B 861 27.78 59.09 8.47
C PRO B 861 29.07 58.43 8.00
N SER B 862 29.59 57.48 8.80
CA SER B 862 30.78 56.73 8.42
C SER B 862 30.54 55.99 7.11
N TYR B 863 29.30 55.56 6.87
CA TYR B 863 28.98 54.86 5.64
C TYR B 863 29.36 55.74 4.47
N ILE B 864 28.64 56.86 4.34
CA ILE B 864 28.75 57.68 3.15
C ILE B 864 30.20 58.17 2.99
N GLU B 865 30.88 58.37 4.12
CA GLU B 865 32.25 58.85 4.10
C GLU B 865 33.17 57.75 3.57
N CYS B 866 32.86 56.51 3.99
CA CYS B 866 33.53 55.34 3.45
C CYS B 866 33.32 55.30 1.93
N GLN B 867 32.08 55.58 1.49
CA GLN B 867 31.75 55.53 0.08
C GLN B 867 32.56 56.56 -0.69
N GLU B 868 32.91 57.65 0.00
CA GLU B 868 33.80 58.66 -0.57
C GLU B 868 35.19 58.05 -0.80
N LYS B 869 35.64 57.22 0.15
CA LYS B 869 36.95 56.59 0.04
C LYS B 869 36.99 55.56 -1.09
N VAL B 870 35.81 55.03 -1.47
CA VAL B 870 35.75 54.13 -2.59
C VAL B 870 35.87 54.93 -3.90
N ASP B 871 35.11 56.03 -3.99
CA ASP B 871 35.21 56.96 -5.12
C ASP B 871 36.68 57.25 -5.37
N GLU B 872 37.35 57.67 -4.28
CA GLU B 872 38.75 58.05 -4.23
C GLU B 872 39.65 56.90 -4.67
N ALA B 873 39.37 55.70 -4.15
CA ALA B 873 40.21 54.55 -4.46
C ALA B 873 40.05 54.17 -5.93
N TYR B 874 38.80 54.23 -6.41
CA TYR B 874 38.46 53.83 -7.76
C TYR B 874 39.18 54.71 -8.79
N ARG B 875 39.39 55.99 -8.46
CA ARG B 875 40.10 56.93 -9.31
C ARG B 875 41.55 56.48 -9.51
N ASP B 876 42.17 55.95 -8.44
CA ASP B 876 43.52 55.43 -8.53
C ASP B 876 43.48 53.98 -8.98
N GLN B 877 43.36 53.77 -10.30
CA GLN B 877 43.07 52.47 -10.91
C GLN B 877 44.21 51.47 -10.71
N LYS B 878 45.45 51.97 -10.53
CA LYS B 878 46.59 51.11 -10.25
C LYS B 878 46.39 50.53 -8.85
N ARG B 879 46.03 51.41 -7.90
CA ARG B 879 45.78 51.01 -6.52
C ARG B 879 44.55 50.09 -6.50
N TRP B 880 43.41 50.61 -7.00
CA TRP B 880 42.16 49.88 -7.03
C TRP B 880 42.42 48.43 -7.46
N THR B 881 42.95 48.29 -8.68
CA THR B 881 43.14 47.00 -9.32
C THR B 881 44.05 46.10 -8.49
N THR B 882 44.97 46.70 -7.72
CA THR B 882 45.83 45.91 -6.84
C THR B 882 44.97 45.29 -5.74
N MET B 883 44.12 46.12 -5.14
CA MET B 883 43.20 45.69 -4.10
C MET B 883 42.33 44.56 -4.64
N SER B 884 41.77 44.75 -5.84
CA SER B 884 40.98 43.74 -6.52
C SER B 884 41.72 42.41 -6.52
N ILE B 885 42.98 42.43 -6.95
CA ILE B 885 43.79 41.22 -7.13
C ILE B 885 44.07 40.60 -5.77
N LEU B 886 44.19 41.44 -4.73
CA LEU B 886 44.52 40.96 -3.39
C LEU B 886 43.32 40.27 -2.76
N ASN B 887 42.09 40.72 -3.10
CA ASN B 887 40.88 40.07 -2.65
C ASN B 887 40.85 38.62 -3.12
N THR B 888 41.08 38.42 -4.43
CA THR B 888 41.16 37.09 -5.02
C THR B 888 42.29 36.27 -4.38
N ALA B 889 43.47 36.88 -4.25
CA ALA B 889 44.63 36.17 -3.75
C ALA B 889 44.48 35.87 -2.26
N GLY B 890 43.42 36.39 -1.63
CA GLY B 890 43.15 36.23 -0.21
C GLY B 890 41.95 35.31 0.05
N SER B 891 41.20 34.99 -1.01
CA SER B 891 39.92 34.32 -0.90
C SER B 891 40.04 32.80 -0.75
N TYR B 892 41.28 32.29 -0.76
CA TYR B 892 41.48 30.85 -0.88
C TYR B 892 40.87 30.13 0.31
N LYS B 893 41.07 30.70 1.50
CA LYS B 893 40.62 30.06 2.72
C LYS B 893 39.10 29.89 2.66
N PHE B 894 38.46 30.57 1.71
CA PHE B 894 37.01 30.57 1.67
C PHE B 894 36.49 29.61 0.60
N SER B 895 37.31 28.65 0.19
CA SER B 895 36.84 27.53 -0.61
C SER B 895 36.12 26.55 0.29
N SER B 896 34.91 26.14 -0.09
CA SER B 896 34.12 25.21 0.68
C SER B 896 34.85 23.88 0.84
N ASP B 897 35.87 23.65 -0.01
CA ASP B 897 36.73 22.47 0.03
C ASP B 897 37.46 22.38 1.37
N ARG B 898 37.91 23.54 1.88
CA ARG B 898 38.53 23.65 3.19
C ARG B 898 37.51 23.37 4.29
N THR B 899 36.26 23.81 4.08
CA THR B 899 35.20 23.65 5.06
C THR B 899 34.85 22.17 5.20
N ILE B 900 34.72 21.49 4.05
CA ILE B 900 34.27 20.12 4.02
C ILE B 900 35.32 19.18 4.60
N HIS B 901 36.60 19.44 4.28
CA HIS B 901 37.70 18.71 4.89
C HIS B 901 37.57 18.75 6.41
N GLU B 902 37.21 19.92 6.94
CA GLU B 902 37.13 20.16 8.37
C GLU B 902 35.95 19.43 8.99
N TYR B 903 34.77 19.62 8.40
CA TYR B 903 33.62 18.82 8.79
C TYR B 903 34.02 17.34 8.78
N ALA B 904 34.59 16.89 7.65
CA ALA B 904 34.84 15.49 7.37
C ALA B 904 35.83 14.85 8.34
N LYS B 905 36.82 15.64 8.79
CA LYS B 905 37.85 15.13 9.67
C LYS B 905 37.41 15.26 11.12
N ASP B 906 36.76 16.39 11.46
CA ASP B 906 36.59 16.76 12.86
C ASP B 906 35.22 16.36 13.42
N ILE B 907 34.24 16.11 12.55
CA ILE B 907 32.90 15.81 13.03
C ILE B 907 32.51 14.42 12.55
N TRP B 908 32.58 14.22 11.22
CA TRP B 908 32.02 13.06 10.56
C TRP B 908 32.96 11.87 10.63
N ASN B 909 34.28 12.12 10.70
CA ASN B 909 35.25 11.04 10.65
C ASN B 909 34.98 10.17 9.43
N ILE B 910 34.75 10.82 8.28
CA ILE B 910 34.66 10.13 7.01
C ILE B 910 35.97 10.32 6.26
N GLU B 911 36.36 9.31 5.47
CA GLU B 911 37.56 9.38 4.67
C GLU B 911 37.14 9.33 3.21
N ALA B 912 38.03 9.80 2.32
CA ALA B 912 37.71 9.85 0.91
C ALA B 912 37.78 8.45 0.27
N VAL B 913 36.80 8.16 -0.59
CA VAL B 913 36.77 6.94 -1.36
C VAL B 913 36.99 7.30 -2.82
N GLU B 914 38.06 6.74 -3.41
CA GLU B 914 38.42 6.98 -4.80
C GLU B 914 37.71 5.98 -5.72
N ILE B 915 37.15 6.48 -6.82
CA ILE B 915 36.38 5.68 -7.73
C ILE B 915 37.25 5.49 -8.98
N ALA B 916 37.62 4.24 -9.26
CA ALA B 916 38.47 3.86 -10.40
C ALA B 916 37.75 4.12 -11.74
N ALA C 23 -10.14 2.09 38.40
CA ALA C 23 -9.26 1.78 37.22
C ALA C 23 -7.91 2.50 37.35
N PRO C 24 -6.78 1.76 37.46
CA PRO C 24 -5.48 2.35 37.82
C PRO C 24 -4.62 2.86 36.66
N ASP C 25 -3.47 3.46 37.01
CA ASP C 25 -2.49 3.96 36.07
C ASP C 25 -1.11 3.58 36.57
N ALA C 26 -0.09 3.92 35.78
CA ALA C 26 1.29 3.55 36.04
C ALA C 26 1.73 4.01 37.44
N ALA C 27 1.34 5.24 37.79
CA ALA C 27 1.64 5.80 39.10
C ALA C 27 1.15 4.84 40.20
N SER C 28 -0.12 4.40 40.10
CA SER C 28 -0.74 3.58 41.12
C SER C 28 -0.16 2.17 41.11
N ILE C 29 0.22 1.67 39.94
CA ILE C 29 0.68 0.30 39.81
C ILE C 29 2.11 0.19 40.32
N THR C 30 2.88 1.27 40.18
CA THR C 30 4.24 1.26 40.70
C THR C 30 4.16 0.96 42.20
N SER C 31 3.13 1.54 42.84
CA SER C 31 2.92 1.41 44.27
C SER C 31 2.39 0.02 44.59
N SER C 32 1.48 -0.47 43.74
CA SER C 32 0.88 -1.79 43.87
C SER C 32 1.96 -2.87 43.91
N ILE C 33 2.98 -2.72 43.04
CA ILE C 33 4.07 -3.68 42.93
C ILE C 33 5.04 -3.50 44.08
N LYS C 34 5.40 -2.25 44.40
CA LYS C 34 6.29 -2.03 45.52
C LYS C 34 5.69 -2.72 46.76
N TYR C 35 4.37 -2.57 46.94
CA TYR C 35 3.66 -3.10 48.09
C TYR C 35 3.83 -4.61 48.17
N HIS C 36 3.48 -5.30 47.07
CA HIS C 36 3.44 -6.75 47.01
C HIS C 36 4.84 -7.35 47.17
N ALA C 37 5.83 -6.65 46.63
CA ALA C 37 7.20 -7.14 46.71
C ALA C 37 7.64 -7.20 48.16
N GLU C 38 7.19 -6.20 48.93
CA GLU C 38 7.60 -6.07 50.32
C GLU C 38 6.70 -6.87 51.24
N PHE C 39 5.38 -6.81 51.00
CA PHE C 39 4.37 -7.22 51.97
C PHE C 39 3.71 -8.57 51.65
N THR C 40 3.64 -8.94 50.37
CA THR C 40 3.24 -10.29 50.02
C THR C 40 4.48 -10.99 49.48
N PRO C 41 5.60 -11.06 50.22
CA PRO C 41 6.87 -11.50 49.67
C PRO C 41 7.06 -13.01 49.66
N VAL C 42 7.84 -13.49 48.69
CA VAL C 42 8.24 -14.88 48.63
C VAL C 42 9.76 -14.96 48.46
N PHE C 43 10.45 -13.82 48.51
CA PHE C 43 11.90 -13.75 48.48
C PHE C 43 12.39 -12.86 49.63
N SER C 44 13.70 -12.91 49.90
CA SER C 44 14.31 -12.04 50.89
C SER C 44 14.29 -10.59 50.41
N PRO C 45 14.58 -9.57 51.26
CA PRO C 45 14.44 -8.17 50.87
C PRO C 45 15.67 -7.69 50.11
N GLU C 46 16.73 -8.52 50.14
CA GLU C 46 17.97 -8.30 49.41
C GLU C 46 17.69 -8.25 47.90
N ARG C 47 17.70 -7.03 47.34
CA ARG C 47 17.61 -6.78 45.91
C ARG C 47 16.23 -7.11 45.33
N PHE C 48 15.95 -6.46 44.18
CA PHE C 48 14.71 -6.61 43.42
C PHE C 48 15.04 -7.26 42.08
N GLU C 49 15.38 -8.55 42.12
CA GLU C 49 15.76 -9.32 40.95
C GLU C 49 14.57 -9.56 40.02
N LEU C 50 14.76 -10.40 38.99
CA LEU C 50 13.76 -10.68 37.96
C LEU C 50 12.59 -11.49 38.51
N PRO C 51 12.84 -12.63 39.19
CA PRO C 51 11.75 -13.47 39.70
C PRO C 51 10.93 -12.80 40.80
N LYS C 52 11.62 -12.00 41.62
CA LYS C 52 10.93 -11.16 42.57
C LYS C 52 9.96 -10.28 41.80
N ALA C 53 10.51 -9.54 40.82
CA ALA C 53 9.81 -8.52 40.04
C ALA C 53 8.59 -9.13 39.35
N PHE C 54 8.74 -10.36 38.84
CA PHE C 54 7.62 -11.01 38.19
C PHE C 54 6.56 -11.33 39.23
N PHE C 55 7.01 -11.92 40.35
CA PHE C 55 6.09 -12.36 41.37
C PHE C 55 5.20 -11.19 41.77
N ALA C 56 5.83 -10.11 42.26
CA ALA C 56 5.14 -8.91 42.70
C ALA C 56 4.27 -8.32 41.59
N THR C 57 4.73 -8.36 40.34
CA THR C 57 3.93 -7.80 39.26
C THR C 57 2.62 -8.59 39.14
N ALA C 58 2.75 -9.91 39.12
CA ALA C 58 1.59 -10.80 38.97
C ALA C 58 0.60 -10.62 40.13
N GLN C 59 1.11 -10.50 41.36
CA GLN C 59 0.26 -10.25 42.51
C GLN C 59 -0.55 -8.98 42.29
N SER C 60 0.09 -7.92 41.78
CA SER C 60 -0.59 -6.69 41.39
C SER C 60 -1.77 -7.02 40.48
N VAL C 61 -1.48 -7.74 39.39
CA VAL C 61 -2.50 -8.02 38.39
C VAL C 61 -3.67 -8.76 39.03
N ARG C 62 -3.36 -9.73 39.90
CA ARG C 62 -4.38 -10.51 40.57
C ARG C 62 -5.38 -9.54 41.19
N ASP C 63 -4.87 -8.71 42.10
CA ASP C 63 -5.67 -7.73 42.79
C ASP C 63 -6.73 -7.19 41.84
N SER C 64 -6.30 -6.68 40.69
CA SER C 64 -7.24 -6.18 39.70
C SER C 64 -8.22 -7.28 39.32
N LEU C 65 -7.71 -8.47 39.04
CA LEU C 65 -8.52 -9.59 38.59
C LEU C 65 -9.58 -9.96 39.63
N LEU C 66 -9.22 -9.83 40.92
CA LEU C 66 -10.08 -10.27 42.01
C LEU C 66 -11.21 -9.26 42.24
N ILE C 67 -10.95 -7.96 42.02
CA ILE C 67 -12.03 -6.98 41.98
C ILE C 67 -13.13 -7.52 41.07
N ASN C 68 -12.74 -7.84 39.83
CA ASN C 68 -13.68 -8.21 38.80
C ASN C 68 -14.20 -9.63 39.01
N TRP C 69 -13.41 -10.46 39.72
CA TRP C 69 -13.83 -11.83 40.00
C TRP C 69 -14.99 -11.83 40.98
N ASN C 70 -14.87 -10.96 41.99
CA ASN C 70 -15.86 -10.83 43.03
C ASN C 70 -17.10 -10.11 42.48
N ALA C 71 -16.89 -9.21 41.53
CA ALA C 71 -17.98 -8.52 40.85
C ALA C 71 -18.82 -9.55 40.11
N THR C 72 -18.17 -10.36 39.29
CA THR C 72 -18.82 -11.42 38.54
C THR C 72 -19.55 -12.37 39.49
N TYR C 73 -18.91 -12.73 40.63
CA TYR C 73 -19.49 -13.66 41.60
C TYR C 73 -20.81 -13.12 42.13
N ASP C 74 -20.83 -11.83 42.52
CA ASP C 74 -21.98 -11.13 43.07
C ASP C 74 -23.11 -11.14 42.05
N ILE C 75 -22.83 -10.67 40.84
CA ILE C 75 -23.85 -10.56 39.81
C ILE C 75 -24.43 -11.95 39.52
N TYR C 76 -23.57 -12.97 39.54
CA TYR C 76 -24.00 -14.32 39.23
C TYR C 76 -24.90 -14.85 40.35
N GLU C 77 -24.56 -14.51 41.60
CA GLU C 77 -25.28 -14.96 42.79
C GLU C 77 -26.70 -14.37 42.79
N LYS C 78 -26.75 -13.04 42.65
CA LYS C 78 -28.01 -12.35 42.67
C LYS C 78 -28.92 -12.91 41.58
N LEU C 79 -28.43 -12.99 40.35
CA LEU C 79 -29.24 -13.31 39.18
C LEU C 79 -29.53 -14.80 39.11
N ASN C 80 -28.67 -15.63 39.70
CA ASN C 80 -28.87 -17.07 39.69
C ASN C 80 -29.41 -17.52 38.33
N MET C 81 -28.67 -17.18 37.27
CA MET C 81 -29.00 -17.53 35.89
C MET C 81 -28.40 -18.89 35.56
N LYS C 82 -28.63 -19.37 34.34
CA LYS C 82 -28.02 -20.63 33.97
C LYS C 82 -26.52 -20.43 33.88
N GLN C 83 -25.76 -21.29 34.55
CA GLN C 83 -24.30 -21.29 34.42
C GLN C 83 -23.89 -22.56 33.69
N ALA C 84 -22.76 -22.50 32.99
CA ALA C 84 -22.26 -23.62 32.20
C ALA C 84 -20.91 -24.08 32.76
N TYR C 85 -20.54 -25.33 32.45
CA TYR C 85 -19.39 -25.93 33.13
C TYR C 85 -18.60 -26.83 32.19
N TYR C 86 -17.38 -26.38 31.85
CA TYR C 86 -16.48 -27.09 30.96
C TYR C 86 -15.49 -27.88 31.79
N LEU C 87 -15.64 -29.21 31.75
CA LEU C 87 -14.78 -30.14 32.47
C LEU C 87 -13.75 -30.67 31.48
N SER C 88 -12.47 -30.59 31.85
CA SER C 88 -11.43 -31.08 30.97
C SER C 88 -10.30 -31.71 31.78
N MET C 89 -9.83 -32.88 31.33
CA MET C 89 -8.70 -33.52 31.96
C MET C 89 -7.46 -32.66 31.81
N GLU C 90 -7.50 -31.71 30.85
CA GLU C 90 -6.39 -30.80 30.64
C GLU C 90 -6.82 -29.39 30.21
N PHE C 91 -6.11 -28.40 30.79
CA PHE C 91 -6.19 -26.98 30.47
C PHE C 91 -4.78 -26.47 30.19
N LEU C 92 -4.55 -26.00 28.98
CA LEU C 92 -3.23 -25.55 28.59
C LEU C 92 -3.19 -24.03 28.65
N GLN C 93 -3.24 -23.52 29.89
CA GLN C 93 -3.45 -22.11 30.17
C GLN C 93 -2.29 -21.31 29.61
N GLY C 94 -1.07 -21.87 29.70
CA GLY C 94 0.14 -21.19 29.30
C GLY C 94 0.53 -20.13 30.31
N ARG C 95 0.99 -18.96 29.85
CA ARG C 95 1.32 -17.87 30.75
C ARG C 95 0.14 -16.91 30.81
N ALA C 96 0.01 -16.19 31.93
CA ALA C 96 -1.21 -15.46 32.25
C ALA C 96 -1.04 -13.96 32.10
N LEU C 97 0.17 -13.46 32.41
CA LEU C 97 0.42 -12.04 32.66
C LEU C 97 0.01 -11.18 31.47
N LEU C 98 0.45 -11.57 30.27
CA LEU C 98 0.37 -10.69 29.12
C LEU C 98 -1.08 -10.57 28.66
N ASN C 99 -1.83 -11.68 28.75
CA ASN C 99 -3.23 -11.70 28.35
C ASN C 99 -4.09 -11.06 29.43
N ALA C 100 -3.58 -11.11 30.66
CA ALA C 100 -4.25 -10.54 31.81
C ALA C 100 -4.26 -9.02 31.69
N ILE C 101 -3.09 -8.42 31.58
CA ILE C 101 -2.98 -6.98 31.51
C ILE C 101 -3.43 -6.49 30.15
N GLY C 102 -3.50 -7.41 29.18
CA GLY C 102 -4.02 -7.11 27.86
C GLY C 102 -5.54 -6.95 27.89
N ASN C 103 -6.22 -7.90 28.52
CA ASN C 103 -7.67 -7.91 28.62
C ASN C 103 -8.16 -6.84 29.59
N LEU C 104 -7.31 -6.45 30.55
CA LEU C 104 -7.65 -5.41 31.50
C LEU C 104 -7.28 -4.07 30.90
N GLU C 105 -6.59 -4.10 29.74
CA GLU C 105 -6.19 -2.92 29.00
C GLU C 105 -5.12 -2.09 29.73
N LEU C 106 -4.44 -2.69 30.71
CA LEU C 106 -3.47 -1.97 31.52
C LEU C 106 -2.06 -2.23 31.01
N THR C 107 -1.94 -2.76 29.79
CA THR C 107 -0.66 -3.17 29.24
C THR C 107 0.34 -2.02 29.37
N GLY C 108 -0.05 -0.83 28.90
CA GLY C 108 0.80 0.34 28.94
C GLY C 108 1.29 0.63 30.36
N ALA C 109 0.34 0.65 31.31
CA ALA C 109 0.56 1.10 32.67
C ALA C 109 1.59 0.21 33.39
N PHE C 110 1.51 -1.11 33.15
CA PHE C 110 2.40 -2.07 33.79
C PHE C 110 3.80 -1.93 33.22
N ALA C 111 3.89 -1.72 31.90
CA ALA C 111 5.15 -1.49 31.23
C ALA C 111 5.87 -0.33 31.91
N GLU C 112 5.18 0.82 31.99
CA GLU C 112 5.76 2.04 32.51
C GLU C 112 6.11 1.86 33.99
N ALA C 113 5.25 1.15 34.73
CA ALA C 113 5.45 0.89 36.16
C ALA C 113 6.80 0.21 36.34
N LEU C 114 7.02 -0.84 35.56
CA LEU C 114 8.23 -1.64 35.66
C LEU C 114 9.44 -0.78 35.33
N LYS C 115 9.29 0.10 34.34
CA LYS C 115 10.41 1.00 34.05
C LYS C 115 10.86 1.55 35.39
N ASN C 116 9.93 2.20 36.10
CA ASN C 116 10.24 2.91 37.32
C ASN C 116 10.95 1.98 38.30
N LEU C 117 10.80 0.67 38.13
CA LEU C 117 11.38 -0.22 39.12
C LEU C 117 12.59 -0.95 38.51
N GLY C 118 13.10 -0.45 37.38
CA GLY C 118 14.35 -0.95 36.82
C GLY C 118 14.19 -2.27 36.07
N HIS C 119 13.02 -2.45 35.44
CA HIS C 119 12.71 -3.65 34.68
C HIS C 119 11.90 -3.27 33.45
N ASN C 120 11.62 -4.26 32.61
CA ASN C 120 10.78 -4.05 31.44
C ASN C 120 9.84 -5.26 31.31
N LEU C 121 8.74 -5.09 30.57
CA LEU C 121 7.66 -6.07 30.55
C LEU C 121 8.13 -7.43 30.05
N GLU C 122 8.82 -7.47 28.90
CA GLU C 122 9.17 -8.75 28.31
C GLU C 122 10.11 -9.52 29.25
N ASN C 123 11.10 -8.82 29.84
CA ASN C 123 11.94 -9.44 30.85
C ASN C 123 11.09 -10.20 31.86
N VAL C 124 10.11 -9.49 32.43
CA VAL C 124 9.30 -9.94 33.55
C VAL C 124 8.41 -11.09 33.10
N ALA C 125 7.81 -10.98 31.90
CA ALA C 125 6.96 -12.00 31.34
C ALA C 125 7.71 -13.32 31.17
N SER C 126 9.05 -13.24 31.04
CA SER C 126 9.94 -14.37 30.79
C SER C 126 10.09 -15.25 32.01
N GLN C 127 9.95 -14.68 33.20
CA GLN C 127 10.14 -15.41 34.44
C GLN C 127 9.02 -16.42 34.67
N GLU C 128 7.82 -16.13 34.16
CA GLU C 128 6.63 -16.91 34.43
C GLU C 128 6.70 -18.24 33.68
N PRO C 129 6.63 -19.39 34.38
CA PRO C 129 6.51 -20.69 33.70
C PRO C 129 5.10 -20.86 33.12
N ASP C 130 4.97 -21.58 32.00
CA ASP C 130 3.64 -21.93 31.55
C ASP C 130 2.99 -22.81 32.61
N ALA C 131 1.68 -22.62 32.83
CA ALA C 131 0.91 -23.53 33.67
C ALA C 131 0.91 -24.90 33.01
N ALA C 132 1.61 -25.83 33.64
CA ALA C 132 1.63 -27.22 33.18
C ALA C 132 0.37 -27.89 33.70
N LEU C 133 -0.77 -27.49 33.14
CA LEU C 133 -2.08 -27.99 33.53
C LEU C 133 -2.69 -28.72 32.35
N GLY C 134 -1.90 -28.93 31.30
CA GLY C 134 -2.40 -29.55 30.09
C GLY C 134 -1.26 -30.01 29.17
N ASN C 135 -1.65 -30.50 27.99
CA ASN C 135 -0.73 -31.18 27.09
C ASN C 135 -0.95 -30.72 25.65
N GLY C 136 -2.13 -31.02 25.10
CA GLY C 136 -2.35 -30.94 23.66
C GLY C 136 -3.45 -29.96 23.29
N GLY C 137 -4.08 -30.22 22.15
CA GLY C 137 -5.07 -29.32 21.60
C GLY C 137 -6.35 -29.29 22.42
N LEU C 138 -6.74 -30.47 22.94
CA LEU C 138 -7.94 -30.62 23.74
C LEU C 138 -7.78 -29.78 25.00
N GLY C 139 -6.53 -29.67 25.46
CA GLY C 139 -6.20 -28.81 26.58
C GLY C 139 -6.27 -27.36 26.15
N ARG C 140 -5.62 -27.05 25.02
CA ARG C 140 -5.60 -25.69 24.56
C ARG C 140 -7.01 -25.22 24.23
N LEU C 141 -7.81 -26.12 23.64
CA LEU C 141 -9.15 -25.74 23.22
C LEU C 141 -9.92 -25.27 24.45
N ALA C 142 -9.69 -25.96 25.57
CA ALA C 142 -10.34 -25.60 26.81
C ALA C 142 -9.95 -24.17 27.20
N SER C 143 -8.63 -23.89 27.21
CA SER C 143 -8.10 -22.60 27.61
C SER C 143 -8.62 -21.51 26.69
N CYS C 144 -8.59 -21.78 25.39
CA CYS C 144 -9.09 -20.89 24.35
C CYS C 144 -10.58 -20.61 24.60
N PHE C 145 -11.33 -21.65 24.98
CA PHE C 145 -12.76 -21.49 25.22
C PHE C 145 -12.99 -20.53 26.39
N LEU C 146 -12.19 -20.65 27.46
CA LEU C 146 -12.36 -19.83 28.65
C LEU C 146 -12.22 -18.35 28.31
N ASP C 147 -11.18 -18.01 27.55
CA ASP C 147 -10.97 -16.65 27.09
C ASP C 147 -12.25 -16.17 26.43
N SER C 148 -12.83 -16.98 25.55
CA SER C 148 -14.03 -16.62 24.81
C SER C 148 -15.19 -16.40 25.75
N LEU C 149 -15.35 -17.27 26.73
CA LEU C 149 -16.51 -17.21 27.62
C LEU C 149 -16.47 -15.94 28.48
N ALA C 150 -15.34 -15.66 29.11
CA ALA C 150 -15.17 -14.45 29.89
C ALA C 150 -15.43 -13.22 29.03
N THR C 151 -14.80 -13.19 27.85
CA THR C 151 -14.86 -12.06 26.93
C THR C 151 -16.28 -11.80 26.46
N LEU C 152 -17.04 -12.87 26.22
CA LEU C 152 -18.38 -12.77 25.65
C LEU C 152 -19.43 -12.71 26.76
N ASN C 153 -18.96 -12.72 28.01
CA ASN C 153 -19.80 -12.45 29.18
C ASN C 153 -20.71 -13.64 29.50
N TYR C 154 -20.40 -14.84 29.00
CA TYR C 154 -21.22 -16.00 29.26
C TYR C 154 -20.94 -16.53 30.67
N PRO C 155 -21.98 -16.81 31.48
CA PRO C 155 -21.80 -17.44 32.79
C PRO C 155 -21.34 -18.87 32.54
N ALA C 156 -20.03 -19.10 32.70
CA ALA C 156 -19.46 -20.44 32.57
C ALA C 156 -18.15 -20.51 33.36
N TRP C 157 -17.83 -21.71 33.86
CA TRP C 157 -16.59 -21.94 34.59
C TRP C 157 -15.87 -23.13 33.98
N GLY C 158 -14.58 -23.24 34.30
CA GLY C 158 -13.83 -24.42 33.92
C GLY C 158 -13.44 -25.22 35.16
N TYR C 159 -13.59 -26.54 35.07
CA TYR C 159 -13.17 -27.45 36.14
C TYR C 159 -12.07 -28.37 35.63
N GLY C 160 -10.96 -28.42 36.38
CA GLY C 160 -9.83 -29.26 36.02
C GLY C 160 -9.05 -29.69 37.26
N LEU C 161 -8.05 -30.55 37.07
CA LEU C 161 -7.19 -30.95 38.17
C LEU C 161 -5.97 -30.02 38.20
N ARG C 162 -5.41 -29.83 39.40
CA ARG C 162 -4.23 -29.01 39.61
C ARG C 162 -2.99 -29.91 39.63
N TYR C 163 -2.46 -30.23 38.44
CA TYR C 163 -1.35 -31.14 38.28
C TYR C 163 -0.05 -30.47 38.72
N LYS C 164 0.61 -31.04 39.72
CA LYS C 164 1.76 -30.41 40.34
C LYS C 164 2.94 -30.38 39.38
N TYR C 165 3.17 -31.49 38.65
CA TYR C 165 4.38 -31.66 37.85
C TYR C 165 4.08 -31.82 36.37
N GLY C 166 2.83 -31.54 35.97
CA GLY C 166 2.45 -31.46 34.57
C GLY C 166 2.55 -32.81 33.85
N LEU C 167 3.14 -32.77 32.66
CA LEU C 167 3.58 -33.96 31.94
C LEU C 167 5.07 -34.12 32.19
N PHE C 168 5.89 -33.49 31.36
CA PHE C 168 7.30 -33.41 31.73
C PHE C 168 7.92 -32.16 31.12
N LYS C 169 9.04 -31.74 31.71
CA LYS C 169 9.90 -30.76 31.09
C LYS C 169 10.78 -31.51 30.09
N GLN C 170 10.71 -31.14 28.81
CA GLN C 170 11.47 -31.79 27.75
C GLN C 170 12.88 -31.20 27.68
N ARG C 171 13.89 -32.04 27.85
CA ARG C 171 15.27 -31.67 27.56
C ARG C 171 15.71 -32.35 26.27
N ILE C 172 16.36 -31.60 25.38
CA ILE C 172 16.85 -32.18 24.15
C ILE C 172 18.37 -32.33 24.26
N THR C 173 18.80 -33.41 24.92
CA THR C 173 20.21 -33.72 25.07
C THR C 173 20.79 -34.21 23.74
N LYS C 174 22.13 -34.27 23.72
CA LYS C 174 22.92 -34.97 22.70
C LYS C 174 22.26 -36.32 22.36
N ASP C 175 21.69 -37.00 23.36
CA ASP C 175 21.18 -38.36 23.16
C ASP C 175 19.72 -38.39 22.76
N GLY C 176 19.15 -37.24 22.36
CA GLY C 176 17.74 -37.11 21.98
C GLY C 176 16.89 -36.44 23.06
N GLN C 177 15.61 -36.85 23.18
CA GLN C 177 14.73 -36.32 24.21
C GLN C 177 14.93 -37.07 25.53
N GLU C 178 14.72 -36.34 26.62
CA GLU C 178 14.78 -36.86 27.98
C GLU C 178 13.75 -36.09 28.80
N GLU C 179 13.21 -36.73 29.86
CA GLU C 179 12.11 -36.18 30.64
C GLU C 179 12.62 -35.74 32.01
N VAL C 180 11.96 -34.71 32.57
CA VAL C 180 12.17 -34.23 33.92
C VAL C 180 10.82 -33.72 34.40
N ALA C 181 10.61 -33.76 35.72
CA ALA C 181 9.36 -33.31 36.32
C ALA C 181 9.24 -31.80 36.19
N GLU C 182 8.11 -31.31 35.66
CA GLU C 182 7.88 -29.88 35.51
C GLU C 182 7.82 -29.24 36.90
N ASP C 183 8.43 -28.06 37.02
CA ASP C 183 8.79 -27.45 38.30
C ASP C 183 8.06 -26.12 38.44
N TRP C 184 6.90 -25.98 37.77
CA TRP C 184 6.23 -24.70 37.69
C TRP C 184 5.66 -24.28 39.05
N LEU C 185 5.65 -25.21 40.02
CA LEU C 185 5.08 -24.92 41.33
C LEU C 185 6.15 -24.96 42.41
N GLU C 186 7.41 -24.80 42.02
CA GLU C 186 8.49 -24.77 42.99
C GLU C 186 8.29 -23.59 43.94
N ILE C 187 8.00 -22.42 43.37
CA ILE C 187 7.76 -21.26 44.20
C ILE C 187 6.25 -21.14 44.38
N GLY C 188 5.47 -21.79 43.51
CA GLY C 188 4.03 -21.66 43.56
C GLY C 188 3.53 -20.63 42.55
N SER C 189 2.25 -20.71 42.19
CA SER C 189 1.71 -19.87 41.15
C SER C 189 1.06 -18.64 41.77
N PRO C 190 1.43 -17.42 41.34
CA PRO C 190 0.89 -16.20 41.95
C PRO C 190 -0.56 -15.93 41.54
N TRP C 191 -0.99 -16.58 40.47
CA TRP C 191 -2.29 -16.34 39.87
C TRP C 191 -3.39 -17.13 40.56
N GLU C 192 -3.03 -18.08 41.43
CA GLU C 192 -4.04 -18.96 41.99
C GLU C 192 -4.49 -18.45 43.36
N VAL C 193 -5.71 -18.87 43.74
CA VAL C 193 -6.35 -18.53 45.01
C VAL C 193 -6.86 -19.82 45.65
N VAL C 194 -6.23 -20.24 46.74
CA VAL C 194 -6.71 -21.43 47.42
C VAL C 194 -7.99 -21.02 48.11
N ARG C 195 -8.97 -21.93 48.14
CA ARG C 195 -10.23 -21.72 48.83
C ARG C 195 -10.42 -22.81 49.89
N ASN C 196 -9.85 -22.59 51.07
CA ASN C 196 -9.76 -23.60 52.11
C ASN C 196 -11.14 -24.00 52.62
N ASP C 197 -12.15 -23.21 52.27
CA ASP C 197 -13.51 -23.50 52.64
C ASP C 197 -14.19 -24.27 51.51
N VAL C 198 -13.56 -24.32 50.32
CA VAL C 198 -14.10 -25.15 49.25
C VAL C 198 -13.30 -26.44 49.18
N SER C 199 -13.80 -27.51 49.81
CA SER C 199 -13.21 -28.83 49.68
C SER C 199 -14.28 -29.89 49.80
N TYR C 200 -14.19 -30.93 48.97
CA TYR C 200 -15.24 -31.93 48.96
C TYR C 200 -14.66 -33.30 49.30
N PRO C 201 -15.49 -34.25 49.79
CA PRO C 201 -15.04 -35.61 50.03
C PRO C 201 -15.15 -36.50 48.79
N ILE C 202 -14.05 -37.23 48.50
CA ILE C 202 -14.01 -38.19 47.41
C ILE C 202 -13.69 -39.56 47.99
N LYS C 203 -14.47 -40.57 47.56
CA LYS C 203 -14.36 -41.93 48.08
C LYS C 203 -13.97 -42.88 46.96
N PHE C 204 -13.13 -43.87 47.30
CA PHE C 204 -12.79 -44.96 46.39
C PHE C 204 -12.92 -46.30 47.13
N TYR C 205 -13.07 -47.38 46.35
CA TYR C 205 -13.27 -48.74 46.83
C TYR C 205 -14.53 -48.79 47.68
N GLY C 206 -14.51 -49.61 48.74
CA GLY C 206 -15.60 -49.70 49.69
C GLY C 206 -16.73 -50.63 49.24
N LYS C 207 -17.84 -50.60 50.00
CA LYS C 207 -18.99 -51.47 49.78
C LYS C 207 -20.24 -50.59 49.74
N VAL C 208 -21.33 -51.14 49.18
CA VAL C 208 -22.62 -50.45 49.13
C VAL C 208 -23.67 -51.28 49.87
N SER C 209 -24.44 -50.60 50.73
CA SER C 209 -25.52 -51.27 51.43
C SER C 209 -26.76 -50.37 51.45
N THR C 210 -27.93 -50.98 51.26
CA THR C 210 -29.19 -50.27 51.28
C THR C 210 -29.61 -50.08 52.73
N GLY C 211 -29.97 -48.85 53.08
CA GLY C 211 -30.47 -48.52 54.40
C GLY C 211 -31.99 -48.52 54.42
N SER C 212 -32.56 -48.33 55.62
CA SER C 212 -33.96 -48.53 55.91
C SER C 212 -34.82 -47.43 55.27
N ASP C 213 -34.17 -46.52 54.55
CA ASP C 213 -34.91 -45.50 53.82
C ASP C 213 -35.09 -45.93 52.37
N GLY C 214 -34.38 -46.99 51.98
CA GLY C 214 -34.60 -47.61 50.68
C GLY C 214 -33.57 -47.13 49.67
N LYS C 215 -32.64 -46.30 50.16
CA LYS C 215 -31.62 -45.72 49.31
C LYS C 215 -30.31 -46.45 49.59
N ARG C 216 -29.37 -46.36 48.63
CA ARG C 216 -28.05 -46.98 48.71
C ARG C 216 -27.11 -46.12 49.55
N TYR C 217 -26.21 -46.79 50.28
CA TYR C 217 -25.19 -46.14 51.07
C TYR C 217 -23.82 -46.73 50.73
N TRP C 218 -22.93 -45.87 50.24
CA TRP C 218 -21.62 -46.27 49.79
C TRP C 218 -20.61 -45.99 50.89
N ILE C 219 -20.35 -47.01 51.72
CA ILE C 219 -19.55 -46.87 52.92
C ILE C 219 -18.15 -47.42 52.66
N GLY C 220 -17.20 -47.02 53.52
CA GLY C 220 -15.88 -47.62 53.54
C GLY C 220 -15.01 -47.21 52.34
N GLY C 221 -13.95 -47.99 52.12
CA GLY C 221 -12.93 -47.69 51.12
C GLY C 221 -12.00 -46.56 51.56
N GLU C 222 -11.52 -45.80 50.57
CA GLU C 222 -10.61 -44.69 50.81
C GLU C 222 -11.38 -43.38 50.81
N ASP C 223 -10.92 -42.43 51.63
CA ASP C 223 -11.50 -41.10 51.77
C ASP C 223 -10.40 -40.05 51.57
N ILE C 224 -10.60 -39.14 50.61
CA ILE C 224 -9.66 -38.05 50.39
C ILE C 224 -10.43 -36.76 50.18
N LYS C 225 -9.78 -35.61 50.42
CA LYS C 225 -10.37 -34.32 50.17
C LYS C 225 -9.93 -33.80 48.80
N ALA C 226 -10.76 -32.95 48.20
CA ALA C 226 -10.43 -32.23 46.98
C ALA C 226 -10.62 -30.74 47.26
N VAL C 227 -9.50 -30.02 47.36
CA VAL C 227 -9.49 -28.62 47.77
C VAL C 227 -9.35 -27.73 46.53
N ALA C 228 -10.17 -26.67 46.47
CA ALA C 228 -10.30 -25.85 45.28
C ALA C 228 -9.21 -24.79 45.24
N TYR C 229 -8.66 -24.61 44.03
CA TYR C 229 -7.76 -23.52 43.68
C TYR C 229 -8.35 -22.79 42.48
N ASP C 230 -8.69 -21.51 42.67
CA ASP C 230 -9.32 -20.71 41.64
C ASP C 230 -8.25 -19.95 40.86
N VAL C 231 -8.36 -19.99 39.53
CA VAL C 231 -7.54 -19.17 38.67
C VAL C 231 -8.47 -18.24 37.91
N PRO C 232 -8.34 -16.91 38.08
CA PRO C 232 -9.23 -15.95 37.44
C PRO C 232 -8.98 -15.83 35.94
N ILE C 233 -10.00 -16.09 35.11
CA ILE C 233 -9.87 -15.85 33.68
C ILE C 233 -10.59 -14.53 33.39
N PRO C 234 -9.87 -13.45 33.02
CA PRO C 234 -10.49 -12.18 32.65
C PRO C 234 -10.86 -12.13 31.18
N GLY C 235 -12.00 -11.51 30.87
CA GLY C 235 -12.39 -11.28 29.50
C GLY C 235 -11.76 -10.01 28.94
N TYR C 236 -11.60 -9.95 27.62
CA TYR C 236 -11.05 -8.78 26.95
C TYR C 236 -12.08 -7.66 26.96
N LYS C 237 -11.67 -6.48 27.47
CA LYS C 237 -12.48 -5.27 27.48
C LYS C 237 -13.86 -5.50 28.11
N THR C 238 -13.89 -6.26 29.21
CA THR C 238 -15.10 -6.45 30.00
C THR C 238 -14.66 -6.63 31.45
N ARG C 239 -15.62 -6.75 32.37
CA ARG C 239 -15.25 -7.05 33.74
C ARG C 239 -15.37 -8.55 33.95
N THR C 240 -16.25 -9.20 33.16
CA THR C 240 -16.56 -10.58 33.40
C THR C 240 -15.27 -11.32 33.64
N THR C 241 -15.09 -11.82 34.87
CA THR C 241 -13.90 -12.57 35.27
C THR C 241 -14.35 -13.91 35.83
N ILE C 242 -14.24 -14.96 35.01
CA ILE C 242 -14.70 -16.31 35.34
C ILE C 242 -13.59 -17.06 36.05
N SER C 243 -13.80 -18.35 36.26
CA SER C 243 -12.91 -19.14 37.09
C SER C 243 -12.48 -20.40 36.35
N LEU C 244 -11.20 -20.74 36.46
CA LEU C 244 -10.78 -22.12 36.33
C LEU C 244 -10.53 -22.68 37.73
N ARG C 245 -11.53 -23.41 38.26
CA ARG C 245 -11.41 -24.04 39.56
C ARG C 245 -10.63 -25.33 39.37
N LEU C 246 -9.49 -25.41 40.04
CA LEU C 246 -8.65 -26.58 39.93
C LEU C 246 -8.71 -27.35 41.25
N TRP C 247 -8.99 -28.64 41.15
CA TRP C 247 -9.06 -29.47 42.33
C TRP C 247 -7.66 -29.93 42.68
N SER C 248 -7.36 -30.01 43.97
CA SER C 248 -6.11 -30.55 44.46
C SER C 248 -6.37 -31.47 45.64
N THR C 249 -5.82 -32.69 45.58
CA THR C 249 -6.22 -33.74 46.47
C THR C 249 -5.24 -33.86 47.65
N GLN C 250 -5.75 -34.27 48.81
CA GLN C 250 -4.97 -34.50 50.02
C GLN C 250 -5.83 -35.26 51.04
N VAL C 251 -5.30 -35.46 52.26
CA VAL C 251 -6.03 -36.12 53.33
C VAL C 251 -5.92 -35.28 54.60
N PRO C 252 -6.98 -35.10 55.43
CA PRO C 252 -6.95 -34.18 56.57
C PRO C 252 -5.96 -34.61 57.65
N SER C 253 -5.10 -33.67 58.08
CA SER C 253 -3.86 -33.94 58.84
C SER C 253 -4.05 -34.98 59.96
N ALA C 254 -5.28 -35.04 60.48
CA ALA C 254 -5.74 -36.11 61.35
C ALA C 254 -5.15 -37.44 60.90
N ASP C 255 -5.23 -37.72 59.59
CA ASP C 255 -4.98 -39.03 59.03
C ASP C 255 -3.50 -39.44 59.08
N PHE C 256 -2.60 -38.52 59.46
CA PHE C 256 -1.20 -38.88 59.54
C PHE C 256 -0.98 -39.85 60.70
N ASP C 257 -0.46 -41.05 60.39
CA ASP C 257 -0.34 -42.13 61.36
C ASP C 257 0.84 -41.93 62.30
N LEU C 258 0.56 -41.35 63.48
CA LEU C 258 1.58 -41.05 64.48
C LEU C 258 2.17 -42.36 65.03
N SER C 259 1.29 -43.28 65.42
CA SER C 259 1.76 -44.48 66.09
C SER C 259 2.84 -45.13 65.22
N ALA C 260 2.57 -45.19 63.90
CA ALA C 260 3.46 -45.83 62.94
C ALA C 260 4.74 -45.00 62.72
N PHE C 261 4.59 -43.68 62.60
CA PHE C 261 5.74 -42.83 62.36
C PHE C 261 6.73 -42.99 63.52
N ASN C 262 6.24 -42.79 64.74
CA ASN C 262 7.09 -42.85 65.90
C ASN C 262 7.71 -44.25 66.03
N ALA C 263 6.97 -45.25 65.56
CA ALA C 263 7.42 -46.63 65.57
C ALA C 263 8.74 -46.76 64.79
N GLY C 264 8.73 -46.30 63.54
CA GLY C 264 9.87 -46.42 62.66
C GLY C 264 9.42 -46.53 61.21
N GLU C 265 8.14 -46.88 61.01
CA GLU C 265 7.59 -47.06 59.68
C GLU C 265 7.13 -45.70 59.15
N HIS C 266 8.11 -44.87 58.74
CA HIS C 266 7.85 -43.55 58.19
C HIS C 266 7.07 -43.63 56.89
N THR C 267 7.53 -44.51 55.98
CA THR C 267 6.97 -44.63 54.64
C THR C 267 5.54 -45.15 54.76
N LYS C 268 5.32 -46.00 55.76
CA LYS C 268 4.00 -46.51 56.07
C LYS C 268 3.12 -45.35 56.54
N ALA C 269 3.61 -44.61 57.54
CA ALA C 269 2.85 -43.54 58.15
C ALA C 269 2.31 -42.55 57.12
N CYS C 270 3.03 -42.37 55.99
CA CYS C 270 2.69 -41.41 54.95
C CYS C 270 1.56 -41.94 54.06
N GLU C 271 1.48 -43.25 53.87
CA GLU C 271 0.70 -43.93 52.85
C GLU C 271 -0.54 -43.17 52.39
N ALA C 272 -1.40 -42.75 53.33
CA ALA C 272 -2.65 -42.14 52.93
C ALA C 272 -2.39 -40.86 52.12
N GLN C 273 -1.48 -40.01 52.61
CA GLN C 273 -1.15 -38.74 51.98
C GLN C 273 -0.44 -39.01 50.65
N ALA C 274 0.43 -40.03 50.63
CA ALA C 274 1.15 -40.35 49.40
C ALA C 274 0.15 -40.69 48.30
N ASN C 275 -0.84 -41.53 48.63
CA ASN C 275 -1.68 -42.12 47.60
C ASN C 275 -2.91 -41.25 47.38
N ALA C 276 -2.91 -40.08 48.05
CA ALA C 276 -3.94 -39.07 47.87
C ALA C 276 -3.41 -37.95 46.98
N GLU C 277 -2.18 -37.52 47.26
CA GLU C 277 -1.52 -36.46 46.51
C GLU C 277 -1.17 -36.94 45.10
N LYS C 278 -0.86 -38.24 44.95
CA LYS C 278 -0.41 -38.83 43.70
C LYS C 278 -1.43 -38.63 42.57
N ILE C 279 -2.69 -38.38 42.94
CA ILE C 279 -3.72 -38.18 41.95
C ILE C 279 -3.38 -36.96 41.10
N CYS C 280 -2.80 -35.95 41.76
CA CYS C 280 -2.57 -34.65 41.17
C CYS C 280 -1.08 -34.46 40.86
N TYR C 281 -0.29 -35.53 40.88
CA TYR C 281 1.13 -35.42 40.61
C TYR C 281 1.34 -35.16 39.13
N ILE C 282 0.96 -36.11 38.27
CA ILE C 282 1.23 -35.87 36.86
C ILE C 282 -0.01 -36.16 36.01
N LEU C 283 0.02 -35.64 34.78
CA LEU C 283 -1.03 -35.68 33.79
C LEU C 283 -0.77 -36.89 32.89
N TYR C 284 -1.80 -37.69 32.62
CA TYR C 284 -1.70 -38.88 31.81
C TYR C 284 -0.60 -39.81 32.33
N PRO C 285 -0.61 -40.19 33.63
CA PRO C 285 0.41 -41.09 34.16
C PRO C 285 0.35 -42.45 33.48
N GLY C 286 1.51 -42.99 33.10
CA GLY C 286 1.63 -44.22 32.34
C GLY C 286 0.79 -45.38 32.88
N ASP C 287 -0.08 -45.92 32.00
CA ASP C 287 -1.11 -46.88 32.37
C ASP C 287 -0.75 -48.27 31.85
N GLU C 288 0.55 -48.60 31.81
CA GLU C 288 0.98 -49.95 31.52
C GLU C 288 0.67 -50.86 32.70
N SER C 289 0.94 -50.36 33.92
CA SER C 289 0.71 -51.09 35.17
C SER C 289 -0.78 -51.09 35.46
N GLU C 290 -1.20 -52.00 36.35
CA GLU C 290 -2.56 -51.93 36.87
C GLU C 290 -2.65 -50.68 37.71
N GLU C 291 -1.63 -50.51 38.56
CA GLU C 291 -1.51 -49.38 39.46
C GLU C 291 -1.82 -48.08 38.72
N GLY C 292 -1.26 -47.94 37.51
CA GLY C 292 -1.43 -46.77 36.67
C GLY C 292 -2.86 -46.61 36.18
N LYS C 293 -3.50 -47.72 35.82
CA LYS C 293 -4.87 -47.66 35.37
C LYS C 293 -5.77 -47.23 36.52
N ILE C 294 -5.50 -47.74 37.73
CA ILE C 294 -6.22 -47.36 38.93
C ILE C 294 -6.14 -45.84 39.11
N LEU C 295 -4.91 -45.32 39.07
CA LEU C 295 -4.64 -43.92 39.30
C LEU C 295 -5.31 -43.05 38.25
N ARG C 296 -5.33 -43.55 37.01
CA ARG C 296 -5.96 -42.83 35.91
C ARG C 296 -7.43 -42.63 36.26
N LEU C 297 -8.08 -43.73 36.66
CA LEU C 297 -9.51 -43.72 36.92
C LEU C 297 -9.79 -42.81 38.11
N LYS C 298 -8.98 -42.95 39.16
CA LYS C 298 -9.04 -42.06 40.31
C LYS C 298 -9.15 -40.61 39.85
N GLN C 299 -8.25 -40.21 38.93
CA GLN C 299 -8.14 -38.85 38.38
C GLN C 299 -9.44 -38.42 37.71
N GLN C 300 -10.01 -39.27 36.86
CA GLN C 300 -11.26 -38.98 36.17
C GLN C 300 -12.38 -38.78 37.18
N TYR C 301 -12.51 -39.72 38.13
CA TYR C 301 -13.60 -39.65 39.07
C TYR C 301 -13.46 -38.41 39.94
N THR C 302 -12.30 -38.27 40.60
CA THR C 302 -11.99 -37.09 41.40
C THR C 302 -12.56 -35.85 40.72
N LEU C 303 -12.22 -35.64 39.44
CA LEU C 303 -12.67 -34.47 38.71
C LEU C 303 -14.19 -34.44 38.61
N CYS C 304 -14.80 -35.54 38.16
CA CYS C 304 -16.24 -35.60 37.94
C CYS C 304 -16.96 -35.33 39.25
N SER C 305 -16.55 -36.03 40.31
CA SER C 305 -17.13 -35.92 41.63
C SER C 305 -16.98 -34.50 42.19
N ALA C 306 -15.75 -34.12 42.53
CA ALA C 306 -15.47 -32.90 43.26
C ALA C 306 -16.10 -31.70 42.55
N SER C 307 -16.17 -31.78 41.21
CA SER C 307 -16.75 -30.76 40.35
C SER C 307 -18.27 -30.70 40.52
N LEU C 308 -18.96 -31.84 40.30
CA LEU C 308 -20.40 -31.93 40.40
C LEU C 308 -20.90 -31.49 41.79
N GLN C 309 -20.14 -31.85 42.84
CA GLN C 309 -20.45 -31.49 44.21
C GLN C 309 -20.37 -29.98 44.41
N ASP C 310 -19.40 -29.33 43.75
CA ASP C 310 -19.23 -27.90 43.82
C ASP C 310 -20.39 -27.22 43.11
N ILE C 311 -20.69 -27.69 41.90
CA ILE C 311 -21.79 -27.23 41.07
C ILE C 311 -23.10 -27.36 41.84
N ILE C 312 -23.38 -28.57 42.37
CA ILE C 312 -24.61 -28.85 43.09
C ILE C 312 -24.70 -27.90 44.28
N SER C 313 -23.63 -27.82 45.05
CA SER C 313 -23.53 -26.90 46.16
C SER C 313 -24.00 -25.52 45.73
N ARG C 314 -23.41 -25.01 44.64
CA ARG C 314 -23.70 -23.66 44.16
C ARG C 314 -25.15 -23.57 43.75
N PHE C 315 -25.67 -24.63 43.13
CA PHE C 315 -27.05 -24.62 42.69
C PHE C 315 -27.97 -24.45 43.88
N GLU C 316 -27.70 -25.20 44.94
CA GLU C 316 -28.49 -25.13 46.16
C GLU C 316 -28.42 -23.72 46.74
N ARG C 317 -27.20 -23.25 47.01
CA ARG C 317 -27.01 -21.94 47.59
C ARG C 317 -27.91 -20.91 46.90
N ARG C 318 -27.80 -20.82 45.56
CA ARG C 318 -28.48 -19.85 44.71
C ARG C 318 -30.01 -20.06 44.73
N SER C 319 -30.44 -21.30 44.98
CA SER C 319 -31.85 -21.66 45.01
C SER C 319 -32.51 -21.08 46.27
N GLY C 320 -31.83 -21.22 47.42
CA GLY C 320 -32.39 -20.90 48.73
C GLY C 320 -33.46 -21.89 49.18
N ASP C 321 -34.28 -21.46 50.14
CA ASP C 321 -35.41 -22.22 50.66
C ASP C 321 -36.24 -22.83 49.53
N ARG C 322 -36.56 -22.00 48.51
CA ARG C 322 -37.28 -22.44 47.32
C ARG C 322 -36.34 -23.20 46.37
N ILE C 323 -36.28 -24.54 46.51
CA ILE C 323 -35.36 -25.39 45.76
C ILE C 323 -36.11 -26.45 44.95
N LYS C 324 -35.91 -26.44 43.64
CA LYS C 324 -36.59 -27.40 42.79
C LYS C 324 -35.61 -28.01 41.78
N TRP C 325 -35.48 -29.35 41.81
CA TRP C 325 -34.50 -30.08 41.03
C TRP C 325 -34.91 -30.19 39.56
N GLU C 326 -36.14 -29.80 39.24
CA GLU C 326 -36.53 -29.71 37.83
C GLU C 326 -35.80 -28.51 37.20
N GLU C 327 -35.50 -27.51 38.03
CA GLU C 327 -34.80 -26.31 37.63
C GLU C 327 -33.31 -26.54 37.42
N PHE C 328 -32.77 -27.65 37.94
CA PHE C 328 -31.33 -27.88 37.89
C PHE C 328 -30.79 -27.78 36.46
N PRO C 329 -31.32 -28.53 35.47
CA PRO C 329 -30.82 -28.44 34.10
C PRO C 329 -31.13 -27.11 33.39
N GLU C 330 -31.97 -26.30 34.02
CA GLU C 330 -32.30 -24.97 33.52
C GLU C 330 -31.44 -23.94 34.25
N LYS C 331 -30.61 -24.42 35.18
CA LYS C 331 -29.66 -23.59 35.91
C LYS C 331 -28.21 -24.06 35.69
N VAL C 332 -28.03 -25.19 35.02
CA VAL C 332 -26.73 -25.83 34.89
C VAL C 332 -26.64 -26.62 33.57
N ALA C 333 -25.44 -26.60 32.97
CA ALA C 333 -25.08 -27.50 31.89
C ALA C 333 -23.63 -27.93 32.10
N VAL C 334 -23.38 -29.20 31.83
CA VAL C 334 -22.06 -29.76 32.04
C VAL C 334 -21.57 -30.30 30.70
N GLN C 335 -20.43 -29.78 30.21
CA GLN C 335 -19.85 -30.27 28.98
C GLN C 335 -18.67 -31.15 29.31
N MET C 336 -18.76 -32.39 28.83
CA MET C 336 -17.75 -33.40 29.04
C MET C 336 -16.76 -33.33 27.87
N ASN C 337 -15.56 -32.82 28.18
CA ASN C 337 -14.52 -32.67 27.18
C ASN C 337 -13.84 -34.02 26.98
N ASP C 338 -14.36 -34.78 26.01
CA ASP C 338 -13.93 -36.12 25.65
C ASP C 338 -14.54 -37.13 26.62
N THR C 339 -13.98 -38.34 26.66
CA THR C 339 -14.53 -39.45 27.42
C THR C 339 -13.94 -39.49 28.84
N HIS C 340 -13.05 -38.54 29.17
CA HIS C 340 -12.43 -38.57 30.49
C HIS C 340 -13.46 -38.20 31.55
N PRO C 341 -14.31 -37.16 31.34
CA PRO C 341 -15.35 -36.80 32.30
C PRO C 341 -16.62 -37.65 32.31
N THR C 342 -16.60 -38.80 31.64
CA THR C 342 -17.76 -39.66 31.44
C THR C 342 -18.48 -39.93 32.76
N LEU C 343 -17.70 -40.02 33.85
CA LEU C 343 -18.24 -40.46 35.13
C LEU C 343 -19.20 -39.43 35.70
N CYS C 344 -19.34 -38.30 35.01
CA CYS C 344 -20.25 -37.24 35.43
C CYS C 344 -21.68 -37.76 35.40
N ILE C 345 -21.97 -38.65 34.42
CA ILE C 345 -23.30 -39.21 34.24
C ILE C 345 -23.68 -40.05 35.46
N PRO C 346 -22.99 -41.16 35.76
CA PRO C 346 -23.33 -41.96 36.94
C PRO C 346 -23.16 -41.21 38.26
N GLU C 347 -22.17 -40.33 38.33
CA GLU C 347 -21.89 -39.58 39.54
C GLU C 347 -23.03 -38.60 39.84
N LEU C 348 -23.57 -37.95 38.81
CA LEU C 348 -24.70 -37.07 39.04
C LEU C 348 -25.90 -37.93 39.46
N MET C 349 -26.11 -39.03 38.73
CA MET C 349 -27.17 -39.95 39.08
C MET C 349 -27.07 -40.29 40.56
N ARG C 350 -25.87 -40.73 40.98
CA ARG C 350 -25.58 -41.10 42.36
C ARG C 350 -25.99 -39.99 43.33
N ILE C 351 -25.60 -38.74 43.03
CA ILE C 351 -25.83 -37.65 43.97
C ILE C 351 -27.32 -37.33 44.05
N LEU C 352 -28.01 -37.40 42.90
CA LEU C 352 -29.43 -37.09 42.79
C LEU C 352 -30.30 -38.14 43.49
N ILE C 353 -29.84 -39.39 43.51
CA ILE C 353 -30.65 -40.50 44.01
C ILE C 353 -30.23 -40.85 45.44
N ASP C 354 -28.99 -41.30 45.62
CA ASP C 354 -28.54 -41.81 46.90
C ASP C 354 -28.53 -40.71 47.96
N LEU C 355 -28.19 -39.49 47.55
CA LEU C 355 -27.93 -38.42 48.49
C LEU C 355 -29.10 -37.46 48.56
N LYS C 356 -29.62 -37.03 47.41
CA LYS C 356 -30.65 -36.02 47.38
C LYS C 356 -32.05 -36.64 47.47
N GLY C 357 -32.18 -37.89 47.03
CA GLY C 357 -33.39 -38.65 47.36
C GLY C 357 -34.28 -38.92 46.16
N LEU C 358 -34.06 -38.24 45.03
CA LEU C 358 -34.90 -38.39 43.84
C LEU C 358 -34.87 -39.82 43.31
N ASN C 359 -35.86 -40.15 42.48
CA ASN C 359 -35.99 -41.51 41.97
C ASN C 359 -35.41 -41.55 40.56
N TRP C 360 -35.30 -42.76 40.01
CA TRP C 360 -34.57 -43.03 38.78
C TRP C 360 -34.94 -42.04 37.67
N ASN C 361 -36.23 -41.91 37.38
CA ASN C 361 -36.69 -41.15 36.23
C ASN C 361 -36.35 -39.68 36.41
N GLU C 362 -36.59 -39.13 37.60
CA GLU C 362 -36.36 -37.72 37.79
C GLU C 362 -34.87 -37.44 37.59
N ALA C 363 -34.04 -38.25 38.25
CA ALA C 363 -32.60 -38.11 38.23
C ALA C 363 -32.04 -38.25 36.81
N TRP C 364 -32.54 -39.23 36.06
CA TRP C 364 -32.05 -39.51 34.72
C TRP C 364 -32.44 -38.39 33.77
N ASN C 365 -33.69 -37.94 33.86
CA ASN C 365 -34.17 -36.89 32.99
C ASN C 365 -33.30 -35.65 33.18
N ILE C 366 -33.01 -35.33 34.46
CA ILE C 366 -32.21 -34.17 34.78
C ILE C 366 -30.81 -34.37 34.23
N THR C 367 -30.25 -35.57 34.45
CA THR C 367 -28.90 -35.88 34.00
C THR C 367 -28.75 -35.58 32.51
N GLN C 368 -29.63 -36.14 31.68
CA GLN C 368 -29.56 -35.96 30.24
C GLN C 368 -29.71 -34.48 29.87
N ARG C 369 -30.63 -33.80 30.55
CA ARG C 369 -30.86 -32.40 30.27
C ARG C 369 -29.60 -31.60 30.56
N THR C 370 -28.79 -32.06 31.52
CA THR C 370 -27.65 -31.30 31.99
C THR C 370 -26.39 -31.55 31.17
N VAL C 371 -26.07 -32.83 30.93
CA VAL C 371 -24.75 -33.24 30.50
C VAL C 371 -24.71 -33.33 28.97
N ALA C 372 -23.55 -33.00 28.39
CA ALA C 372 -23.31 -33.18 26.96
C ALA C 372 -21.88 -33.64 26.70
N TYR C 373 -21.69 -34.41 25.62
CA TYR C 373 -20.44 -35.00 25.18
C TYR C 373 -19.90 -34.24 23.96
N THR C 374 -18.61 -33.89 24.02
CA THR C 374 -17.85 -33.43 22.88
C THR C 374 -16.83 -34.52 22.55
N ASN C 375 -16.88 -35.04 21.32
CA ASN C 375 -15.99 -36.10 20.88
C ASN C 375 -14.77 -35.44 20.25
N HIS C 376 -13.57 -35.90 20.61
CA HIS C 376 -12.33 -35.35 20.08
C HIS C 376 -11.55 -36.42 19.36
N THR C 377 -12.22 -37.54 19.05
CA THR C 377 -11.52 -38.73 18.59
C THR C 377 -12.22 -39.31 17.35
N VAL C 378 -11.41 -39.69 16.34
CA VAL C 378 -11.95 -40.25 15.11
C VAL C 378 -12.21 -41.74 15.31
N LEU C 379 -11.12 -42.51 15.50
CA LEU C 379 -11.14 -43.97 15.33
C LEU C 379 -11.84 -44.67 16.51
N PRO C 380 -12.59 -45.79 16.25
CA PRO C 380 -13.39 -46.44 17.30
C PRO C 380 -12.58 -47.12 18.41
N GLU C 381 -11.33 -47.52 18.10
CA GLU C 381 -10.47 -48.18 19.07
C GLU C 381 -9.62 -47.17 19.84
N ALA C 382 -9.68 -45.88 19.43
CA ALA C 382 -9.09 -44.76 20.17
C ALA C 382 -9.99 -44.30 21.33
N LEU C 383 -11.20 -44.89 21.44
CA LEU C 383 -12.22 -44.49 22.40
C LEU C 383 -12.03 -45.25 23.71
N GLU C 384 -12.32 -44.57 24.82
CA GLU C 384 -11.88 -45.05 26.12
C GLU C 384 -12.80 -46.16 26.65
N LYS C 385 -12.20 -47.28 27.03
CA LYS C 385 -12.89 -48.43 27.60
C LYS C 385 -12.22 -48.76 28.93
N TRP C 386 -12.90 -49.49 29.80
CA TRP C 386 -12.37 -49.81 31.12
C TRP C 386 -12.67 -51.26 31.47
N SER C 387 -11.87 -51.83 32.38
CA SER C 387 -12.14 -53.16 32.91
C SER C 387 -13.32 -53.12 33.88
N TYR C 388 -14.34 -53.93 33.60
CA TYR C 388 -15.50 -54.01 34.47
C TYR C 388 -15.09 -54.36 35.89
N GLU C 389 -14.17 -55.33 36.03
CA GLU C 389 -13.73 -55.80 37.33
C GLU C 389 -13.02 -54.67 38.07
N LEU C 390 -12.22 -53.92 37.31
CA LEU C 390 -11.45 -52.83 37.87
C LEU C 390 -12.39 -51.77 38.41
N MET C 391 -13.29 -51.30 37.53
CA MET C 391 -14.17 -50.20 37.85
C MET C 391 -15.09 -50.58 39.01
N GLN C 392 -15.47 -51.85 39.06
CA GLN C 392 -16.30 -52.42 40.12
C GLN C 392 -15.60 -52.25 41.46
N LYS C 393 -14.30 -52.51 41.51
CA LYS C 393 -13.55 -52.59 42.75
C LYS C 393 -13.44 -51.17 43.33
N LEU C 394 -13.37 -50.19 42.42
CA LEU C 394 -13.02 -48.83 42.77
C LEU C 394 -14.30 -48.04 42.97
N LEU C 395 -15.25 -48.21 42.05
CA LEU C 395 -16.45 -47.39 42.11
C LEU C 395 -17.69 -48.29 42.08
N PRO C 396 -17.96 -49.03 43.18
CA PRO C 396 -19.03 -50.02 43.20
C PRO C 396 -20.34 -49.37 42.77
N ARG C 397 -20.69 -48.29 43.48
CA ARG C 397 -21.97 -47.66 43.30
C ARG C 397 -22.15 -47.27 41.84
N HIS C 398 -21.04 -46.84 41.23
CA HIS C 398 -21.08 -46.30 39.88
C HIS C 398 -21.29 -47.40 38.84
N VAL C 399 -20.77 -48.60 39.11
CA VAL C 399 -20.99 -49.69 38.18
C VAL C 399 -22.44 -50.12 38.28
N GLU C 400 -23.00 -50.07 39.50
CA GLU C 400 -24.40 -50.37 39.68
C GLU C 400 -25.22 -49.50 38.74
N ILE C 401 -25.04 -48.19 38.84
CA ILE C 401 -25.84 -47.26 38.08
C ILE C 401 -25.63 -47.49 36.59
N ILE C 402 -24.35 -47.58 36.18
CA ILE C 402 -23.99 -47.85 34.79
C ILE C 402 -24.84 -49.01 34.28
N GLU C 403 -24.85 -50.12 35.06
CA GLU C 403 -25.60 -51.31 34.68
C GLU C 403 -27.06 -50.96 34.45
N ALA C 404 -27.67 -50.27 35.41
CA ALA C 404 -29.08 -49.92 35.33
C ALA C 404 -29.34 -49.17 34.03
N ILE C 405 -28.40 -48.31 33.66
CA ILE C 405 -28.55 -47.51 32.45
C ILE C 405 -28.47 -48.43 31.23
N ASP C 406 -27.57 -49.42 31.29
CA ASP C 406 -27.37 -50.30 30.16
C ASP C 406 -28.63 -51.11 29.93
N GLU C 407 -29.24 -51.55 31.04
CA GLU C 407 -30.47 -52.31 31.01
C GLU C 407 -31.59 -51.45 30.43
N GLU C 408 -31.75 -50.25 30.99
CA GLU C 408 -32.62 -49.24 30.44
C GLU C 408 -32.47 -49.23 28.92
N LEU C 409 -31.21 -49.36 28.46
CA LEU C 409 -30.85 -49.20 27.06
C LEU C 409 -31.26 -50.41 26.23
N VAL C 410 -30.87 -51.61 26.68
CA VAL C 410 -31.29 -52.82 25.99
C VAL C 410 -32.79 -52.74 25.74
N HIS C 411 -33.54 -52.25 26.73
CA HIS C 411 -34.99 -52.17 26.65
C HIS C 411 -35.41 -51.16 25.59
N GLU C 412 -34.71 -50.01 25.53
CA GLU C 412 -34.95 -49.01 24.49
C GLU C 412 -34.73 -49.65 23.11
N ILE C 413 -33.55 -50.26 22.93
CA ILE C 413 -33.13 -50.85 21.67
C ILE C 413 -34.16 -51.88 21.20
N VAL C 414 -34.75 -52.62 22.16
CA VAL C 414 -35.71 -53.67 21.83
C VAL C 414 -37.09 -53.08 21.48
N LEU C 415 -37.57 -52.10 22.25
CA LEU C 415 -38.90 -51.54 22.05
C LEU C 415 -38.98 -50.93 20.64
N LYS C 416 -38.09 -49.99 20.35
CA LYS C 416 -37.86 -49.56 18.97
C LYS C 416 -37.10 -50.68 18.26
N TYR C 417 -37.67 -51.20 17.16
CA TYR C 417 -37.15 -52.32 16.37
C TYR C 417 -37.92 -53.60 16.68
N GLY C 418 -37.71 -54.14 17.89
CA GLY C 418 -38.33 -55.39 18.26
C GLY C 418 -37.58 -56.57 17.66
N SER C 419 -37.90 -57.78 18.16
CA SER C 419 -37.23 -59.03 17.81
C SER C 419 -37.64 -59.48 16.41
N MET C 420 -37.58 -58.51 15.47
CA MET C 420 -37.97 -58.68 14.07
C MET C 420 -36.88 -59.47 13.33
N ASP C 421 -35.67 -58.90 13.28
CA ASP C 421 -34.69 -59.37 12.33
C ASP C 421 -33.52 -59.99 13.09
N LEU C 422 -33.83 -60.53 14.29
CA LEU C 422 -32.89 -61.16 15.20
C LEU C 422 -31.43 -60.68 15.00
N ASN C 423 -30.84 -61.01 13.84
CA ASN C 423 -29.51 -60.54 13.43
C ASN C 423 -29.38 -59.02 13.59
N LYS C 424 -30.33 -58.25 13.00
CA LYS C 424 -30.43 -56.81 13.18
C LYS C 424 -30.31 -56.48 14.67
N LEU C 425 -31.25 -57.04 15.47
CA LEU C 425 -31.40 -56.74 16.90
C LEU C 425 -30.12 -57.08 17.66
N GLU C 426 -29.61 -58.30 17.42
CA GLU C 426 -28.45 -58.83 18.10
C GLU C 426 -27.20 -57.99 17.80
N GLU C 427 -26.95 -57.73 16.50
CA GLU C 427 -25.91 -56.81 16.06
C GLU C 427 -26.01 -55.54 16.91
N LYS C 428 -27.15 -54.84 16.79
CA LYS C 428 -27.33 -53.53 17.41
C LYS C 428 -26.95 -53.60 18.89
N LEU C 429 -27.46 -54.61 19.60
CA LEU C 429 -27.17 -54.84 21.01
C LEU C 429 -25.67 -54.75 21.28
N THR C 430 -24.88 -55.50 20.51
CA THR C 430 -23.46 -55.56 20.80
C THR C 430 -22.78 -54.24 20.45
N THR C 431 -23.28 -53.49 19.46
CA THR C 431 -22.64 -52.24 19.07
C THR C 431 -22.85 -51.14 20.12
N MET C 432 -24.09 -51.04 20.61
CA MET C 432 -24.52 -49.88 21.38
C MET C 432 -24.33 -50.10 22.87
N ARG C 433 -24.43 -51.35 23.34
CA ARG C 433 -24.32 -51.62 24.77
C ARG C 433 -23.10 -50.94 25.38
N ILE C 434 -23.24 -50.54 26.64
CA ILE C 434 -22.15 -49.93 27.40
C ILE C 434 -21.22 -51.04 27.86
N LEU C 435 -21.81 -52.20 28.18
CA LEU C 435 -21.06 -53.29 28.78
C LEU C 435 -20.68 -54.33 27.73
N GLU C 436 -19.40 -54.31 27.33
CA GLU C 436 -18.83 -55.28 26.42
C GLU C 436 -18.67 -56.61 27.14
N ASN C 437 -19.16 -57.68 26.48
CA ASN C 437 -18.98 -59.07 26.94
C ASN C 437 -19.81 -59.32 28.20
N PHE C 438 -21.13 -59.06 28.11
CA PHE C 438 -22.06 -59.16 29.22
C PHE C 438 -23.31 -59.96 28.83
N ASP C 439 -24.20 -60.17 29.80
CA ASP C 439 -25.43 -60.90 29.53
C ASP C 439 -26.58 -59.91 29.44
N LEU C 440 -27.74 -60.39 28.99
CA LEU C 440 -28.96 -59.59 28.91
C LEU C 440 -29.93 -60.13 29.96
N PRO C 441 -30.69 -59.26 30.69
CA PRO C 441 -31.51 -59.70 31.85
C PRO C 441 -32.54 -60.82 31.59
N SER C 442 -33.05 -60.84 30.35
CA SER C 442 -33.73 -61.95 29.69
C SER C 442 -33.47 -61.82 28.18
N SER C 443 -33.47 -62.96 27.46
CA SER C 443 -33.15 -62.97 26.05
C SER C 443 -33.77 -64.15 25.28
N VAL C 444 -33.90 -63.94 23.95
CA VAL C 444 -34.80 -64.71 23.09
C VAL C 444 -33.97 -65.28 21.93
N ALA C 445 -34.65 -65.68 20.84
CA ALA C 445 -34.20 -66.65 19.84
C ALA C 445 -34.96 -67.99 20.04
N GLU C 446 -35.91 -67.99 20.98
CA GLU C 446 -36.78 -69.13 21.26
C GLU C 446 -37.46 -69.57 19.95
N ILE C 511 -11.42 -66.66 27.75
CA ILE C 511 -12.81 -66.12 28.02
C ILE C 511 -12.87 -64.62 27.71
N PRO C 512 -13.99 -64.08 27.13
CA PRO C 512 -14.06 -62.66 26.78
C PRO C 512 -13.99 -61.75 28.02
N PRO C 513 -13.03 -60.80 28.06
CA PRO C 513 -12.89 -59.87 29.20
C PRO C 513 -14.03 -58.84 29.29
N LYS C 514 -14.61 -58.67 30.50
CA LYS C 514 -15.74 -57.78 30.72
C LYS C 514 -15.30 -56.31 30.72
N LYS C 515 -15.93 -55.47 29.86
CA LYS C 515 -15.47 -54.11 29.63
C LYS C 515 -16.61 -53.08 29.71
N VAL C 516 -16.23 -51.81 29.93
CA VAL C 516 -17.18 -50.72 30.09
C VAL C 516 -16.80 -49.62 29.11
N ARG C 517 -17.76 -49.23 28.26
CA ARG C 517 -17.49 -48.32 27.15
C ARG C 517 -17.94 -46.90 27.47
N MET C 518 -16.96 -46.07 27.84
CA MET C 518 -17.23 -44.76 28.39
C MET C 518 -17.83 -43.84 27.31
N ALA C 519 -17.42 -44.10 26.07
CA ALA C 519 -17.87 -43.32 24.93
C ALA C 519 -19.35 -43.60 24.65
N ASN C 520 -19.77 -44.86 24.87
CA ASN C 520 -21.17 -45.20 24.74
C ASN C 520 -21.97 -44.54 25.87
N LEU C 521 -21.44 -44.62 27.09
CA LEU C 521 -22.12 -44.06 28.25
C LEU C 521 -22.40 -42.59 27.98
N CYS C 522 -21.41 -41.90 27.41
CA CYS C 522 -21.50 -40.48 27.11
C CYS C 522 -22.62 -40.20 26.10
N VAL C 523 -22.75 -41.07 25.09
CA VAL C 523 -23.65 -40.83 23.97
C VAL C 523 -25.08 -41.18 24.37
N VAL C 524 -25.24 -41.82 25.52
CA VAL C 524 -26.56 -42.14 26.05
C VAL C 524 -26.90 -41.16 27.16
N GLY C 525 -25.89 -40.77 27.94
CA GLY C 525 -26.12 -39.94 29.11
C GLY C 525 -26.42 -38.49 28.76
N GLY C 526 -25.84 -38.03 27.64
CA GLY C 526 -25.90 -36.61 27.33
C GLY C 526 -27.06 -36.30 26.42
N HIS C 527 -27.43 -35.02 26.34
CA HIS C 527 -28.48 -34.59 25.43
C HIS C 527 -27.91 -34.15 24.10
N ALA C 528 -26.58 -34.01 24.05
CA ALA C 528 -25.87 -33.47 22.90
C ALA C 528 -24.54 -34.21 22.68
N VAL C 529 -24.31 -34.69 21.45
CA VAL C 529 -22.99 -35.13 21.04
C VAL C 529 -22.52 -34.22 19.90
N ASN C 530 -21.27 -33.74 19.96
CA ASN C 530 -20.76 -32.89 18.89
C ASN C 530 -19.31 -33.24 18.58
N GLY C 531 -18.98 -33.18 17.29
CA GLY C 531 -17.60 -33.30 16.82
C GLY C 531 -16.98 -31.92 16.64
N VAL C 532 -15.69 -31.89 16.30
CA VAL C 532 -14.90 -30.68 16.45
C VAL C 532 -14.54 -30.05 15.10
N ALA C 533 -15.16 -30.52 14.01
CA ALA C 533 -15.06 -30.03 12.64
C ALA C 533 -16.08 -30.79 11.79
N GLU C 534 -16.50 -30.20 10.66
CA GLU C 534 -17.51 -30.77 9.77
C GLU C 534 -17.29 -32.27 9.59
N ILE C 535 -16.12 -32.60 9.05
CA ILE C 535 -15.80 -33.95 8.60
C ILE C 535 -15.64 -34.88 9.81
N HIS C 536 -15.20 -34.36 10.96
CA HIS C 536 -15.12 -35.14 12.19
C HIS C 536 -16.52 -35.53 12.66
N SER C 537 -17.40 -34.53 12.74
CA SER C 537 -18.77 -34.69 13.20
C SER C 537 -19.56 -35.58 12.25
N GLU C 538 -19.07 -35.70 10.99
CA GLU C 538 -19.68 -36.54 9.97
C GLU C 538 -19.41 -38.00 10.25
N ILE C 539 -18.15 -38.31 10.59
CA ILE C 539 -17.75 -39.66 10.97
C ILE C 539 -18.60 -40.12 12.16
N VAL C 540 -18.64 -39.30 13.22
CA VAL C 540 -19.34 -39.70 14.44
C VAL C 540 -20.79 -40.06 14.11
N LYS C 541 -21.40 -39.28 13.19
CA LYS C 541 -22.80 -39.45 12.77
C LYS C 541 -22.99 -40.76 12.01
N GLU C 542 -22.02 -41.08 11.15
CA GLU C 542 -22.27 -42.02 10.07
C GLU C 542 -21.39 -43.27 10.19
N GLU C 543 -20.66 -43.35 11.30
CA GLU C 543 -19.78 -44.49 11.50
C GLU C 543 -19.76 -44.82 12.99
N VAL C 544 -19.00 -44.00 13.73
CA VAL C 544 -18.57 -44.34 15.09
C VAL C 544 -19.80 -44.60 15.96
N PHE C 545 -20.83 -43.76 15.84
CA PHE C 545 -22.05 -43.87 16.63
C PHE C 545 -23.27 -44.00 15.72
N ASN C 546 -23.08 -44.76 14.64
CA ASN C 546 -24.00 -44.81 13.52
C ASN C 546 -25.40 -45.17 14.05
N ASP C 547 -25.41 -46.17 14.93
CA ASP C 547 -26.64 -46.78 15.39
C ASP C 547 -27.39 -45.82 16.33
N PHE C 548 -26.59 -45.03 17.07
CA PHE C 548 -27.11 -44.05 18.02
C PHE C 548 -27.65 -42.82 17.29
N TYR C 549 -27.16 -42.60 16.05
CA TYR C 549 -27.69 -41.56 15.18
C TYR C 549 -29.10 -41.92 14.74
N GLU C 550 -29.29 -43.20 14.35
CA GLU C 550 -30.58 -43.79 14.01
C GLU C 550 -31.60 -43.59 15.13
N LEU C 551 -31.18 -43.92 16.37
CA LEU C 551 -32.05 -43.91 17.51
C LEU C 551 -32.36 -42.48 17.98
N TRP C 552 -31.35 -41.59 18.02
CA TRP C 552 -31.54 -40.28 18.62
C TRP C 552 -30.93 -39.16 17.75
N PRO C 553 -31.38 -38.98 16.49
CA PRO C 553 -30.63 -38.15 15.54
C PRO C 553 -30.36 -36.75 16.13
N GLU C 554 -31.37 -36.18 16.80
CA GLU C 554 -31.36 -34.83 17.34
C GLU C 554 -30.08 -34.54 18.11
N LYS C 555 -29.50 -35.55 18.77
CA LYS C 555 -28.38 -35.39 19.68
C LYS C 555 -27.11 -34.92 18.97
N PHE C 556 -26.95 -35.37 17.72
CA PHE C 556 -25.73 -35.12 16.95
C PHE C 556 -25.74 -33.72 16.33
N GLN C 557 -24.68 -32.98 16.65
CA GLN C 557 -24.36 -31.75 15.92
C GLN C 557 -22.84 -31.60 15.86
N ASN C 558 -22.41 -30.41 15.43
CA ASN C 558 -21.00 -30.13 15.23
C ASN C 558 -20.69 -28.76 15.85
N LYS C 559 -19.50 -28.68 16.45
CA LYS C 559 -18.98 -27.41 16.91
C LYS C 559 -17.52 -27.31 16.50
N THR C 560 -17.30 -26.90 15.25
CA THR C 560 -15.99 -26.69 14.68
C THR C 560 -15.17 -25.85 15.64
N ASN C 561 -13.91 -26.26 15.82
CA ASN C 561 -13.04 -25.69 16.82
C ASN C 561 -12.72 -24.24 16.47
N GLY C 562 -12.11 -23.55 17.43
CA GLY C 562 -11.59 -22.20 17.25
C GLY C 562 -10.42 -21.97 18.19
N VAL C 563 -9.80 -20.79 18.05
CA VAL C 563 -8.75 -20.36 18.96
C VAL C 563 -8.92 -18.87 19.20
N THR C 564 -8.40 -18.39 20.31
CA THR C 564 -8.76 -17.07 20.78
C THR C 564 -7.98 -16.01 20.01
N PRO C 565 -8.63 -14.98 19.43
CA PRO C 565 -7.93 -13.87 18.79
C PRO C 565 -7.02 -13.07 19.73
N ARG C 566 -7.35 -13.03 21.02
CA ARG C 566 -6.58 -12.26 21.98
C ARG C 566 -5.15 -12.81 22.07
N ARG C 567 -5.02 -14.05 22.57
CA ARG C 567 -3.72 -14.63 22.81
C ARG C 567 -3.01 -14.91 21.50
N TRP C 568 -3.77 -15.19 20.43
CA TRP C 568 -3.20 -15.72 19.19
C TRP C 568 -3.14 -14.69 18.05
N ILE C 569 -3.54 -13.43 18.31
CA ILE C 569 -3.22 -12.35 17.38
C ILE C 569 -2.76 -11.13 18.18
N ARG C 570 -3.65 -10.61 19.01
CA ARG C 570 -3.49 -9.29 19.60
C ARG C 570 -2.26 -9.21 20.50
N PHE C 571 -1.93 -10.31 21.20
CA PHE C 571 -0.90 -10.27 22.22
C PHE C 571 0.37 -11.03 21.83
N CYS C 572 0.21 -12.12 21.08
CA CYS C 572 1.36 -12.89 20.66
C CYS C 572 2.09 -12.18 19.54
N ASN C 573 1.37 -11.34 18.78
CA ASN C 573 1.87 -10.72 17.56
C ASN C 573 1.40 -9.27 17.44
N PRO C 574 1.94 -8.33 18.26
CA PRO C 574 1.59 -6.91 18.17
C PRO C 574 1.79 -6.21 16.82
N PRO C 575 2.92 -6.43 16.10
CA PRO C 575 3.13 -5.85 14.78
C PRO C 575 1.94 -6.13 13.86
N LEU C 576 1.58 -7.41 13.75
CA LEU C 576 0.44 -7.83 12.95
C LEU C 576 -0.75 -6.97 13.34
N SER C 577 -0.97 -6.82 14.66
CA SER C 577 -2.12 -6.12 15.20
C SER C 577 -2.19 -4.68 14.71
N ALA C 578 -1.06 -3.96 14.78
CA ALA C 578 -0.96 -2.57 14.35
C ALA C 578 -1.48 -2.43 12.91
N ILE C 579 -1.03 -3.34 12.05
CA ILE C 579 -1.37 -3.34 10.64
C ILE C 579 -2.87 -3.57 10.51
N ILE C 580 -3.37 -4.58 11.22
CA ILE C 580 -4.78 -4.98 11.13
C ILE C 580 -5.65 -3.80 11.56
N THR C 581 -5.39 -3.27 12.76
CA THR C 581 -6.13 -2.14 13.31
C THR C 581 -6.18 -1.01 12.29
N LYS C 582 -5.03 -0.76 11.63
CA LYS C 582 -4.87 0.30 10.65
C LYS C 582 -5.84 0.12 9.47
N TRP C 583 -5.68 -1.00 8.76
CA TRP C 583 -6.32 -1.22 7.47
C TRP C 583 -7.80 -1.57 7.64
N THR C 584 -8.17 -1.99 8.84
CA THR C 584 -9.56 -2.14 9.18
C THR C 584 -10.14 -0.79 9.61
N GLY C 585 -9.41 -0.04 10.43
CA GLY C 585 -9.92 1.27 10.81
C GLY C 585 -10.46 1.36 12.23
N THR C 586 -10.74 0.22 12.88
CA THR C 586 -10.89 0.21 14.34
C THR C 586 -9.99 -0.85 14.96
N GLU C 587 -9.95 -0.82 16.32
CA GLU C 587 -9.29 -1.81 17.15
C GLU C 587 -10.27 -2.93 17.53
N ASP C 588 -11.43 -2.97 16.85
CA ASP C 588 -12.58 -3.76 17.25
C ASP C 588 -12.54 -5.15 16.63
N TRP C 589 -11.54 -5.42 15.81
CA TRP C 589 -11.49 -6.74 15.21
C TRP C 589 -11.21 -7.79 16.30
N VAL C 590 -10.60 -7.35 17.40
CA VAL C 590 -10.25 -8.25 18.49
C VAL C 590 -11.50 -8.96 18.96
N LEU C 591 -12.65 -8.27 18.89
CA LEU C 591 -13.95 -8.80 19.27
C LEU C 591 -14.74 -9.18 18.03
N LYS C 592 -14.89 -8.22 17.12
CA LYS C 592 -15.72 -8.33 15.93
C LYS C 592 -14.84 -8.83 14.78
N THR C 593 -14.27 -10.02 14.95
CA THR C 593 -13.16 -10.53 14.16
C THR C 593 -13.56 -10.85 12.72
N GLU C 594 -14.85 -10.70 12.38
CA GLU C 594 -15.29 -10.86 11.00
C GLU C 594 -14.71 -9.73 10.16
N LYS C 595 -14.13 -8.72 10.84
CA LYS C 595 -13.51 -7.56 10.22
C LYS C 595 -12.21 -7.91 9.51
N LEU C 596 -11.65 -9.09 9.79
CA LEU C 596 -10.42 -9.49 9.12
C LEU C 596 -10.65 -9.63 7.62
N ALA C 597 -11.89 -9.97 7.25
CA ALA C 597 -12.27 -10.21 5.86
C ALA C 597 -12.07 -8.94 5.04
N GLU C 598 -11.95 -7.80 5.73
CA GLU C 598 -11.81 -6.48 5.13
C GLU C 598 -10.41 -6.29 4.56
N LEU C 599 -9.53 -7.26 4.83
CA LEU C 599 -8.18 -7.26 4.30
C LEU C 599 -8.13 -7.83 2.88
N GLN C 600 -9.22 -8.46 2.41
CA GLN C 600 -9.26 -9.11 1.10
C GLN C 600 -9.06 -8.08 -0.01
N LYS C 601 -9.83 -6.99 0.06
CA LYS C 601 -9.76 -5.96 -0.97
C LYS C 601 -8.41 -5.26 -0.96
N PHE C 602 -7.55 -5.54 0.03
CA PHE C 602 -6.25 -4.88 0.13
C PHE C 602 -5.12 -5.92 0.01
N ALA C 603 -5.47 -7.16 -0.35
CA ALA C 603 -4.48 -8.22 -0.31
C ALA C 603 -3.43 -8.03 -1.39
N ASP C 604 -3.81 -7.26 -2.43
CA ASP C 604 -2.98 -6.96 -3.58
C ASP C 604 -2.22 -5.66 -3.35
N ASN C 605 -2.74 -4.78 -2.48
CA ASN C 605 -2.20 -3.45 -2.26
C ASN C 605 -0.74 -3.56 -1.79
N GLU C 606 0.15 -2.88 -2.50
CA GLU C 606 1.55 -3.16 -2.32
C GLU C 606 2.05 -2.58 -1.01
N ASP C 607 1.46 -1.43 -0.64
CA ASP C 607 1.78 -0.74 0.60
C ASP C 607 1.54 -1.67 1.77
N LEU C 608 0.35 -2.32 1.78
CA LEU C 608 -0.01 -3.25 2.82
C LEU C 608 0.96 -4.44 2.83
N GLN C 609 1.40 -4.88 1.65
CA GLN C 609 2.29 -6.04 1.57
C GLN C 609 3.63 -5.70 2.21
N ASN C 610 4.03 -4.43 2.07
CA ASN C 610 5.30 -3.96 2.62
C ASN C 610 5.27 -4.07 4.13
N GLU C 611 4.27 -3.43 4.76
CA GLU C 611 4.08 -3.43 6.20
C GLU C 611 3.95 -4.87 6.71
N TRP C 612 3.36 -5.74 5.89
CA TRP C 612 3.14 -7.13 6.25
C TRP C 612 4.49 -7.85 6.37
N ARG C 613 5.29 -7.75 5.32
CA ARG C 613 6.59 -8.39 5.29
C ARG C 613 7.46 -7.83 6.43
N GLU C 614 7.36 -6.52 6.64
CA GLU C 614 8.14 -5.86 7.66
C GLU C 614 7.81 -6.48 9.01
N ALA C 615 6.51 -6.70 9.24
CA ALA C 615 6.00 -7.23 10.48
C ALA C 615 6.50 -8.66 10.66
N LYS C 616 6.22 -9.51 9.66
CA LYS C 616 6.63 -10.90 9.72
C LYS C 616 8.11 -10.95 10.09
N ARG C 617 8.91 -10.24 9.29
CA ARG C 617 10.35 -10.18 9.50
C ARG C 617 10.65 -9.86 10.97
N SER C 618 10.12 -8.73 11.44
CA SER C 618 10.32 -8.29 12.82
C SER C 618 10.14 -9.47 13.77
N ASN C 619 9.02 -10.18 13.63
CA ASN C 619 8.70 -11.32 14.47
C ASN C 619 9.83 -12.34 14.37
N LYS C 620 10.25 -12.62 13.13
CA LYS C 620 11.26 -13.62 12.87
C LYS C 620 12.57 -13.22 13.54
N ILE C 621 12.82 -11.92 13.70
CA ILE C 621 14.09 -11.49 14.26
C ILE C 621 14.10 -11.85 15.73
N LYS C 622 12.92 -11.81 16.38
CA LYS C 622 12.79 -12.22 17.77
C LYS C 622 13.12 -13.72 17.90
N VAL C 623 12.49 -14.52 17.03
CA VAL C 623 12.65 -15.96 17.02
C VAL C 623 14.11 -16.36 16.86
N VAL C 624 14.89 -15.57 16.08
CA VAL C 624 16.29 -15.89 15.81
C VAL C 624 17.03 -15.96 17.14
N SER C 625 16.80 -14.97 18.00
CA SER C 625 17.47 -14.84 19.28
C SER C 625 17.05 -15.94 20.22
N PHE C 626 15.76 -16.30 20.16
CA PHE C 626 15.18 -17.41 20.89
C PHE C 626 15.83 -18.73 20.51
N LEU C 627 15.85 -19.04 19.21
CA LEU C 627 16.45 -20.29 18.74
C LEU C 627 17.93 -20.35 19.13
N LYS C 628 18.57 -19.18 19.22
CA LYS C 628 19.98 -19.06 19.59
C LYS C 628 20.18 -19.59 21.01
N GLU C 629 19.41 -19.04 21.96
CA GLU C 629 19.57 -19.38 23.36
C GLU C 629 19.00 -20.75 23.69
N LYS C 630 17.97 -21.21 22.97
CA LYS C 630 17.32 -22.47 23.34
C LYS C 630 17.90 -23.64 22.57
N THR C 631 18.26 -23.44 21.31
CA THR C 631 18.69 -24.55 20.48
C THR C 631 20.17 -24.42 20.13
N GLY C 632 20.79 -23.32 20.57
CA GLY C 632 22.22 -23.09 20.38
C GLY C 632 22.69 -23.16 18.93
N TYR C 633 21.75 -22.90 17.99
CA TYR C 633 22.07 -22.78 16.58
C TYR C 633 21.76 -21.38 16.11
N SER C 634 22.74 -20.74 15.45
CA SER C 634 22.52 -19.41 14.90
C SER C 634 21.85 -19.56 13.54
N VAL C 635 20.80 -18.77 13.29
CA VAL C 635 20.06 -18.84 12.03
C VAL C 635 19.79 -17.43 11.49
N VAL C 636 19.38 -17.37 10.23
CA VAL C 636 19.18 -16.10 9.53
C VAL C 636 17.68 -15.83 9.38
N PRO C 637 17.28 -14.55 9.52
CA PRO C 637 15.89 -14.16 9.33
C PRO C 637 15.38 -14.41 7.90
N ASP C 638 16.26 -14.21 6.91
CA ASP C 638 15.85 -13.99 5.52
C ASP C 638 15.50 -15.30 4.82
N ALA C 639 15.69 -16.43 5.51
CA ALA C 639 15.21 -17.72 5.03
C ALA C 639 13.72 -17.89 5.33
N MET C 640 13.08 -18.85 4.66
CA MET C 640 11.70 -19.20 4.93
C MET C 640 11.65 -19.99 6.24
N PHE C 641 10.63 -19.70 7.07
CA PHE C 641 10.42 -20.42 8.33
C PHE C 641 9.34 -21.50 8.16
N ASP C 642 9.78 -22.77 8.28
CA ASP C 642 8.95 -23.93 8.02
C ASP C 642 8.77 -24.67 9.33
N ILE C 643 7.57 -24.54 9.91
CA ILE C 643 7.30 -24.99 11.27
C ILE C 643 6.38 -26.21 11.29
N GLN C 644 6.81 -27.25 12.03
CA GLN C 644 5.97 -28.37 12.43
C GLN C 644 6.09 -28.65 13.93
N VAL C 645 4.98 -28.42 14.67
CA VAL C 645 5.01 -28.45 16.12
C VAL C 645 3.72 -29.10 16.66
N LYS C 646 3.84 -30.38 17.07
CA LYS C 646 2.71 -31.16 17.56
C LYS C 646 3.22 -32.37 18.33
N ARG C 647 2.31 -33.09 19.02
CA ARG C 647 2.67 -34.35 19.63
C ARG C 647 3.57 -35.09 18.65
N ILE C 648 4.74 -35.57 19.11
CA ILE C 648 5.58 -36.40 18.26
C ILE C 648 4.98 -37.80 18.21
N HIS C 649 4.70 -38.24 16.98
CA HIS C 649 3.83 -39.37 16.75
C HIS C 649 3.90 -39.77 15.28
N GLU C 650 3.70 -41.07 15.03
CA GLU C 650 3.81 -41.60 13.69
C GLU C 650 2.64 -41.15 12.85
N TYR C 651 1.47 -40.95 13.47
CA TYR C 651 0.31 -40.50 12.71
C TYR C 651 0.45 -39.02 12.33
N LYS C 652 1.16 -38.25 13.17
CA LYS C 652 1.48 -36.85 12.92
C LYS C 652 2.59 -36.74 11.88
N ARG C 653 3.36 -37.82 11.75
CA ARG C 653 4.30 -37.98 10.66
C ARG C 653 5.27 -36.80 10.59
N GLN C 654 6.12 -36.66 11.61
CA GLN C 654 7.18 -35.67 11.53
C GLN C 654 8.28 -36.22 10.62
N LEU C 655 8.19 -37.53 10.36
CA LEU C 655 9.23 -38.32 9.72
C LEU C 655 9.20 -38.03 8.23
N LEU C 656 7.97 -37.91 7.70
CA LEU C 656 7.73 -37.52 6.33
C LEU C 656 8.42 -36.17 6.08
N ASN C 657 8.28 -35.23 7.01
CA ASN C 657 8.80 -33.88 6.89
C ASN C 657 10.33 -33.90 6.90
N ILE C 658 10.91 -34.55 7.91
CA ILE C 658 12.35 -34.55 8.09
C ILE C 658 12.99 -35.28 6.90
N PHE C 659 12.26 -36.24 6.31
CA PHE C 659 12.71 -36.99 5.14
C PHE C 659 12.76 -36.06 3.93
N GLY C 660 11.73 -35.21 3.81
CA GLY C 660 11.67 -34.20 2.76
C GLY C 660 12.80 -33.18 2.94
N ILE C 661 13.16 -32.96 4.20
CA ILE C 661 14.34 -32.17 4.56
C ILE C 661 15.58 -32.86 4.01
N VAL C 662 15.73 -34.17 4.28
CA VAL C 662 16.93 -34.92 3.95
C VAL C 662 17.09 -35.06 2.44
N TYR C 663 15.96 -35.14 1.73
CA TYR C 663 15.99 -35.23 0.28
C TYR C 663 16.63 -33.98 -0.30
N ARG C 664 16.07 -32.81 0.06
CA ARG C 664 16.59 -31.50 -0.35
C ARG C 664 18.09 -31.42 -0.07
N TYR C 665 18.53 -32.01 1.07
CA TYR C 665 19.92 -31.99 1.53
C TYR C 665 20.78 -32.86 0.62
N LYS C 666 20.29 -34.07 0.31
CA LYS C 666 21.00 -34.99 -0.57
C LYS C 666 21.19 -34.34 -1.95
N LYS C 667 20.10 -33.78 -2.48
CA LYS C 667 20.09 -33.07 -3.75
C LYS C 667 21.09 -31.90 -3.75
N MET C 668 21.09 -31.09 -2.68
CA MET C 668 21.92 -29.88 -2.55
C MET C 668 23.42 -30.21 -2.56
N LYS C 669 23.78 -31.38 -2.00
CA LYS C 669 25.17 -31.84 -1.98
C LYS C 669 25.60 -32.24 -3.40
N GLU C 670 24.69 -32.82 -4.18
CA GLU C 670 24.96 -33.29 -5.54
C GLU C 670 25.00 -32.13 -6.53
N MET C 671 25.02 -30.88 -6.06
CA MET C 671 25.05 -29.77 -7.00
C MET C 671 26.02 -28.72 -6.45
N THR C 672 26.70 -28.03 -7.37
CA THR C 672 27.74 -27.09 -6.99
C THR C 672 27.07 -25.93 -6.24
N ALA C 673 27.92 -25.17 -5.55
CA ALA C 673 27.58 -23.98 -4.78
C ALA C 673 26.50 -23.14 -5.47
N ALA C 674 26.75 -22.81 -6.74
CA ALA C 674 25.96 -21.84 -7.48
C ALA C 674 24.57 -22.39 -7.81
N GLU C 675 24.52 -23.66 -8.26
CA GLU C 675 23.26 -24.27 -8.66
C GLU C 675 22.43 -24.60 -7.42
N ARG C 676 23.14 -25.00 -6.36
CA ARG C 676 22.57 -25.24 -5.03
C ARG C 676 21.75 -24.04 -4.60
N LYS C 677 22.34 -22.84 -4.75
CA LYS C 677 21.65 -21.63 -4.34
C LYS C 677 20.56 -21.21 -5.34
N THR C 678 20.54 -21.82 -6.52
CA THR C 678 19.56 -21.45 -7.54
C THR C 678 18.30 -22.29 -7.35
N ASN C 679 18.48 -23.54 -6.89
CA ASN C 679 17.41 -24.52 -6.89
C ASN C 679 16.53 -24.42 -5.64
N PHE C 680 17.18 -24.44 -4.48
CA PHE C 680 16.49 -24.50 -3.20
C PHE C 680 16.46 -23.11 -2.57
N VAL C 681 15.29 -22.70 -2.07
CA VAL C 681 15.17 -21.48 -1.29
C VAL C 681 15.68 -21.75 0.12
N PRO C 682 16.40 -20.78 0.75
CA PRO C 682 16.85 -20.92 2.13
C PRO C 682 15.70 -21.22 3.11
N ARG C 683 15.91 -22.17 4.01
CA ARG C 683 14.90 -22.49 4.99
C ARG C 683 15.52 -22.61 6.37
N VAL C 684 14.73 -22.22 7.38
CA VAL C 684 14.89 -22.70 8.74
C VAL C 684 13.67 -23.57 9.06
N CYS C 685 13.92 -24.88 9.25
CA CYS C 685 12.92 -25.88 9.53
C CYS C 685 12.86 -26.09 11.03
N ILE C 686 11.73 -25.69 11.63
CA ILE C 686 11.52 -25.76 13.06
C ILE C 686 10.71 -27.01 13.37
N PHE C 687 11.26 -27.83 14.26
CA PHE C 687 10.53 -28.93 14.85
C PHE C 687 10.40 -28.66 16.34
N GLY C 688 9.41 -29.31 16.94
CA GLY C 688 9.10 -29.19 18.36
C GLY C 688 7.88 -30.01 18.77
N GLY C 689 7.78 -30.25 20.06
CA GLY C 689 6.71 -31.07 20.58
C GLY C 689 7.35 -32.19 21.37
N LYS C 690 6.52 -32.91 22.13
CA LYS C 690 7.02 -33.90 23.07
C LYS C 690 6.64 -35.27 22.54
N ALA C 691 7.47 -36.26 22.88
CA ALA C 691 7.12 -37.64 22.66
C ALA C 691 6.95 -38.34 24.02
N PHE C 692 5.90 -39.14 24.16
CA PHE C 692 5.66 -39.86 25.39
C PHE C 692 6.85 -40.80 25.65
N ALA C 693 7.34 -40.82 26.90
CA ALA C 693 8.62 -41.46 27.21
C ALA C 693 8.64 -42.92 26.79
N THR C 694 7.48 -43.60 26.92
CA THR C 694 7.35 -45.02 26.63
C THR C 694 7.38 -45.29 25.12
N TYR C 695 6.80 -44.37 24.33
CA TYR C 695 6.61 -44.51 22.89
C TYR C 695 7.96 -44.41 22.19
N VAL C 696 8.57 -45.59 21.92
CA VAL C 696 9.98 -45.71 21.54
C VAL C 696 10.25 -45.06 20.17
N GLN C 697 9.40 -45.41 19.19
CA GLN C 697 9.57 -44.92 17.82
C GLN C 697 9.60 -43.39 17.79
N ALA C 698 8.67 -42.78 18.53
CA ALA C 698 8.52 -41.33 18.60
C ALA C 698 9.80 -40.69 19.17
N LYS C 699 10.37 -41.30 20.22
CA LYS C 699 11.63 -40.84 20.78
C LYS C 699 12.77 -41.02 19.78
N ARG C 700 12.67 -42.09 18.98
CA ARG C 700 13.61 -42.37 17.91
C ARG C 700 13.54 -41.27 16.86
N ILE C 701 12.33 -40.74 16.63
CA ILE C 701 12.09 -39.65 15.70
C ILE C 701 12.77 -38.36 16.19
N VAL C 702 12.64 -38.06 17.49
CA VAL C 702 13.26 -36.89 18.08
C VAL C 702 14.79 -36.94 17.89
N LYS C 703 15.38 -38.10 18.18
CA LYS C 703 16.81 -38.34 18.01
C LYS C 703 17.21 -38.09 16.55
N PHE C 704 16.40 -38.63 15.63
CA PHE C 704 16.69 -38.55 14.21
C PHE C 704 16.84 -37.09 13.80
N ILE C 705 15.80 -36.30 14.11
CA ILE C 705 15.77 -34.90 13.71
C ILE C 705 17.00 -34.19 14.26
N THR C 706 17.36 -34.50 15.52
CA THR C 706 18.41 -33.77 16.22
C THR C 706 19.78 -34.02 15.58
N ASP C 707 19.94 -35.19 14.94
CA ASP C 707 21.19 -35.56 14.29
C ASP C 707 21.24 -34.97 12.88
N VAL C 708 20.10 -35.00 12.18
CA VAL C 708 19.95 -34.36 10.88
C VAL C 708 20.42 -32.91 11.01
N GLY C 709 19.82 -32.18 11.96
CA GLY C 709 20.22 -30.82 12.28
C GLY C 709 21.69 -30.71 12.68
N ALA C 710 22.15 -31.64 13.53
CA ALA C 710 23.54 -31.68 13.95
C ALA C 710 24.45 -31.50 12.75
N THR C 711 24.26 -32.36 11.73
CA THR C 711 25.14 -32.44 10.58
C THR C 711 24.91 -31.27 9.61
N ILE C 712 23.66 -31.12 9.15
CA ILE C 712 23.26 -30.10 8.18
C ILE C 712 23.72 -28.72 8.63
N ASN C 713 23.48 -28.38 9.90
CA ASN C 713 23.70 -27.04 10.42
C ASN C 713 25.19 -26.80 10.69
N HIS C 714 25.98 -27.87 10.59
CA HIS C 714 27.41 -27.78 10.78
C HIS C 714 28.13 -28.26 9.52
N ASP C 715 27.55 -27.94 8.36
CA ASP C 715 28.10 -28.30 7.07
C ASP C 715 28.52 -27.02 6.37
N PRO C 716 29.85 -26.75 6.23
CA PRO C 716 30.33 -25.57 5.52
C PRO C 716 29.72 -25.48 4.11
N GLU C 717 29.36 -26.64 3.55
CA GLU C 717 28.88 -26.75 2.17
C GLU C 717 27.44 -26.25 2.03
N ILE C 718 26.60 -26.51 3.04
CA ILE C 718 25.24 -26.01 3.01
C ILE C 718 25.24 -24.55 3.45
N GLY C 719 25.69 -24.32 4.69
CA GLY C 719 25.68 -22.99 5.30
C GLY C 719 24.29 -22.59 5.78
N ASP C 720 23.74 -21.54 5.17
CA ASP C 720 22.51 -20.94 5.66
C ASP C 720 21.35 -21.16 4.69
N LEU C 721 21.50 -22.08 3.72
CA LEU C 721 20.42 -22.32 2.79
C LEU C 721 19.42 -23.30 3.42
N LEU C 722 19.92 -24.04 4.41
CA LEU C 722 19.10 -24.97 5.15
C LEU C 722 19.61 -25.06 6.58
N LYS C 723 18.68 -24.90 7.52
CA LYS C 723 18.87 -25.19 8.93
C LYS C 723 17.71 -26.07 9.41
N VAL C 724 17.98 -26.94 10.38
CA VAL C 724 16.94 -27.77 10.99
C VAL C 724 17.14 -27.75 12.50
N VAL C 725 16.22 -27.10 13.21
CA VAL C 725 16.30 -27.07 14.67
C VAL C 725 15.13 -27.83 15.27
N PHE C 726 15.32 -28.36 16.48
CA PHE C 726 14.24 -28.86 17.31
C PHE C 726 14.15 -28.04 18.59
N VAL C 727 13.01 -27.40 18.83
CA VAL C 727 12.87 -26.52 19.97
C VAL C 727 12.51 -27.37 21.19
N PRO C 728 13.32 -27.33 22.26
CA PRO C 728 13.02 -28.11 23.46
C PRO C 728 11.80 -27.54 24.18
N ASP C 729 10.90 -28.44 24.61
CA ASP C 729 9.85 -28.10 25.55
C ASP C 729 8.84 -27.16 24.88
N TYR C 730 8.30 -27.60 23.75
CA TYR C 730 7.24 -26.85 23.10
C TYR C 730 6.03 -26.76 24.03
N ASN C 731 5.60 -25.51 24.26
CA ASN C 731 4.38 -25.20 25.00
C ASN C 731 3.92 -23.80 24.57
N VAL C 732 2.92 -23.30 25.28
CA VAL C 732 2.16 -22.15 24.80
C VAL C 732 3.10 -20.98 24.56
N SER C 733 4.05 -20.77 25.49
CA SER C 733 5.00 -19.69 25.37
C SER C 733 5.71 -19.72 24.03
N VAL C 734 6.25 -20.89 23.70
CA VAL C 734 6.96 -21.12 22.47
C VAL C 734 6.03 -20.84 21.29
N ALA C 735 4.84 -21.45 21.29
CA ALA C 735 3.89 -21.29 20.20
C ALA C 735 3.65 -19.81 19.94
N GLU C 736 3.47 -19.05 21.02
CA GLU C 736 3.22 -17.62 20.96
C GLU C 736 4.34 -16.90 20.20
N LEU C 737 5.49 -17.56 20.05
CA LEU C 737 6.71 -16.93 19.55
C LEU C 737 6.96 -17.38 18.12
N LEU C 738 6.86 -18.70 17.91
CA LEU C 738 7.08 -19.28 16.60
C LEU C 738 5.95 -18.87 15.66
N ILE C 739 4.69 -19.02 16.10
CA ILE C 739 3.52 -18.83 15.25
C ILE C 739 3.56 -17.48 14.55
N PRO C 740 3.71 -16.33 15.25
CA PRO C 740 3.77 -15.03 14.58
C PRO C 740 4.84 -14.95 13.49
N ALA C 741 5.89 -15.77 13.60
CA ALA C 741 7.04 -15.58 12.72
C ALA C 741 7.09 -16.65 11.63
N SER C 742 6.01 -17.42 11.46
CA SER C 742 6.02 -18.54 10.55
C SER C 742 5.62 -18.10 9.14
N ASP C 743 6.28 -18.68 8.14
CA ASP C 743 5.97 -18.46 6.73
C ASP C 743 5.15 -19.64 6.22
N LEU C 744 5.69 -20.84 6.44
CA LEU C 744 4.99 -22.10 6.19
C LEU C 744 4.88 -22.88 7.50
N SER C 745 3.73 -23.56 7.66
CA SER C 745 3.55 -24.50 8.75
C SER C 745 2.90 -25.79 8.23
N GLU C 746 3.27 -26.90 8.89
CA GLU C 746 2.98 -28.22 8.38
C GLU C 746 1.98 -28.92 9.28
N HIS C 747 0.90 -29.40 8.64
CA HIS C 747 -0.15 -30.19 9.26
C HIS C 747 -0.43 -31.40 8.38
N ILE C 748 0.45 -32.40 8.51
CA ILE C 748 0.67 -33.39 7.47
C ILE C 748 0.37 -34.78 8.00
N SER C 749 -0.46 -34.84 9.06
CA SER C 749 -0.97 -36.08 9.63
C SER C 749 -1.50 -36.99 8.52
N THR C 750 -1.46 -38.30 8.72
CA THR C 750 -2.08 -39.18 7.74
C THR C 750 -3.56 -38.84 7.67
N ALA C 751 -4.08 -38.72 6.45
CA ALA C 751 -5.42 -38.18 6.24
C ALA C 751 -6.48 -39.04 6.91
N GLY C 752 -7.55 -38.38 7.37
CA GLY C 752 -8.68 -39.02 8.04
C GLY C 752 -8.44 -39.33 9.53
N MET C 753 -7.24 -38.99 10.04
CA MET C 753 -6.87 -39.33 11.40
C MET C 753 -7.02 -38.14 12.37
N GLU C 754 -6.61 -36.93 11.94
CA GLU C 754 -6.78 -35.69 12.70
C GLU C 754 -8.26 -35.24 12.75
N ALA C 755 -8.81 -35.11 13.96
CA ALA C 755 -10.20 -34.70 14.10
C ALA C 755 -10.37 -33.26 13.67
N SER C 756 -9.38 -32.42 14.01
CA SER C 756 -9.49 -30.99 13.88
C SER C 756 -8.10 -30.33 13.81
N GLY C 757 -7.38 -30.34 14.95
CA GLY C 757 -6.14 -29.60 15.12
C GLY C 757 -6.44 -28.12 15.32
N THR C 758 -5.64 -27.45 16.16
CA THR C 758 -5.86 -26.05 16.48
C THR C 758 -4.65 -25.19 16.18
N SER C 759 -3.44 -25.80 16.11
CA SER C 759 -2.25 -25.08 15.71
C SER C 759 -2.49 -24.41 14.37
N ASN C 760 -3.16 -25.13 13.47
CA ASN C 760 -3.30 -24.70 12.08
C ASN C 760 -4.18 -23.46 11.99
N MET C 761 -4.95 -23.18 13.04
CA MET C 761 -5.84 -22.03 13.08
C MET C 761 -5.09 -20.78 13.56
N1 LLP C 762 0.44 -27.15 22.00
C2 LLP C 762 0.46 -25.82 22.10
C2' LLP C 762 1.49 -25.18 22.97
C3 LLP C 762 -0.47 -25.04 21.40
O3 LLP C 762 -0.43 -23.68 21.53
C4 LLP C 762 -1.44 -25.66 20.60
C4' LLP C 762 -2.40 -24.84 19.88
C5 LLP C 762 -1.44 -27.06 20.52
C6 LLP C 762 -0.48 -27.75 21.23
C5' LLP C 762 -2.44 -27.79 19.67
OP4 LLP C 762 -1.72 -28.26 18.49
P LLP C 762 -2.45 -29.04 17.31
OP1 LLP C 762 -2.43 -28.11 16.13
OP2 LLP C 762 -1.57 -30.26 17.05
OP3 LLP C 762 -3.86 -29.39 17.76
N LLP C 762 -4.22 -20.98 14.56
CA LLP C 762 -3.38 -19.90 15.07
CB LLP C 762 -2.62 -20.33 16.32
CG LLP C 762 -3.07 -21.65 16.91
CD LLP C 762 -2.87 -21.66 18.42
CE LLP C 762 -3.34 -22.92 19.04
NZ LLP C 762 -2.28 -23.61 19.74
C LLP C 762 -2.42 -19.45 13.97
O LLP C 762 -2.08 -18.27 13.92
N PHE C 763 -1.99 -20.39 13.12
CA PHE C 763 -1.05 -20.11 12.04
C PHE C 763 -1.74 -19.26 10.98
N ALA C 764 -2.84 -19.76 10.43
CA ALA C 764 -3.55 -19.03 9.41
C ALA C 764 -3.88 -17.63 9.92
N MET C 765 -4.19 -17.51 11.21
CA MET C 765 -4.51 -16.23 11.80
C MET C 765 -3.31 -15.30 11.70
N ASN C 766 -2.11 -15.84 11.92
CA ASN C 766 -0.90 -15.04 11.99
C ASN C 766 -0.29 -14.79 10.62
N GLY C 767 -1.00 -15.14 9.54
CA GLY C 767 -0.57 -14.83 8.18
C GLY C 767 0.33 -15.89 7.59
N CYS C 768 0.38 -17.05 8.25
CA CYS C 768 1.21 -18.15 7.85
C CYS C 768 0.51 -18.97 6.77
N ILE C 769 1.28 -19.67 5.95
CA ILE C 769 0.70 -20.51 4.91
C ILE C 769 0.85 -21.97 5.32
N GLN C 770 -0.18 -22.77 5.02
CA GLN C 770 -0.24 -24.12 5.54
C GLN C 770 -0.04 -25.13 4.40
N ILE C 771 0.92 -26.03 4.60
CA ILE C 771 0.98 -27.27 3.82
C ILE C 771 0.40 -28.36 4.71
N GLY C 772 -0.37 -29.28 4.10
CA GLY C 772 -0.98 -30.34 4.88
C GLY C 772 -1.83 -31.29 4.03
N THR C 773 -2.37 -32.32 4.70
CA THR C 773 -3.29 -33.26 4.09
C THR C 773 -4.72 -32.73 4.17
N LEU C 774 -5.60 -33.26 3.32
CA LEU C 774 -7.02 -32.99 3.44
C LEU C 774 -7.58 -33.78 4.63
N ASP C 775 -7.69 -33.12 5.80
CA ASP C 775 -8.46 -33.64 6.93
C ASP C 775 -8.47 -32.66 8.10
N GLY C 776 -9.44 -32.88 9.00
CA GLY C 776 -9.66 -32.06 10.19
C GLY C 776 -10.01 -30.63 9.79
N ALA C 777 -9.42 -29.69 10.54
CA ALA C 777 -9.73 -28.29 10.34
C ALA C 777 -9.14 -27.83 9.02
N ASN C 778 -8.10 -28.54 8.56
CA ASN C 778 -7.41 -28.23 7.32
C ASN C 778 -8.41 -28.02 6.20
N VAL C 779 -9.47 -28.83 6.18
CA VAL C 779 -10.41 -28.82 5.08
C VAL C 779 -11.18 -27.50 5.04
N GLU C 780 -11.63 -27.03 6.21
CA GLU C 780 -12.36 -25.80 6.33
C GLU C 780 -11.44 -24.60 6.13
N ILE C 781 -10.25 -24.64 6.73
CA ILE C 781 -9.30 -23.55 6.59
C ILE C 781 -9.05 -23.29 5.10
N ARG C 782 -8.75 -24.37 4.33
CA ARG C 782 -8.53 -24.26 2.89
C ARG C 782 -9.72 -23.57 2.21
N GLU C 783 -10.95 -23.96 2.60
CA GLU C 783 -12.19 -23.42 2.03
C GLU C 783 -12.31 -21.93 2.31
N GLU C 784 -11.80 -21.50 3.46
CA GLU C 784 -12.00 -20.14 3.95
C GLU C 784 -10.89 -19.24 3.45
N VAL C 785 -9.64 -19.70 3.54
CA VAL C 785 -8.47 -18.90 3.19
C VAL C 785 -8.43 -18.78 1.67
N GLY C 786 -8.75 -19.87 0.99
CA GLY C 786 -8.64 -19.94 -0.46
C GLY C 786 -7.81 -21.13 -0.91
N GLU C 787 -8.36 -21.90 -1.86
CA GLU C 787 -7.73 -23.13 -2.29
C GLU C 787 -6.30 -22.85 -2.74
N GLU C 788 -6.04 -21.64 -3.25
CA GLU C 788 -4.76 -21.30 -3.85
C GLU C 788 -3.84 -20.65 -2.83
N ASN C 789 -4.32 -20.53 -1.59
CA ASN C 789 -3.55 -19.91 -0.52
C ASN C 789 -3.33 -20.93 0.57
N PHE C 790 -3.53 -22.21 0.23
CA PHE C 790 -3.24 -23.31 1.12
C PHE C 790 -2.65 -24.46 0.30
N PHE C 791 -1.47 -24.95 0.67
CA PHE C 791 -0.83 -26.02 -0.08
C PHE C 791 -1.35 -27.37 0.39
N LEU C 792 -1.78 -28.21 -0.56
CA LEU C 792 -2.36 -29.51 -0.24
C LEU C 792 -1.62 -30.64 -0.97
N PHE C 793 -1.63 -31.84 -0.38
CA PHE C 793 -1.06 -33.02 -0.99
C PHE C 793 -1.64 -34.30 -0.35
N GLY C 794 -1.17 -35.45 -0.82
CA GLY C 794 -1.35 -36.74 -0.15
C GLY C 794 -2.64 -37.46 -0.57
N ALA C 795 -2.72 -38.73 -0.16
CA ALA C 795 -3.94 -39.53 -0.28
C ALA C 795 -4.97 -39.01 0.71
N GLN C 796 -6.25 -39.05 0.30
CA GLN C 796 -7.38 -38.51 1.06
C GLN C 796 -8.03 -39.61 1.89
N ALA C 797 -8.77 -39.18 2.93
CA ALA C 797 -9.14 -39.99 4.08
C ALA C 797 -9.82 -41.29 3.65
N HIS C 798 -10.61 -41.25 2.57
CA HIS C 798 -11.36 -42.41 2.12
C HIS C 798 -10.44 -43.49 1.55
N GLU C 799 -9.36 -43.07 0.88
CA GLU C 799 -8.52 -44.03 0.18
C GLU C 799 -7.68 -44.92 1.11
N ILE C 800 -7.42 -44.45 2.35
CA ILE C 800 -6.31 -44.98 3.17
C ILE C 800 -6.36 -46.51 3.19
N ALA C 801 -7.56 -47.06 3.46
CA ALA C 801 -7.75 -48.50 3.62
C ALA C 801 -7.47 -49.20 2.29
N GLY C 802 -7.93 -48.59 1.18
CA GLY C 802 -7.52 -48.99 -0.16
C GLY C 802 -6.00 -49.17 -0.27
N LEU C 803 -5.24 -48.16 0.17
CA LEU C 803 -3.80 -48.09 -0.05
C LEU C 803 -3.07 -49.01 0.91
N ARG C 804 -3.67 -49.23 2.08
CA ARG C 804 -3.11 -50.16 3.04
C ARG C 804 -3.37 -51.58 2.56
N LYS C 805 -4.55 -51.77 1.95
CA LYS C 805 -4.89 -53.06 1.35
C LYS C 805 -3.86 -53.37 0.27
N GLU C 806 -3.54 -52.34 -0.53
CA GLU C 806 -2.51 -52.36 -1.57
C GLU C 806 -1.17 -52.80 -0.98
N ARG C 807 -0.82 -52.29 0.20
CA ARG C 807 0.41 -52.69 0.87
C ARG C 807 0.32 -54.15 1.31
N ALA C 808 -0.85 -54.51 1.86
CA ALA C 808 -1.13 -55.84 2.41
C ALA C 808 -1.04 -56.93 1.33
N ASP C 809 -1.42 -56.58 0.08
CA ASP C 809 -1.35 -57.48 -1.06
C ASP C 809 0.03 -57.42 -1.72
N GLY C 810 0.67 -56.24 -1.70
CA GLY C 810 2.01 -56.01 -2.22
C GLY C 810 1.96 -55.41 -3.62
N LYS C 811 1.35 -54.21 -3.74
CA LYS C 811 1.14 -53.49 -5.00
C LYS C 811 1.75 -52.09 -4.93
N PHE C 812 2.02 -51.61 -3.71
CA PHE C 812 2.61 -50.29 -3.56
C PHE C 812 4.04 -50.36 -4.09
N VAL C 813 4.23 -49.76 -5.25
CA VAL C 813 5.58 -49.53 -5.77
C VAL C 813 6.08 -48.22 -5.16
N PRO C 814 7.12 -48.24 -4.29
CA PRO C 814 7.67 -46.98 -3.75
C PRO C 814 8.34 -46.08 -4.79
N ASP C 815 8.45 -44.79 -4.49
CA ASP C 815 9.14 -43.86 -5.37
C ASP C 815 10.63 -43.92 -5.09
N GLU C 816 11.44 -43.83 -6.17
CA GLU C 816 12.89 -44.02 -6.15
C GLU C 816 13.53 -42.97 -5.26
N ARG C 817 12.83 -41.83 -5.13
CA ARG C 817 13.28 -40.74 -4.27
C ARG C 817 13.15 -41.17 -2.80
N PHE C 818 12.09 -41.94 -2.51
CA PHE C 818 11.91 -42.48 -1.16
C PHE C 818 13.07 -43.42 -0.84
N GLU C 819 13.30 -44.38 -1.73
CA GLU C 819 14.39 -45.34 -1.61
C GLU C 819 15.73 -44.65 -1.37
N GLU C 820 16.02 -43.60 -2.17
CA GLU C 820 17.20 -42.76 -1.99
C GLU C 820 17.39 -42.39 -0.52
N VAL C 821 16.41 -41.65 0.04
CA VAL C 821 16.53 -41.09 1.38
C VAL C 821 17.00 -42.16 2.38
N LYS C 822 16.31 -43.32 2.36
CA LYS C 822 16.52 -44.40 3.32
C LYS C 822 17.98 -44.86 3.25
N GLU C 823 18.46 -45.06 2.02
CA GLU C 823 19.81 -45.54 1.81
C GLU C 823 20.81 -44.51 2.35
N PHE C 824 20.54 -43.24 2.03
CA PHE C 824 21.42 -42.13 2.38
C PHE C 824 21.60 -42.05 3.90
N VAL C 825 20.50 -42.31 4.63
CA VAL C 825 20.54 -42.37 6.09
C VAL C 825 21.33 -43.60 6.53
N ARG C 826 20.95 -44.78 5.99
CA ARG C 826 21.65 -46.02 6.29
C ARG C 826 23.16 -45.80 6.22
N SER C 827 23.62 -45.10 5.18
CA SER C 827 25.05 -44.85 4.99
C SER C 827 25.70 -44.28 6.27
N GLY C 828 24.85 -43.74 7.17
CA GLY C 828 25.29 -43.24 8.46
C GLY C 828 25.80 -41.81 8.35
N ALA C 829 25.13 -41.04 7.47
CA ALA C 829 25.46 -39.66 7.16
C ALA C 829 25.33 -38.81 8.42
N PHE C 830 24.37 -39.20 9.25
CA PHE C 830 24.07 -38.52 10.49
C PHE C 830 24.85 -39.19 11.62
N GLY C 831 25.56 -40.27 11.29
CA GLY C 831 26.72 -40.71 12.04
C GLY C 831 26.50 -42.02 12.78
N SER C 832 26.93 -42.01 14.05
CA SER C 832 27.14 -43.21 14.87
C SER C 832 25.84 -43.85 15.35
N TYR C 833 24.79 -43.05 15.54
CA TYR C 833 23.51 -43.62 15.91
C TYR C 833 22.97 -44.44 14.74
N ASN C 834 22.60 -45.69 15.04
CA ASN C 834 22.06 -46.58 14.02
C ASN C 834 20.54 -46.43 13.98
N TYR C 835 19.99 -46.34 12.75
CA TYR C 835 18.58 -46.05 12.54
C TYR C 835 17.74 -47.21 11.98
N ASP C 836 18.34 -48.39 11.74
CA ASP C 836 17.66 -49.46 11.02
C ASP C 836 16.28 -49.72 11.61
N ASP C 837 16.15 -49.54 12.93
CA ASP C 837 14.89 -49.63 13.67
C ASP C 837 13.80 -48.69 13.11
N LEU C 838 14.21 -47.45 12.81
CA LEU C 838 13.30 -46.38 12.45
C LEU C 838 12.71 -46.64 11.06
N ILE C 839 13.57 -46.93 10.07
CA ILE C 839 13.10 -47.36 8.76
C ILE C 839 12.33 -48.67 8.92
N GLY C 840 12.82 -49.52 9.83
CA GLY C 840 12.20 -50.77 10.23
C GLY C 840 10.67 -50.66 10.30
N SER C 841 10.17 -49.57 10.88
CA SER C 841 8.74 -49.37 11.01
C SER C 841 8.03 -49.32 9.66
N LEU C 842 8.70 -48.68 8.68
CA LEU C 842 8.04 -48.36 7.43
C LEU C 842 8.04 -49.57 6.49
N GLU C 843 9.09 -50.42 6.58
CA GLU C 843 9.32 -51.48 5.61
C GLU C 843 8.54 -52.74 5.97
N GLY C 844 8.40 -53.64 4.97
CA GLY C 844 7.58 -54.84 5.10
C GLY C 844 6.13 -54.57 4.73
N ASN C 845 5.39 -55.63 4.38
CA ASN C 845 4.03 -55.45 3.91
C ASN C 845 3.04 -55.80 5.03
N GLU C 846 3.46 -56.76 5.87
CA GLU C 846 2.69 -57.23 7.00
C GLU C 846 3.36 -56.73 8.28
N GLY C 847 2.59 -56.74 9.38
CA GLY C 847 3.19 -56.69 10.71
C GLY C 847 2.68 -55.57 11.62
N PHE C 848 2.92 -55.79 12.93
CA PHE C 848 2.60 -54.86 14.00
C PHE C 848 3.31 -53.51 13.77
N GLY C 849 4.64 -53.54 13.73
CA GLY C 849 5.43 -52.32 13.62
C GLY C 849 5.83 -52.03 12.18
N ARG C 850 5.75 -53.04 11.31
CA ARG C 850 6.15 -52.92 9.92
C ARG C 850 5.00 -52.32 9.10
N ALA C 851 5.29 -52.04 7.82
CA ALA C 851 4.27 -51.86 6.79
C ALA C 851 3.90 -50.37 6.58
N ASP C 852 4.52 -49.47 7.37
CA ASP C 852 4.25 -48.05 7.24
C ASP C 852 2.72 -47.84 7.25
N TYR C 853 2.13 -48.09 8.42
CA TYR C 853 0.70 -47.95 8.64
C TYR C 853 0.24 -46.58 8.13
N PHE C 854 1.11 -45.55 8.28
CA PHE C 854 0.73 -44.15 8.14
C PHE C 854 1.12 -43.56 6.79
N LEU C 855 1.51 -44.43 5.84
CA LEU C 855 1.63 -44.10 4.43
C LEU C 855 2.59 -42.93 4.18
N VAL C 856 3.74 -42.96 4.88
CA VAL C 856 4.79 -41.98 4.67
C VAL C 856 5.32 -42.13 3.24
N GLY C 857 5.80 -43.34 2.93
CA GLY C 857 6.33 -43.68 1.62
C GLY C 857 5.39 -43.33 0.46
N LYS C 858 4.08 -43.46 0.69
CA LYS C 858 3.08 -43.28 -0.35
C LYS C 858 2.76 -41.81 -0.55
N ASP C 859 2.73 -41.04 0.54
CA ASP C 859 2.40 -39.63 0.42
C ASP C 859 3.64 -38.86 -0.01
N PHE C 860 4.81 -39.36 0.40
CA PHE C 860 6.11 -38.71 0.23
C PHE C 860 6.27 -37.99 -1.11
N PRO C 861 5.99 -38.62 -2.27
CA PRO C 861 6.25 -38.00 -3.58
C PRO C 861 5.53 -36.67 -3.77
N SER C 862 4.20 -36.69 -3.63
CA SER C 862 3.41 -35.47 -3.72
C SER C 862 3.86 -34.45 -2.67
N TYR C 863 4.30 -34.96 -1.51
CA TYR C 863 4.76 -34.07 -0.46
C TYR C 863 5.90 -33.21 -1.02
N ILE C 864 7.01 -33.85 -1.34
CA ILE C 864 8.22 -33.12 -1.68
C ILE C 864 7.96 -32.22 -2.90
N GLU C 865 7.07 -32.67 -3.79
CA GLU C 865 6.76 -31.93 -4.98
C GLU C 865 5.97 -30.68 -4.61
N CYS C 866 5.07 -30.85 -3.63
CA CYS C 866 4.35 -29.72 -3.06
C CYS C 866 5.36 -28.74 -2.46
N GLN C 867 6.38 -29.27 -1.77
CA GLN C 867 7.38 -28.44 -1.12
C GLN C 867 8.14 -27.62 -2.17
N GLU C 868 8.24 -28.19 -3.38
CA GLU C 868 8.81 -27.48 -4.51
C GLU C 868 7.94 -26.28 -4.87
N LYS C 869 6.62 -26.47 -4.82
CA LYS C 869 5.68 -25.40 -5.15
C LYS C 869 5.70 -24.29 -4.11
N VAL C 870 6.16 -24.61 -2.88
CA VAL C 870 6.31 -23.59 -1.86
C VAL C 870 7.58 -22.78 -2.16
N ASP C 871 8.69 -23.48 -2.46
CA ASP C 871 9.93 -22.84 -2.88
C ASP C 871 9.58 -21.79 -3.94
N GLU C 872 8.87 -22.27 -4.95
CA GLU C 872 8.44 -21.52 -6.13
C GLU C 872 7.56 -20.34 -5.73
N ALA C 873 6.60 -20.57 -4.83
CA ALA C 873 5.68 -19.53 -4.42
C ALA C 873 6.45 -18.46 -3.64
N TYR C 874 7.36 -18.92 -2.78
CA TYR C 874 8.11 -18.05 -1.90
C TYR C 874 8.97 -17.07 -2.70
N ARG C 875 9.47 -17.52 -3.86
CA ARG C 875 10.28 -16.69 -4.76
C ARG C 875 9.45 -15.51 -5.27
N ASP C 876 8.17 -15.76 -5.57
CA ASP C 876 7.28 -14.70 -6.01
C ASP C 876 6.64 -14.02 -4.80
N GLN C 877 7.39 -13.09 -4.19
CA GLN C 877 7.07 -12.49 -2.89
C GLN C 877 5.79 -11.65 -2.93
N LYS C 878 5.42 -11.14 -4.11
CA LYS C 878 4.18 -10.40 -4.27
C LYS C 878 3.03 -11.40 -4.12
N ARG C 879 3.16 -12.56 -4.80
CA ARG C 879 2.17 -13.63 -4.73
C ARG C 879 2.15 -14.18 -3.30
N TRP C 880 3.32 -14.65 -2.83
CA TRP C 880 3.44 -15.22 -1.50
C TRP C 880 2.70 -14.37 -0.49
N THR C 881 3.11 -13.11 -0.37
CA THR C 881 2.60 -12.17 0.61
C THR C 881 1.10 -11.98 0.48
N THR C 882 0.57 -12.13 -0.74
CA THR C 882 -0.87 -12.02 -0.96
C THR C 882 -1.55 -13.20 -0.27
N MET C 883 -1.00 -14.40 -0.50
CA MET C 883 -1.48 -15.62 0.11
C MET C 883 -1.47 -15.47 1.62
N SER C 884 -0.34 -15.00 2.17
CA SER C 884 -0.20 -14.74 3.58
C SER C 884 -1.37 -13.92 4.10
N ILE C 885 -1.67 -12.82 3.40
CA ILE C 885 -2.68 -11.87 3.85
C ILE C 885 -4.06 -12.51 3.74
N LEU C 886 -4.22 -13.42 2.76
CA LEU C 886 -5.51 -14.06 2.54
C LEU C 886 -5.80 -15.11 3.61
N ASN C 887 -4.74 -15.75 4.14
CA ASN C 887 -4.86 -16.68 5.25
C ASN C 887 -5.47 -15.97 6.47
N THR C 888 -4.89 -14.83 6.82
CA THR C 888 -5.39 -14.01 7.91
C THR C 888 -6.83 -13.54 7.64
N ALA C 889 -7.07 -13.04 6.42
CA ALA C 889 -8.38 -12.49 6.08
C ALA C 889 -9.43 -13.60 5.99
N GLY C 890 -8.99 -14.86 6.08
CA GLY C 890 -9.86 -16.03 5.97
C GLY C 890 -10.04 -16.74 7.32
N SER C 891 -9.24 -16.34 8.31
CA SER C 891 -9.14 -17.06 9.57
C SER C 891 -10.25 -16.71 10.55
N TYR C 892 -11.15 -15.79 10.17
CA TYR C 892 -12.07 -15.19 11.13
C TYR C 892 -12.98 -16.27 11.70
N LYS C 893 -13.45 -17.17 10.83
CA LYS C 893 -14.40 -18.18 11.24
C LYS C 893 -13.79 -19.05 12.33
N PHE C 894 -12.47 -18.94 12.50
CA PHE C 894 -11.78 -19.84 13.43
C PHE C 894 -11.47 -19.13 14.74
N SER C 895 -12.20 -18.05 15.04
CA SER C 895 -12.18 -17.47 16.37
C SER C 895 -13.04 -18.33 17.29
N SER C 896 -12.48 -18.70 18.45
CA SER C 896 -13.20 -19.52 19.41
C SER C 896 -14.47 -18.83 19.88
N ASP C 897 -14.55 -17.50 19.66
CA ASP C 897 -15.71 -16.68 19.98
C ASP C 897 -16.95 -17.18 19.23
N ARG C 898 -16.75 -17.56 17.96
CA ARG C 898 -17.80 -18.14 17.13
C ARG C 898 -18.18 -19.52 17.65
N THR C 899 -17.20 -20.28 18.15
CA THR C 899 -17.41 -21.62 18.64
C THR C 899 -18.26 -21.57 19.91
N ILE C 900 -17.91 -20.66 20.81
CA ILE C 900 -18.55 -20.58 22.11
C ILE C 900 -20.00 -20.08 21.98
N HIS C 901 -20.22 -19.11 21.09
CA HIS C 901 -21.57 -18.66 20.78
C HIS C 901 -22.43 -19.86 20.41
N GLU C 902 -21.86 -20.78 19.63
CA GLU C 902 -22.56 -21.93 19.09
C GLU C 902 -22.86 -22.96 20.18
N TYR C 903 -21.83 -23.32 20.96
CA TYR C 903 -22.05 -24.14 22.14
C TYR C 903 -23.17 -23.50 22.97
N ALA C 904 -23.00 -22.19 23.27
CA ALA C 904 -23.83 -21.47 24.22
C ALA C 904 -25.29 -21.39 23.79
N LYS C 905 -25.53 -21.29 22.48
CA LYS C 905 -26.89 -21.14 21.97
C LYS C 905 -27.50 -22.51 21.72
N ASP C 906 -26.70 -23.45 21.21
CA ASP C 906 -27.26 -24.67 20.64
C ASP C 906 -27.23 -25.85 21.61
N ILE C 907 -26.39 -25.78 22.65
CA ILE C 907 -26.27 -26.90 23.57
C ILE C 907 -26.67 -26.43 24.97
N TRP C 908 -26.01 -25.36 25.44
CA TRP C 908 -26.07 -24.94 26.83
C TRP C 908 -27.30 -24.07 27.10
N ASN C 909 -27.79 -23.36 26.07
CA ASN C 909 -28.90 -22.42 26.25
C ASN C 909 -28.56 -21.48 27.41
N ILE C 910 -27.32 -20.95 27.40
CA ILE C 910 -26.94 -19.89 28.32
C ILE C 910 -26.94 -18.57 27.57
N GLU C 911 -27.25 -17.49 28.28
CA GLU C 911 -27.27 -16.15 27.72
C GLU C 911 -26.18 -15.36 28.41
N ALA C 912 -25.74 -14.26 27.77
CA ALA C 912 -24.70 -13.42 28.31
C ALA C 912 -25.22 -12.57 29.48
N VAL C 913 -24.41 -12.49 30.54
CA VAL C 913 -24.69 -11.63 31.67
C VAL C 913 -23.66 -10.51 31.68
N GLU C 914 -24.15 -9.26 31.59
CA GLU C 914 -23.29 -8.08 31.58
C GLU C 914 -23.05 -7.62 33.02
N ILE C 915 -21.79 -7.29 33.31
CA ILE C 915 -21.39 -6.90 34.66
C ILE C 915 -21.14 -5.40 34.62
N ALA C 916 -21.94 -4.65 35.39
CA ALA C 916 -21.86 -3.19 35.46
C ALA C 916 -20.53 -2.72 36.09
C1 GLC D . -22.56 -0.13 -26.64
C2 GLC D . -23.56 -1.26 -27.02
C3 GLC D . -23.00 -2.34 -27.98
C4 GLC D . -22.02 -1.82 -29.04
C5 GLC D . -21.06 -0.78 -28.49
C6 GLC D . -20.19 -0.19 -29.60
O1 GLC D . -21.76 -0.46 -25.47
O2 GLC D . -24.07 -1.91 -25.85
O3 GLC D . -24.10 -2.93 -28.68
O4 GLC D . -21.26 -2.91 -29.55
O5 GLC D . -21.75 0.28 -27.79
O6 GLC D . -20.74 -0.58 -30.86
C1 GOL E . 1.99 12.46 -15.02
O1 GOL E . 2.46 13.46 -15.92
C2 GOL E . 0.65 12.85 -14.42
O2 GOL E . 0.09 11.77 -13.68
C3 GOL E . 0.69 14.11 -13.58
O3 GOL E . 1.96 14.35 -13.00
C1 GOL F . 8.13 -14.16 -35.12
O1 GOL F . 7.49 -12.98 -35.58
C2 GOL F . 9.43 -13.78 -34.47
O2 GOL F . 10.38 -14.85 -34.57
C3 GOL F . 9.98 -12.52 -35.09
O3 GOL F . 11.28 -12.19 -34.61
C1 GOL G . -26.21 13.01 -19.81
O1 GOL G . -25.25 12.34 -18.99
C2 GOL G . -27.31 13.75 -19.04
O2 GOL G . -28.58 13.14 -19.30
C3 GOL G . -27.13 13.91 -17.54
O3 GOL G . -25.79 13.68 -17.08
C1 GLC H . 21.83 32.47 7.90
C2 GLC H . 22.66 33.76 8.17
C3 GLC H . 24.02 33.91 7.45
C4 GLC H . 24.71 32.64 6.91
C5 GLC H . 23.75 31.55 6.48
C6 GLC H . 24.54 30.25 6.27
O1 GLC H . 20.63 32.75 7.13
O2 GLC H . 21.87 34.93 7.91
O3 GLC H . 24.90 34.52 8.41
O4 GLC H . 25.47 32.94 5.73
O5 GLC H . 22.62 31.36 7.37
O6 GLC H . 25.50 30.05 7.33
C1 GOL I . 6.06 17.25 -11.07
O1 GOL I . 5.56 17.32 -9.75
C2 GOL I . 5.66 15.94 -11.73
O2 GOL I . 6.56 14.91 -11.35
C3 GOL I . 4.26 15.51 -11.37
O3 GOL I . 4.19 15.05 -10.02
C1 GOL J . 33.43 -5.34 6.26
O1 GOL J . 33.94 -5.92 7.45
C2 GOL J . 32.70 -4.04 6.51
O2 GOL J . 31.31 -4.27 6.65
C3 GOL J . 33.22 -3.25 7.70
O3 GOL J . 33.45 -4.08 8.82
C1 GLC K . -7.16 -34.19 19.56
C2 GLC K . -7.02 -34.20 18.03
C3 GLC K . -7.17 -32.81 17.39
C4 GLC K . -8.10 -31.81 18.08
C5 GLC K . -8.04 -31.91 19.58
C6 GLC K . -9.09 -30.99 20.19
O1 GLC K . -5.86 -33.96 20.18
O2 GLC K . -5.73 -34.73 17.67
O3 GLC K . -7.65 -33.04 16.06
O4 GLC K . -7.65 -30.49 17.80
O5 GLC K . -8.19 -33.27 19.98
O6 GLC K . -10.33 -31.07 19.48
C1 GOL L . -1.91 0.26 27.80
O1 GOL L . -2.75 1.21 28.44
C2 GOL L . -1.85 0.49 26.31
O2 GOL L . -2.97 -0.15 25.71
C3 GOL L . -1.85 1.96 25.95
O3 GOL L . -0.80 2.62 26.64
C1 GOL M . -24.40 -49.43 57.36
O1 GOL M . -23.25 -48.81 57.95
C2 GOL M . -25.19 -48.47 56.49
O2 GOL M . -25.89 -49.21 55.49
C3 GOL M . -26.14 -47.57 57.27
O3 GOL M . -26.97 -46.82 56.40
C1 GOL N . -28.59 -55.68 53.36
O1 GOL N . -28.87 -55.74 54.76
C2 GOL N . -28.00 -54.34 53.02
O2 GOL N . -26.68 -54.28 53.56
C3 GOL N . -27.96 -54.09 51.54
O3 GOL N . -27.45 -55.21 50.83
C1 GOL O . -35.75 -17.84 38.50
O1 GOL O . -34.34 -17.76 38.26
C2 GOL O . -36.05 -17.94 39.98
O2 GOL O . -34.97 -18.55 40.66
C3 GOL O . -36.43 -16.61 40.59
O3 GOL O . -35.30 -15.89 41.07
#